data_1GPR
# 
_entry.id   1GPR 
# 
_audit_conform.dict_name       mmcif_pdbx.dic 
_audit_conform.dict_version    5.385 
_audit_conform.dict_location   http://mmcif.pdb.org/dictionaries/ascii/mmcif_pdbx.dic 
# 
loop_
_database_2.database_id 
_database_2.database_code 
_database_2.pdbx_database_accession 
_database_2.pdbx_DOI 
PDB   1GPR         pdb_00001gpr 10.2210/pdb1gpr/pdb 
WWPDB D_1000173662 ?            ?                   
# 
loop_
_pdbx_audit_revision_history.ordinal 
_pdbx_audit_revision_history.data_content_type 
_pdbx_audit_revision_history.major_revision 
_pdbx_audit_revision_history.minor_revision 
_pdbx_audit_revision_history.revision_date 
1 'Structure model' 1 0 1993-10-31 
2 'Structure model' 1 1 2008-03-24 
3 'Structure model' 1 2 2011-07-13 
4 'Structure model' 1 3 2024-02-07 
# 
_pdbx_audit_revision_details.ordinal             1 
_pdbx_audit_revision_details.revision_ordinal    1 
_pdbx_audit_revision_details.data_content_type   'Structure model' 
_pdbx_audit_revision_details.provider            repository 
_pdbx_audit_revision_details.type                'Initial release' 
_pdbx_audit_revision_details.description         ? 
_pdbx_audit_revision_details.details             ? 
# 
loop_
_pdbx_audit_revision_group.ordinal 
_pdbx_audit_revision_group.revision_ordinal 
_pdbx_audit_revision_group.data_content_type 
_pdbx_audit_revision_group.group 
1 2 'Structure model' 'Version format compliance' 
2 3 'Structure model' 'Version format compliance' 
3 4 'Structure model' 'Data collection'           
4 4 'Structure model' 'Database references'       
5 4 'Structure model' Other                       
# 
loop_
_pdbx_audit_revision_category.ordinal 
_pdbx_audit_revision_category.revision_ordinal 
_pdbx_audit_revision_category.data_content_type 
_pdbx_audit_revision_category.category 
1 4 'Structure model' chem_comp_atom       
2 4 'Structure model' chem_comp_bond       
3 4 'Structure model' database_2           
4 4 'Structure model' pdbx_database_status 
# 
loop_
_pdbx_audit_revision_item.ordinal 
_pdbx_audit_revision_item.revision_ordinal 
_pdbx_audit_revision_item.data_content_type 
_pdbx_audit_revision_item.item 
1 4 'Structure model' '_database_2.pdbx_DOI'                
2 4 'Structure model' '_database_2.pdbx_database_accession' 
3 4 'Structure model' '_pdbx_database_status.process_site'  
# 
_pdbx_database_status.status_code                     REL 
_pdbx_database_status.entry_id                        1GPR 
_pdbx_database_status.recvd_initial_deposition_date   1991-09-25 
_pdbx_database_status.deposit_site                    ? 
_pdbx_database_status.process_site                    BNL 
_pdbx_database_status.SG_entry                        . 
_pdbx_database_status.pdb_format_compatible           Y 
_pdbx_database_status.status_code_mr                  ? 
_pdbx_database_status.status_code_sf                  ? 
_pdbx_database_status.status_code_cs                  ? 
_pdbx_database_status.status_code_nmr_data            ? 
_pdbx_database_status.methods_development_category    ? 
# 
loop_
_audit_author.name 
_audit_author.pdbx_ordinal 
'Liao, D.-I.'  1 
'Herzberg, O.' 2 
# 
loop_
_citation.id 
_citation.title 
_citation.journal_abbrev 
_citation.journal_volume 
_citation.page_first 
_citation.page_last 
_citation.year 
_citation.journal_id_ASTM 
_citation.country 
_citation.journal_id_ISSN 
_citation.journal_id_CSD 
_citation.book_publisher 
_citation.pdbx_database_id_PubMed 
_citation.pdbx_database_id_DOI 
primary 'An atomic model for protein-protein phosphoryl group transfer.'                                       J.Biol.Chem. 267 
24819 24823 1992 JBCHA3 US 0021-9258 0071 ? 1447219 ? 
1       'Structure of the Iia Domain of the Glucose Permease of Bacillus Subtilis at 2.2 Angstroms Resolution' Biochemistry 30  
9583  ?     1991 BICHAW US 0006-2960 0033 ? ?       ? 
2       'Crystallization of the Iia Domain of the Glucose Permease of Bacillus Subtilis'                       J.Mol.Biol. 221 
1079  ?     1991 JMOBAK UK 0022-2836 0070 ? ?       ? 
3       'Three-Dimensional Structure of the Escherichia Coli Phosphocarrier Protein IIIGlc'                    
Proc.Natl.Acad.Sci.USA 88  10382 ?     1991 PNASA6 US 0027-8424 0040 ? ?       ? 
# 
loop_
_citation_author.citation_id 
_citation_author.name 
_citation_author.ordinal 
_citation_author.identifier_ORCID 
primary 'Herzberg, O.'       1  ? 
1       'Liao, D.-I.'        2  ? 
1       'Kapadia, G.'        3  ? 
1       'Reddy, P.'          4  ? 
1       'Saier Junior, M.H.' 5  ? 
1       'Reizer, J.'         6  ? 
1       'Herzberg, O.'       7  ? 
2       'Kapadia, G.'        8  ? 
2       'Chen, C.C.H.'       9  ? 
2       'Reddy, P.'          10 ? 
2       'Saier Junior, M.H.' 11 ? 
2       'Reizer, J.'         12 ? 
2       'Herzberg, O.'       13 ? 
3       'Worthylake, D.'     14 ? 
3       'Meadow, N.D.'       15 ? 
3       'Roseman, S.'        16 ? 
3       'Liao, D.-I.'        17 ? 
3       'Herzberg, O.'       18 ? 
3       'Remington, S.J.'    19 ? 
# 
loop_
_entity.id 
_entity.type 
_entity.src_method 
_entity.pdbx_description 
_entity.formula_weight 
_entity.pdbx_number_of_molecules 
_entity.pdbx_ec 
_entity.pdbx_mutation 
_entity.pdbx_fragment 
_entity.details 
1 polymer man 'GLUCOSE PERMEASE' 17396.787 1   2.7.1.69 ? ? ? 
2 water   nat water              18.015    100 ?        ? ? ? 
# 
_entity_poly.entity_id                      1 
_entity_poly.type                           'polypeptide(L)' 
_entity_poly.nstd_linkage                   no 
_entity_poly.nstd_monomer                   no 
_entity_poly.pdbx_seq_one_letter_code       
;MIAEPLQNEIGEEVFVSPITGEIHPITDVPDQVFSGKMMGDGFAILPSEGIVVSPVRGKILNVFPTKHAIGLQSDGGREI
LIHFGIDTVSLKGEGFTSFVSEGDRVEPGQKLLEVDLDAVKPNVPSLMTPIVFTNLAEGETVSIKASGSVNREQEDIVKI
EK
;
_entity_poly.pdbx_seq_one_letter_code_can   
;MIAEPLQNEIGEEVFVSPITGEIHPITDVPDQVFSGKMMGDGFAILPSEGIVVSPVRGKILNVFPTKHAIGLQSDGGREI
LIHFGIDTVSLKGEGFTSFVSEGDRVEPGQKLLEVDLDAVKPNVPSLMTPIVFTNLAEGETVSIKASGSVNREQEDIVKI
EK
;
_entity_poly.pdbx_strand_id                 A 
_entity_poly.pdbx_target_identifier         ? 
# 
_pdbx_entity_nonpoly.entity_id   2 
_pdbx_entity_nonpoly.name        water 
_pdbx_entity_nonpoly.comp_id     HOH 
# 
loop_
_entity_poly_seq.entity_id 
_entity_poly_seq.num 
_entity_poly_seq.mon_id 
_entity_poly_seq.hetero 
1 1   MET n 
1 2   ILE n 
1 3   ALA n 
1 4   GLU n 
1 5   PRO n 
1 6   LEU n 
1 7   GLN n 
1 8   ASN n 
1 9   GLU n 
1 10  ILE n 
1 11  GLY n 
1 12  GLU n 
1 13  GLU n 
1 14  VAL n 
1 15  PHE n 
1 16  VAL n 
1 17  SER n 
1 18  PRO n 
1 19  ILE n 
1 20  THR n 
1 21  GLY n 
1 22  GLU n 
1 23  ILE n 
1 24  HIS n 
1 25  PRO n 
1 26  ILE n 
1 27  THR n 
1 28  ASP n 
1 29  VAL n 
1 30  PRO n 
1 31  ASP n 
1 32  GLN n 
1 33  VAL n 
1 34  PHE n 
1 35  SER n 
1 36  GLY n 
1 37  LYS n 
1 38  MET n 
1 39  MET n 
1 40  GLY n 
1 41  ASP n 
1 42  GLY n 
1 43  PHE n 
1 44  ALA n 
1 45  ILE n 
1 46  LEU n 
1 47  PRO n 
1 48  SER n 
1 49  GLU n 
1 50  GLY n 
1 51  ILE n 
1 52  VAL n 
1 53  VAL n 
1 54  SER n 
1 55  PRO n 
1 56  VAL n 
1 57  ARG n 
1 58  GLY n 
1 59  LYS n 
1 60  ILE n 
1 61  LEU n 
1 62  ASN n 
1 63  VAL n 
1 64  PHE n 
1 65  PRO n 
1 66  THR n 
1 67  LYS n 
1 68  HIS n 
1 69  ALA n 
1 70  ILE n 
1 71  GLY n 
1 72  LEU n 
1 73  GLN n 
1 74  SER n 
1 75  ASP n 
1 76  GLY n 
1 77  GLY n 
1 78  ARG n 
1 79  GLU n 
1 80  ILE n 
1 81  LEU n 
1 82  ILE n 
1 83  HIS n 
1 84  PHE n 
1 85  GLY n 
1 86  ILE n 
1 87  ASP n 
1 88  THR n 
1 89  VAL n 
1 90  SER n 
1 91  LEU n 
1 92  LYS n 
1 93  GLY n 
1 94  GLU n 
1 95  GLY n 
1 96  PHE n 
1 97  THR n 
1 98  SER n 
1 99  PHE n 
1 100 VAL n 
1 101 SER n 
1 102 GLU n 
1 103 GLY n 
1 104 ASP n 
1 105 ARG n 
1 106 VAL n 
1 107 GLU n 
1 108 PRO n 
1 109 GLY n 
1 110 GLN n 
1 111 LYS n 
1 112 LEU n 
1 113 LEU n 
1 114 GLU n 
1 115 VAL n 
1 116 ASP n 
1 117 LEU n 
1 118 ASP n 
1 119 ALA n 
1 120 VAL n 
1 121 LYS n 
1 122 PRO n 
1 123 ASN n 
1 124 VAL n 
1 125 PRO n 
1 126 SER n 
1 127 LEU n 
1 128 MET n 
1 129 THR n 
1 130 PRO n 
1 131 ILE n 
1 132 VAL n 
1 133 PHE n 
1 134 THR n 
1 135 ASN n 
1 136 LEU n 
1 137 ALA n 
1 138 GLU n 
1 139 GLY n 
1 140 GLU n 
1 141 THR n 
1 142 VAL n 
1 143 SER n 
1 144 ILE n 
1 145 LYS n 
1 146 ALA n 
1 147 SER n 
1 148 GLY n 
1 149 SER n 
1 150 VAL n 
1 151 ASN n 
1 152 ARG n 
1 153 GLU n 
1 154 GLN n 
1 155 GLU n 
1 156 ASP n 
1 157 ILE n 
1 158 VAL n 
1 159 LYS n 
1 160 ILE n 
1 161 GLU n 
1 162 LYS n 
# 
_entity_src_gen.entity_id                          1 
_entity_src_gen.pdbx_src_id                        1 
_entity_src_gen.pdbx_alt_source_flag               sample 
_entity_src_gen.pdbx_seq_type                      ? 
_entity_src_gen.pdbx_beg_seq_num                   ? 
_entity_src_gen.pdbx_end_seq_num                   ? 
_entity_src_gen.gene_src_common_name               ? 
_entity_src_gen.gene_src_genus                     Bacillus 
_entity_src_gen.pdbx_gene_src_gene                 ? 
_entity_src_gen.gene_src_species                   ? 
_entity_src_gen.gene_src_strain                    ? 
_entity_src_gen.gene_src_tissue                    ? 
_entity_src_gen.gene_src_tissue_fraction           ? 
_entity_src_gen.gene_src_details                   ? 
_entity_src_gen.pdbx_gene_src_fragment             ? 
_entity_src_gen.pdbx_gene_src_scientific_name      'Bacillus subtilis' 
_entity_src_gen.pdbx_gene_src_ncbi_taxonomy_id     1423 
_entity_src_gen.pdbx_gene_src_variant              ? 
_entity_src_gen.pdbx_gene_src_cell_line            ? 
_entity_src_gen.pdbx_gene_src_atcc                 ? 
_entity_src_gen.pdbx_gene_src_organ                ? 
_entity_src_gen.pdbx_gene_src_organelle            ? 
_entity_src_gen.pdbx_gene_src_cell                 ? 
_entity_src_gen.pdbx_gene_src_cellular_location    ? 
_entity_src_gen.host_org_common_name               ? 
_entity_src_gen.pdbx_host_org_scientific_name      ? 
_entity_src_gen.pdbx_host_org_ncbi_taxonomy_id     ? 
_entity_src_gen.host_org_genus                     ? 
_entity_src_gen.pdbx_host_org_gene                 ? 
_entity_src_gen.pdbx_host_org_organ                ? 
_entity_src_gen.host_org_species                   ? 
_entity_src_gen.pdbx_host_org_tissue               ? 
_entity_src_gen.pdbx_host_org_tissue_fraction      ? 
_entity_src_gen.pdbx_host_org_strain               ? 
_entity_src_gen.pdbx_host_org_variant              ? 
_entity_src_gen.pdbx_host_org_cell_line            ? 
_entity_src_gen.pdbx_host_org_atcc                 ? 
_entity_src_gen.pdbx_host_org_culture_collection   ? 
_entity_src_gen.pdbx_host_org_cell                 ? 
_entity_src_gen.pdbx_host_org_organelle            ? 
_entity_src_gen.pdbx_host_org_cellular_location    ? 
_entity_src_gen.pdbx_host_org_vector_type          ? 
_entity_src_gen.pdbx_host_org_vector               ? 
_entity_src_gen.host_org_details                   ? 
_entity_src_gen.expression_system_id               ? 
_entity_src_gen.plasmid_name                       ? 
_entity_src_gen.plasmid_details                    ? 
_entity_src_gen.pdbx_description                   ? 
# 
loop_
_chem_comp.id 
_chem_comp.type 
_chem_comp.mon_nstd_flag 
_chem_comp.name 
_chem_comp.pdbx_synonyms 
_chem_comp.formula 
_chem_comp.formula_weight 
ALA 'L-peptide linking' y ALANINE         ? 'C3 H7 N O2'     89.093  
ARG 'L-peptide linking' y ARGININE        ? 'C6 H15 N4 O2 1' 175.209 
ASN 'L-peptide linking' y ASPARAGINE      ? 'C4 H8 N2 O3'    132.118 
ASP 'L-peptide linking' y 'ASPARTIC ACID' ? 'C4 H7 N O4'     133.103 
GLN 'L-peptide linking' y GLUTAMINE       ? 'C5 H10 N2 O3'   146.144 
GLU 'L-peptide linking' y 'GLUTAMIC ACID' ? 'C5 H9 N O4'     147.129 
GLY 'peptide linking'   y GLYCINE         ? 'C2 H5 N O2'     75.067  
HIS 'L-peptide linking' y HISTIDINE       ? 'C6 H10 N3 O2 1' 156.162 
HOH non-polymer         . WATER           ? 'H2 O'           18.015  
ILE 'L-peptide linking' y ISOLEUCINE      ? 'C6 H13 N O2'    131.173 
LEU 'L-peptide linking' y LEUCINE         ? 'C6 H13 N O2'    131.173 
LYS 'L-peptide linking' y LYSINE          ? 'C6 H15 N2 O2 1' 147.195 
MET 'L-peptide linking' y METHIONINE      ? 'C5 H11 N O2 S'  149.211 
PHE 'L-peptide linking' y PHENYLALANINE   ? 'C9 H11 N O2'    165.189 
PRO 'L-peptide linking' y PROLINE         ? 'C5 H9 N O2'     115.130 
SER 'L-peptide linking' y SERINE          ? 'C3 H7 N O3'     105.093 
THR 'L-peptide linking' y THREONINE       ? 'C4 H9 N O3'     119.119 
VAL 'L-peptide linking' y VALINE          ? 'C5 H11 N O2'    117.146 
# 
loop_
_pdbx_poly_seq_scheme.asym_id 
_pdbx_poly_seq_scheme.entity_id 
_pdbx_poly_seq_scheme.seq_id 
_pdbx_poly_seq_scheme.mon_id 
_pdbx_poly_seq_scheme.ndb_seq_num 
_pdbx_poly_seq_scheme.pdb_seq_num 
_pdbx_poly_seq_scheme.auth_seq_num 
_pdbx_poly_seq_scheme.pdb_mon_id 
_pdbx_poly_seq_scheme.auth_mon_id 
_pdbx_poly_seq_scheme.pdb_strand_id 
_pdbx_poly_seq_scheme.pdb_ins_code 
_pdbx_poly_seq_scheme.hetero 
A 1 1   MET 1   1   ?   ?   ?   A . n 
A 1 2   ILE 2   2   ?   ?   ?   A . n 
A 1 3   ALA 3   3   ?   ?   ?   A . n 
A 1 4   GLU 4   4   4   GLU GLU A . n 
A 1 5   PRO 5   5   5   PRO PRO A . n 
A 1 6   LEU 6   6   6   LEU LEU A . n 
A 1 7   GLN 7   7   7   GLN GLN A . n 
A 1 8   ASN 8   8   8   ASN ASN A . n 
A 1 9   GLU 9   9   9   GLU GLU A . n 
A 1 10  ILE 10  10  10  ILE ILE A . n 
A 1 11  GLY 11  11  11  GLY GLY A . n 
A 1 12  GLU 12  12  12  GLU GLU A . n 
A 1 13  GLU 13  13  13  GLU GLU A . n 
A 1 14  VAL 14  14  14  VAL VAL A . n 
A 1 15  PHE 15  15  15  PHE PHE A . n 
A 1 16  VAL 16  16  16  VAL VAL A . n 
A 1 17  SER 17  17  17  SER SER A . n 
A 1 18  PRO 18  18  18  PRO PRO A . n 
A 1 19  ILE 19  19  19  ILE ILE A . n 
A 1 20  THR 20  20  20  THR THR A . n 
A 1 21  GLY 21  21  21  GLY GLY A . n 
A 1 22  GLU 22  22  22  GLU GLU A . n 
A 1 23  ILE 23  23  23  ILE ILE A . n 
A 1 24  HIS 24  24  24  HIS HIS A . n 
A 1 25  PRO 25  25  25  PRO PRO A . n 
A 1 26  ILE 26  26  26  ILE ILE A . n 
A 1 27  THR 27  27  27  THR THR A . n 
A 1 28  ASP 28  28  28  ASP ASP A . n 
A 1 29  VAL 29  29  29  VAL VAL A . n 
A 1 30  PRO 30  30  30  PRO PRO A . n 
A 1 31  ASP 31  31  31  ASP ASP A . n 
A 1 32  GLN 32  32  32  GLN GLN A . n 
A 1 33  VAL 33  33  33  VAL VAL A . n 
A 1 34  PHE 34  34  34  PHE PHE A . n 
A 1 35  SER 35  35  35  SER SER A . n 
A 1 36  GLY 36  36  36  GLY GLY A . n 
A 1 37  LYS 37  37  37  LYS LYS A . n 
A 1 38  MET 38  38  38  MET MET A . n 
A 1 39  MET 39  39  39  MET MET A . n 
A 1 40  GLY 40  40  40  GLY GLY A . n 
A 1 41  ASP 41  41  41  ASP ASP A . n 
A 1 42  GLY 42  42  42  GLY GLY A . n 
A 1 43  PHE 43  43  43  PHE PHE A . n 
A 1 44  ALA 44  44  44  ALA ALA A . n 
A 1 45  ILE 45  45  45  ILE ILE A . n 
A 1 46  LEU 46  46  46  LEU LEU A . n 
A 1 47  PRO 47  47  47  PRO PRO A . n 
A 1 48  SER 48  48  48  SER SER A . n 
A 1 49  GLU 49  49  49  GLU GLU A . n 
A 1 50  GLY 50  50  50  GLY GLY A . n 
A 1 51  ILE 51  51  51  ILE ILE A . n 
A 1 52  VAL 52  52  52  VAL VAL A . n 
A 1 53  VAL 53  53  53  VAL VAL A . n 
A 1 54  SER 54  54  54  SER SER A . n 
A 1 55  PRO 55  55  55  PRO PRO A . n 
A 1 56  VAL 56  56  56  VAL VAL A . n 
A 1 57  ARG 57  57  57  ARG ARG A . n 
A 1 58  GLY 58  58  58  GLY GLY A . n 
A 1 59  LYS 59  59  59  LYS LYS A . n 
A 1 60  ILE 60  60  60  ILE ILE A . n 
A 1 61  LEU 61  61  61  LEU LEU A . n 
A 1 62  ASN 62  62  62  ASN ASN A . n 
A 1 63  VAL 63  63  63  VAL VAL A . n 
A 1 64  PHE 64  64  64  PHE PHE A . n 
A 1 65  PRO 65  65  65  PRO PRO A . n 
A 1 66  THR 66  66  66  THR THR A . n 
A 1 67  LYS 67  67  67  LYS LYS A . n 
A 1 68  HIS 68  68  68  HIS HIS A . n 
A 1 69  ALA 69  69  69  ALA ALA A . n 
A 1 70  ILE 70  70  70  ILE ILE A . n 
A 1 71  GLY 71  71  71  GLY GLY A . n 
A 1 72  LEU 72  72  72  LEU LEU A . n 
A 1 73  GLN 73  73  73  GLN GLN A . n 
A 1 74  SER 74  74  74  SER SER A . n 
A 1 75  ASP 75  75  75  ASP ASP A . n 
A 1 76  GLY 76  76  76  GLY GLY A . n 
A 1 77  GLY 77  77  77  GLY GLY A . n 
A 1 78  ARG 78  78  78  ARG ARG A . n 
A 1 79  GLU 79  79  79  GLU GLU A . n 
A 1 80  ILE 80  80  80  ILE ILE A . n 
A 1 81  LEU 81  81  81  LEU LEU A . n 
A 1 82  ILE 82  82  82  ILE ILE A . n 
A 1 83  HIS 83  83  83  HIS HIS A . n 
A 1 84  PHE 84  84  84  PHE PHE A . n 
A 1 85  GLY 85  85  85  GLY GLY A . n 
A 1 86  ILE 86  86  86  ILE ILE A . n 
A 1 87  ASP 87  87  87  ASP ASP A . n 
A 1 88  THR 88  88  88  THR THR A . n 
A 1 89  VAL 89  89  89  VAL VAL A . n 
A 1 90  SER 90  90  90  SER SER A . n 
A 1 91  LEU 91  91  91  LEU LEU A . n 
A 1 92  LYS 92  92  92  LYS LYS A . n 
A 1 93  GLY 93  93  93  GLY GLY A . n 
A 1 94  GLU 94  94  94  GLU GLU A . n 
A 1 95  GLY 95  95  95  GLY GLY A . n 
A 1 96  PHE 96  96  96  PHE PHE A . n 
A 1 97  THR 97  97  97  THR THR A . n 
A 1 98  SER 98  98  98  SER SER A . n 
A 1 99  PHE 99  99  99  PHE PHE A . n 
A 1 100 VAL 100 100 100 VAL VAL A . n 
A 1 101 SER 101 101 101 SER SER A . n 
A 1 102 GLU 102 102 102 GLU GLU A . n 
A 1 103 GLY 103 103 103 GLY GLY A . n 
A 1 104 ASP 104 104 104 ASP ASP A . n 
A 1 105 ARG 105 105 105 ARG ARG A . n 
A 1 106 VAL 106 106 106 VAL VAL A . n 
A 1 107 GLU 107 107 107 GLU GLU A . n 
A 1 108 PRO 108 108 108 PRO PRO A . n 
A 1 109 GLY 109 109 109 GLY GLY A . n 
A 1 110 GLN 110 110 110 GLN GLN A . n 
A 1 111 LYS 111 111 111 LYS LYS A . n 
A 1 112 LEU 112 112 112 LEU LEU A . n 
A 1 113 LEU 113 113 113 LEU LEU A . n 
A 1 114 GLU 114 114 114 GLU GLU A . n 
A 1 115 VAL 115 115 115 VAL VAL A . n 
A 1 116 ASP 116 116 116 ASP ASP A . n 
A 1 117 LEU 117 117 117 LEU LEU A . n 
A 1 118 ASP 118 118 118 ASP ASP A . n 
A 1 119 ALA 119 119 119 ALA ALA A . n 
A 1 120 VAL 120 120 120 VAL VAL A . n 
A 1 121 LYS 121 121 121 LYS LYS A . n 
A 1 122 PRO 122 122 122 PRO PRO A . n 
A 1 123 ASN 123 123 123 ASN ASN A . n 
A 1 124 VAL 124 124 124 VAL VAL A . n 
A 1 125 PRO 125 125 125 PRO PRO A . n 
A 1 126 SER 126 126 126 SER SER A . n 
A 1 127 LEU 127 127 127 LEU LEU A . n 
A 1 128 MET 128 128 128 MET MET A . n 
A 1 129 THR 129 129 129 THR THR A . n 
A 1 130 PRO 130 130 130 PRO PRO A . n 
A 1 131 ILE 131 131 131 ILE ILE A . n 
A 1 132 VAL 132 132 132 VAL VAL A . n 
A 1 133 PHE 133 133 133 PHE PHE A . n 
A 1 134 THR 134 134 134 THR THR A . n 
A 1 135 ASN 135 135 135 ASN ASN A . n 
A 1 136 LEU 136 136 136 LEU LEU A . n 
A 1 137 ALA 137 137 137 ALA ALA A . n 
A 1 138 GLU 138 138 138 GLU GLU A . n 
A 1 139 GLY 139 139 139 GLY GLY A . n 
A 1 140 GLU 140 140 140 GLU GLU A . n 
A 1 141 THR 141 141 141 THR THR A . n 
A 1 142 VAL 142 142 142 VAL VAL A . n 
A 1 143 SER 143 143 143 SER SER A . n 
A 1 144 ILE 144 144 144 ILE ILE A . n 
A 1 145 LYS 145 145 145 LYS LYS A . n 
A 1 146 ALA 146 146 146 ALA ALA A . n 
A 1 147 SER 147 147 147 SER SER A . n 
A 1 148 GLY 148 148 148 GLY GLY A . n 
A 1 149 SER 149 149 149 SER SER A . n 
A 1 150 VAL 150 150 150 VAL VAL A . n 
A 1 151 ASN 151 151 151 ASN ASN A . n 
A 1 152 ARG 152 152 152 ARG ARG A . n 
A 1 153 GLU 153 153 153 GLU GLU A . n 
A 1 154 GLN 154 154 154 GLN GLN A . n 
A 1 155 GLU 155 155 155 GLU GLU A . n 
A 1 156 ASP 156 156 156 ASP ASP A . n 
A 1 157 ILE 157 157 157 ILE ILE A . n 
A 1 158 VAL 158 158 158 VAL VAL A . n 
A 1 159 LYS 159 159 159 LYS LYS A . n 
A 1 160 ILE 160 160 160 ILE ILE A . n 
A 1 161 GLU 161 161 161 GLU GLU A . n 
A 1 162 LYS 162 162 ?   ?   ?   A . n 
# 
loop_
_pdbx_nonpoly_scheme.asym_id 
_pdbx_nonpoly_scheme.entity_id 
_pdbx_nonpoly_scheme.mon_id 
_pdbx_nonpoly_scheme.ndb_seq_num 
_pdbx_nonpoly_scheme.pdb_seq_num 
_pdbx_nonpoly_scheme.auth_seq_num 
_pdbx_nonpoly_scheme.pdb_mon_id 
_pdbx_nonpoly_scheme.auth_mon_id 
_pdbx_nonpoly_scheme.pdb_strand_id 
_pdbx_nonpoly_scheme.pdb_ins_code 
B 2 HOH 1   1001 1001 HOH HOH A . 
B 2 HOH 2   1002 1002 HOH HOH A . 
B 2 HOH 3   1003 1003 HOH HOH A . 
B 2 HOH 4   1004 1004 HOH HOH A . 
B 2 HOH 5   1005 1005 HOH HOH A . 
B 2 HOH 6   1006 1006 HOH HOH A . 
B 2 HOH 7   1007 1007 HOH HOH A . 
B 2 HOH 8   1008 1008 HOH HOH A . 
B 2 HOH 9   1009 1009 HOH HOH A . 
B 2 HOH 10  1010 1010 HOH HOH A . 
B 2 HOH 11  1011 1011 HOH HOH A . 
B 2 HOH 12  1012 1012 HOH HOH A . 
B 2 HOH 13  1013 1013 HOH HOH A . 
B 2 HOH 14  1014 1014 HOH HOH A . 
B 2 HOH 15  1015 1015 HOH HOH A . 
B 2 HOH 16  1016 1016 HOH HOH A . 
B 2 HOH 17  1017 1017 HOH HOH A . 
B 2 HOH 18  1018 1018 HOH HOH A . 
B 2 HOH 19  1019 1019 HOH HOH A . 
B 2 HOH 20  1020 1020 HOH HOH A . 
B 2 HOH 21  1021 1021 HOH HOH A . 
B 2 HOH 22  1022 1022 HOH HOH A . 
B 2 HOH 23  1023 1023 HOH HOH A . 
B 2 HOH 24  1024 1024 HOH HOH A . 
B 2 HOH 25  1025 1025 HOH HOH A . 
B 2 HOH 26  1026 1026 HOH HOH A . 
B 2 HOH 27  1027 1027 HOH HOH A . 
B 2 HOH 28  1028 1028 HOH HOH A . 
B 2 HOH 29  1029 1029 HOH HOH A . 
B 2 HOH 30  1030 1030 HOH HOH A . 
B 2 HOH 31  1031 1031 HOH HOH A . 
B 2 HOH 32  1032 1032 HOH HOH A . 
B 2 HOH 33  1033 1033 HOH HOH A . 
B 2 HOH 34  1034 1034 HOH HOH A . 
B 2 HOH 35  1035 1035 HOH HOH A . 
B 2 HOH 36  1036 1036 HOH HOH A . 
B 2 HOH 37  1037 1037 HOH HOH A . 
B 2 HOH 38  1038 1038 HOH HOH A . 
B 2 HOH 39  1039 1039 HOH HOH A . 
B 2 HOH 40  1040 1040 HOH HOH A . 
B 2 HOH 41  1041 1041 HOH HOH A . 
B 2 HOH 42  1042 1042 HOH HOH A . 
B 2 HOH 43  1043 1043 HOH HOH A . 
B 2 HOH 44  1044 1044 HOH HOH A . 
B 2 HOH 45  1045 1045 HOH HOH A . 
B 2 HOH 46  1046 1046 HOH HOH A . 
B 2 HOH 47  1047 1047 HOH HOH A . 
B 2 HOH 48  1048 1048 HOH HOH A . 
B 2 HOH 49  1049 1049 HOH HOH A . 
B 2 HOH 50  1050 1050 HOH HOH A . 
B 2 HOH 51  1051 1051 HOH HOH A . 
B 2 HOH 52  1052 1052 HOH HOH A . 
B 2 HOH 53  1053 1053 HOH HOH A . 
B 2 HOH 54  1054 1054 HOH HOH A . 
B 2 HOH 55  1055 1055 HOH HOH A . 
B 2 HOH 56  1056 1056 HOH HOH A . 
B 2 HOH 57  1057 1057 HOH HOH A . 
B 2 HOH 58  1058 1058 HOH HOH A . 
B 2 HOH 59  1059 1059 HOH HOH A . 
B 2 HOH 60  1060 1060 HOH HOH A . 
B 2 HOH 61  1061 1061 HOH HOH A . 
B 2 HOH 62  1062 1062 HOH HOH A . 
B 2 HOH 63  1063 1063 HOH HOH A . 
B 2 HOH 64  1064 1064 HOH HOH A . 
B 2 HOH 65  1065 1065 HOH HOH A . 
B 2 HOH 66  1066 1066 HOH HOH A . 
B 2 HOH 67  1067 1067 HOH HOH A . 
B 2 HOH 68  1068 1068 HOH HOH A . 
B 2 HOH 69  1069 1069 HOH HOH A . 
B 2 HOH 70  1070 1070 HOH HOH A . 
B 2 HOH 71  1071 1071 HOH HOH A . 
B 2 HOH 72  1072 1072 HOH HOH A . 
B 2 HOH 73  1073 1073 HOH HOH A . 
B 2 HOH 74  1074 1074 HOH HOH A . 
B 2 HOH 75  1075 1075 HOH HOH A . 
B 2 HOH 76  1076 1076 HOH HOH A . 
B 2 HOH 77  1077 1077 HOH HOH A . 
B 2 HOH 78  1078 1078 HOH HOH A . 
B 2 HOH 79  1079 1079 HOH HOH A . 
B 2 HOH 80  1080 1080 HOH HOH A . 
B 2 HOH 81  1081 1081 HOH HOH A . 
B 2 HOH 82  1082 1082 HOH HOH A . 
B 2 HOH 83  1083 1083 HOH HOH A . 
B 2 HOH 84  1084 1084 HOH HOH A . 
B 2 HOH 85  1085 1085 HOH HOH A . 
B 2 HOH 86  1086 1086 HOH HOH A . 
B 2 HOH 87  1087 1087 HOH HOH A . 
B 2 HOH 88  1088 1088 HOH HOH A . 
B 2 HOH 89  1089 1089 HOH HOH A . 
B 2 HOH 90  1090 1090 HOH HOH A . 
B 2 HOH 91  1091 1091 HOH HOH A . 
B 2 HOH 92  1092 1092 HOH HOH A . 
B 2 HOH 93  1093 1093 HOH HOH A . 
B 2 HOH 94  1094 1094 HOH HOH A . 
B 2 HOH 95  1095 1095 HOH HOH A . 
B 2 HOH 96  1096 1096 HOH HOH A . 
B 2 HOH 97  1097 1097 HOH HOH A . 
B 2 HOH 98  1098 1098 HOH HOH A . 
B 2 HOH 99  1099 1099 HOH HOH A . 
B 2 HOH 100 1100 1100 HOH HOH A . 
# 
_software.name             TNT 
_software.classification   refinement 
_software.version          . 
_software.citation_id      ? 
_software.pdbx_ordinal     1 
# 
_cell.entry_id           1GPR 
_cell.length_a           74.220 
_cell.length_b           54.940 
_cell.length_c           66.960 
_cell.angle_alpha        90.00 
_cell.angle_beta         90.00 
_cell.angle_gamma        90.00 
_cell.Z_PDB              8 
_cell.pdbx_unique_axis   ? 
# 
_symmetry.entry_id                         1GPR 
_symmetry.space_group_name_H-M             'C 2 2 21' 
_symmetry.pdbx_full_space_group_name_H-M   ? 
_symmetry.cell_setting                     ? 
_symmetry.Int_Tables_number                20 
# 
_exptl.entry_id          1GPR 
_exptl.method            'X-RAY DIFFRACTION' 
_exptl.crystals_number   ? 
# 
_exptl_crystal.id                    1 
_exptl_crystal.density_meas          ? 
_exptl_crystal.density_Matthews      1.96 
_exptl_crystal.density_percent_sol   37.26 
_exptl_crystal.description           ? 
# 
_diffrn.id                     1 
_diffrn.ambient_temp           ? 
_diffrn.ambient_temp_details   ? 
_diffrn.crystal_id             1 
# 
_diffrn_radiation.diffrn_id                        1 
_diffrn_radiation.wavelength_id                    1 
_diffrn_radiation.pdbx_monochromatic_or_laue_m_l   ? 
_diffrn_radiation.monochromator                    ? 
_diffrn_radiation.pdbx_diffrn_protocol             ? 
_diffrn_radiation.pdbx_scattering_type             x-ray 
# 
_diffrn_radiation_wavelength.id           1 
_diffrn_radiation_wavelength.wavelength   . 
_diffrn_radiation_wavelength.wt           1.0 
# 
_refine.entry_id                                 1GPR 
_refine.ls_number_reflns_obs                     ? 
_refine.ls_number_reflns_all                     ? 
_refine.pdbx_ls_sigma_I                          ? 
_refine.pdbx_ls_sigma_F                          ? 
_refine.pdbx_data_cutoff_high_absF               ? 
_refine.pdbx_data_cutoff_low_absF                ? 
_refine.pdbx_data_cutoff_high_rms_absF           ? 
_refine.ls_d_res_low                             ? 
_refine.ls_d_res_high                            1.9 
_refine.ls_percent_reflns_obs                    ? 
_refine.ls_R_factor_obs                          0.1560000 
_refine.ls_R_factor_all                          ? 
_refine.ls_R_factor_R_work                       ? 
_refine.ls_R_factor_R_free                       ? 
_refine.ls_R_factor_R_free_error                 ? 
_refine.ls_R_factor_R_free_error_details         ? 
_refine.ls_percent_reflns_R_free                 ? 
_refine.ls_number_reflns_R_free                  ? 
_refine.ls_number_parameters                     ? 
_refine.ls_number_restraints                     ? 
_refine.occupancy_min                            ? 
_refine.occupancy_max                            ? 
_refine.B_iso_mean                               ? 
_refine.aniso_B[1][1]                            ? 
_refine.aniso_B[2][2]                            ? 
_refine.aniso_B[3][3]                            ? 
_refine.aniso_B[1][2]                            ? 
_refine.aniso_B[1][3]                            ? 
_refine.aniso_B[2][3]                            ? 
_refine.solvent_model_details                    ? 
_refine.solvent_model_param_ksol                 ? 
_refine.solvent_model_param_bsol                 ? 
_refine.pdbx_ls_cross_valid_method               ? 
_refine.details                                  ? 
_refine.pdbx_starting_model                      ? 
_refine.pdbx_method_to_determine_struct          ? 
_refine.pdbx_isotropic_thermal_model             ? 
_refine.pdbx_stereochemistry_target_values       ? 
_refine.pdbx_stereochem_target_val_spec_case     ? 
_refine.pdbx_R_Free_selection_details            ? 
_refine.pdbx_overall_ESU_R                       ? 
_refine.pdbx_overall_ESU_R_Free                  ? 
_refine.overall_SU_ML                            ? 
_refine.overall_SU_B                             ? 
_refine.pdbx_refine_id                           'X-RAY DIFFRACTION' 
_refine.pdbx_diffrn_id                           1 
_refine.pdbx_TLS_residual_ADP_flag               ? 
_refine.correlation_coeff_Fo_to_Fc               ? 
_refine.correlation_coeff_Fo_to_Fc_free          ? 
_refine.pdbx_solvent_vdw_probe_radii             ? 
_refine.pdbx_solvent_ion_probe_radii             ? 
_refine.pdbx_solvent_shrinkage_radii             ? 
_refine.pdbx_overall_phase_error                 ? 
_refine.overall_SU_R_Cruickshank_DPI             ? 
_refine.pdbx_overall_SU_R_free_Cruickshank_DPI   ? 
_refine.pdbx_overall_SU_R_Blow_DPI               ? 
_refine.pdbx_overall_SU_R_free_Blow_DPI          ? 
# 
_refine_hist.pdbx_refine_id                   'X-RAY DIFFRACTION' 
_refine_hist.cycle_id                         LAST 
_refine_hist.pdbx_number_atoms_protein        1191 
_refine_hist.pdbx_number_atoms_nucleic_acid   0 
_refine_hist.pdbx_number_atoms_ligand         0 
_refine_hist.number_atoms_solvent             100 
_refine_hist.number_atoms_total               1291 
_refine_hist.d_res_high                       1.9 
_refine_hist.d_res_low                        . 
# 
loop_
_refine_ls_restr.type 
_refine_ls_restr.dev_ideal 
_refine_ls_restr.dev_ideal_target 
_refine_ls_restr.weight 
_refine_ls_restr.number 
_refine_ls_restr.pdbx_refine_id 
_refine_ls_restr.pdbx_restraint_function 
t_bond_d           0.021 ? ? ? 'X-RAY DIFFRACTION' ? 
t_angle_deg        3.4   ? ? ? 'X-RAY DIFFRACTION' ? 
t_dihedral_angle_d ?     ? ? ? 'X-RAY DIFFRACTION' ? 
t_incorr_chiral_ct ?     ? ? ? 'X-RAY DIFFRACTION' ? 
t_pseud_angle      ?     ? ? ? 'X-RAY DIFFRACTION' ? 
t_trig_c_planes    ?     ? ? ? 'X-RAY DIFFRACTION' ? 
t_gen_planes       ?     ? ? ? 'X-RAY DIFFRACTION' ? 
t_it               ?     ? ? ? 'X-RAY DIFFRACTION' ? 
t_nbd              ?     ? ? ? 'X-RAY DIFFRACTION' ? 
# 
_struct.entry_id                  1GPR 
_struct.title                     
'REFINED CRYSTAL STRUCTURE OF IIA DOMAIN OF THE GLUCOSE PERMEASE OF BACILLUS SUBTILIS AT 1.9 ANGSTROMS RESOLUTION' 
_struct.pdbx_model_details        ? 
_struct.pdbx_CASP_flag            ? 
_struct.pdbx_model_type_details   ? 
# 
_struct_keywords.entry_id        1GPR 
_struct_keywords.pdbx_keywords   PHOSPHOTRANSFERASE 
_struct_keywords.text            PHOSPHOTRANSFERASE 
# 
loop_
_struct_asym.id 
_struct_asym.pdbx_blank_PDB_chainid_flag 
_struct_asym.pdbx_modified 
_struct_asym.entity_id 
_struct_asym.details 
A N N 1 ? 
B N N 2 ? 
# 
_struct_ref.id                         1 
_struct_ref.db_name                    UNP 
_struct_ref.db_code                    PTG3C_BACSU 
_struct_ref.entity_id                  1 
_struct_ref.pdbx_db_accession          P20166 
_struct_ref.pdbx_align_begin           1 
_struct_ref.pdbx_seq_one_letter_code   
;MIAEPLQNEIGEEVFVSPITGEIHPITDVPDQVFSGKMMGDGFAILPSEGIVVSPVRGKILNVFPTKHAIGLQSDGGREI
LIHFGIDTVSLKGEGFTSFVSEGDRVEPGQKLLEVDLDAVKPNVPSLMTPIVFTNLAEGETVSIKASGSVNREQEDIVKI
EK
;
_struct_ref.pdbx_db_isoform            ? 
# 
_struct_ref_seq.align_id                      1 
_struct_ref_seq.ref_id                        1 
_struct_ref_seq.pdbx_PDB_id_code              1GPR 
_struct_ref_seq.pdbx_strand_id                A 
_struct_ref_seq.seq_align_beg                 1 
_struct_ref_seq.pdbx_seq_align_beg_ins_code   ? 
_struct_ref_seq.seq_align_end                 162 
_struct_ref_seq.pdbx_seq_align_end_ins_code   ? 
_struct_ref_seq.pdbx_db_accession             P20166 
_struct_ref_seq.db_align_beg                  1 
_struct_ref_seq.pdbx_db_align_beg_ins_code    ? 
_struct_ref_seq.db_align_end                  162 
_struct_ref_seq.pdbx_db_align_end_ins_code    ? 
_struct_ref_seq.pdbx_auth_seq_align_beg       1 
_struct_ref_seq.pdbx_auth_seq_align_end       162 
# 
_pdbx_struct_assembly.id                   1 
_pdbx_struct_assembly.details              author_defined_assembly 
_pdbx_struct_assembly.method_details       ? 
_pdbx_struct_assembly.oligomeric_details   dimeric 
_pdbx_struct_assembly.oligomeric_count     2 
# 
_pdbx_struct_assembly_gen.assembly_id       1 
_pdbx_struct_assembly_gen.oper_expression   1,2 
_pdbx_struct_assembly_gen.asym_id_list      A,B 
# 
loop_
_pdbx_struct_oper_list.id 
_pdbx_struct_oper_list.type 
_pdbx_struct_oper_list.name 
_pdbx_struct_oper_list.symmetry_operation 
_pdbx_struct_oper_list.matrix[1][1] 
_pdbx_struct_oper_list.matrix[1][2] 
_pdbx_struct_oper_list.matrix[1][3] 
_pdbx_struct_oper_list.vector[1] 
_pdbx_struct_oper_list.matrix[2][1] 
_pdbx_struct_oper_list.matrix[2][2] 
_pdbx_struct_oper_list.matrix[2][3] 
_pdbx_struct_oper_list.vector[2] 
_pdbx_struct_oper_list.matrix[3][1] 
_pdbx_struct_oper_list.matrix[3][2] 
_pdbx_struct_oper_list.matrix[3][3] 
_pdbx_struct_oper_list.vector[3] 
1 'identity operation'         1_555 x,y,z     1.0000000000  0.0000000000 0.0000000000  0.0000000000  0.0000000000 1.0000000000  0.0000000000  0.0000000000  0.0000000000  0.0000000000  1.0000000000 0.0000000000  
2 'crystal symmetry operation' 4_556 x,-y,-z+1 -0.9684852329 0.1192897359 -0.2186465472 -7.3496404876 0.1192897359 -0.5484643425 -0.8276211838 24.7628737996 -0.2186465472 -0.8276211838 0.5169495754 12.4508459083 
# 
_struct_biol.id   1 
# 
loop_
_struct_conf.conf_type_id 
_struct_conf.id 
_struct_conf.pdbx_PDB_helix_id 
_struct_conf.beg_label_comp_id 
_struct_conf.beg_label_asym_id 
_struct_conf.beg_label_seq_id 
_struct_conf.pdbx_beg_PDB_ins_code 
_struct_conf.end_label_comp_id 
_struct_conf.end_label_asym_id 
_struct_conf.end_label_seq_id 
_struct_conf.pdbx_end_PDB_ins_code 
_struct_conf.beg_auth_comp_id 
_struct_conf.beg_auth_asym_id 
_struct_conf.beg_auth_seq_id 
_struct_conf.end_auth_comp_id 
_struct_conf.end_auth_asym_id 
_struct_conf.end_auth_seq_id 
_struct_conf.pdbx_PDB_helix_class 
_struct_conf.details 
_struct_conf.pdbx_PDB_helix_length 
HELX_P HELX_P1 H1 ILE A 26  ? ASP A 28  ? ILE A 26  ASP A 28  5 ? 3 
HELX_P HELX_P2 H2 GLN A 32  ? SER A 35  ? GLN A 32  SER A 35  1 ? 4 
HELX_P HELX_P3 H3 VAL A 89  ? LEU A 91  ? VAL A 89  LEU A 91  5 ? 3 
HELX_P HELX_P4 H4 LEU A 117 ? VAL A 120 ? LEU A 117 VAL A 120 1 ? 4 
HELX_P HELX_P5 H5 LYS A 121 ? ASN A 123 ? LYS A 121 ASN A 123 5 ? 3 
# 
_struct_conf_type.id          HELX_P 
_struct_conf_type.criteria    ? 
_struct_conf_type.reference   ? 
# 
loop_
_struct_sheet.id 
_struct_sheet.type 
_struct_sheet.number_strands 
_struct_sheet.details 
S1 ? 8 ? 
S2 ? 3 ? 
S3 ? 2 ? 
# 
loop_
_struct_sheet_order.sheet_id 
_struct_sheet_order.range_id_1 
_struct_sheet_order.range_id_2 
_struct_sheet_order.offset 
_struct_sheet_order.sense 
S1 1 2 ? anti-parallel 
S1 2 3 ? anti-parallel 
S1 3 4 ? anti-parallel 
S1 4 5 ? anti-parallel 
S1 5 6 ? anti-parallel 
S1 6 7 ? anti-parallel 
S1 7 8 ? anti-parallel 
S2 1 2 ? anti-parallel 
S2 2 3 ? anti-parallel 
S3 1 2 ? anti-parallel 
# 
loop_
_struct_sheet_range.sheet_id 
_struct_sheet_range.id 
_struct_sheet_range.beg_label_comp_id 
_struct_sheet_range.beg_label_asym_id 
_struct_sheet_range.beg_label_seq_id 
_struct_sheet_range.pdbx_beg_PDB_ins_code 
_struct_sheet_range.end_label_comp_id 
_struct_sheet_range.end_label_asym_id 
_struct_sheet_range.end_label_seq_id 
_struct_sheet_range.pdbx_end_PDB_ins_code 
_struct_sheet_range.beg_auth_comp_id 
_struct_sheet_range.beg_auth_asym_id 
_struct_sheet_range.beg_auth_seq_id 
_struct_sheet_range.end_auth_comp_id 
_struct_sheet_range.end_auth_asym_id 
_struct_sheet_range.end_auth_seq_id 
S1 1 SER A 149 ? VAL A 150 ? SER A 149 VAL A 150 
S1 2 GLY A 21  ? PRO A 25  ? GLY A 21  PRO A 25  
S1 3 ASP A 41  ? PRO A 47  ? ASP A 41  PRO A 47  
S1 4 THR A 129 ? PHE A 133 ? THR A 129 PHE A 133 
S1 5 GLU A 79  ? HIS A 83  ? GLU A 79  HIS A 83  
S1 6 ALA A 69  ? SER A 74  ? ALA A 69  SER A 74  
S1 7 GLY A 58  ? VAL A 63  ? GLY A 58  VAL A 63  
S1 8 ARG A 105 ? VAL A 106 ? ARG A 105 VAL A 106 
S2 1 ILE A 51  ? VAL A 53  ? ILE A 51  VAL A 53  
S2 2 LYS A 111 ? VAL A 115 ? LYS A 111 VAL A 115 
S2 3 PHE A 96  ? SER A 98  ? PHE A 96  SER A 98  
S3 1 SER A 143 ? ILE A 144 ? SER A 143 ILE A 144 
S3 2 VAL A 158 ? LYS A 159 ? VAL A 158 LYS A 159 
# 
_pdbx_validate_close_contact.id               1 
_pdbx_validate_close_contact.PDB_model_num    1 
_pdbx_validate_close_contact.auth_atom_id_1   O 
_pdbx_validate_close_contact.auth_asym_id_1   A 
_pdbx_validate_close_contact.auth_comp_id_1   HOH 
_pdbx_validate_close_contact.auth_seq_id_1    1005 
_pdbx_validate_close_contact.PDB_ins_code_1   ? 
_pdbx_validate_close_contact.label_alt_id_1   ? 
_pdbx_validate_close_contact.auth_atom_id_2   O 
_pdbx_validate_close_contact.auth_asym_id_2   A 
_pdbx_validate_close_contact.auth_comp_id_2   HOH 
_pdbx_validate_close_contact.auth_seq_id_2    1023 
_pdbx_validate_close_contact.PDB_ins_code_2   ? 
_pdbx_validate_close_contact.label_alt_id_2   ? 
_pdbx_validate_close_contact.dist             2.14 
# 
loop_
_pdbx_validate_rmsd_bond.id 
_pdbx_validate_rmsd_bond.PDB_model_num 
_pdbx_validate_rmsd_bond.auth_atom_id_1 
_pdbx_validate_rmsd_bond.auth_asym_id_1 
_pdbx_validate_rmsd_bond.auth_comp_id_1 
_pdbx_validate_rmsd_bond.auth_seq_id_1 
_pdbx_validate_rmsd_bond.PDB_ins_code_1 
_pdbx_validate_rmsd_bond.label_alt_id_1 
_pdbx_validate_rmsd_bond.auth_atom_id_2 
_pdbx_validate_rmsd_bond.auth_asym_id_2 
_pdbx_validate_rmsd_bond.auth_comp_id_2 
_pdbx_validate_rmsd_bond.auth_seq_id_2 
_pdbx_validate_rmsd_bond.PDB_ins_code_2 
_pdbx_validate_rmsd_bond.label_alt_id_2 
_pdbx_validate_rmsd_bond.bond_value 
_pdbx_validate_rmsd_bond.bond_target_value 
_pdbx_validate_rmsd_bond.bond_deviation 
_pdbx_validate_rmsd_bond.bond_standard_deviation 
_pdbx_validate_rmsd_bond.linker_flag 
1 1 CD A GLU 13  ? ? OE1 A GLU 13  ? ? 1.327 1.252 0.075  0.011 N 
2 1 CD A GLU 13  ? ? OE2 A GLU 13  ? ? 1.183 1.252 -0.069 0.011 N 
3 1 CD A GLU 22  ? ? OE2 A GLU 22  ? ? 1.325 1.252 0.073  0.011 N 
4 1 CD A GLU 49  ? ? OE2 A GLU 49  ? ? 1.327 1.252 0.075  0.011 N 
5 1 CD A GLU 79  ? ? OE2 A GLU 79  ? ? 1.332 1.252 0.080  0.011 N 
6 1 CD A GLU 94  ? ? OE1 A GLU 94  ? ? 1.319 1.252 0.067  0.011 N 
7 1 CD A GLU 153 ? ? OE1 A GLU 153 ? ? 1.324 1.252 0.072  0.011 N 
# 
loop_
_pdbx_validate_rmsd_angle.id 
_pdbx_validate_rmsd_angle.PDB_model_num 
_pdbx_validate_rmsd_angle.auth_atom_id_1 
_pdbx_validate_rmsd_angle.auth_asym_id_1 
_pdbx_validate_rmsd_angle.auth_comp_id_1 
_pdbx_validate_rmsd_angle.auth_seq_id_1 
_pdbx_validate_rmsd_angle.PDB_ins_code_1 
_pdbx_validate_rmsd_angle.label_alt_id_1 
_pdbx_validate_rmsd_angle.auth_atom_id_2 
_pdbx_validate_rmsd_angle.auth_asym_id_2 
_pdbx_validate_rmsd_angle.auth_comp_id_2 
_pdbx_validate_rmsd_angle.auth_seq_id_2 
_pdbx_validate_rmsd_angle.PDB_ins_code_2 
_pdbx_validate_rmsd_angle.label_alt_id_2 
_pdbx_validate_rmsd_angle.auth_atom_id_3 
_pdbx_validate_rmsd_angle.auth_asym_id_3 
_pdbx_validate_rmsd_angle.auth_comp_id_3 
_pdbx_validate_rmsd_angle.auth_seq_id_3 
_pdbx_validate_rmsd_angle.PDB_ins_code_3 
_pdbx_validate_rmsd_angle.label_alt_id_3 
_pdbx_validate_rmsd_angle.angle_value 
_pdbx_validate_rmsd_angle.angle_target_value 
_pdbx_validate_rmsd_angle.angle_deviation 
_pdbx_validate_rmsd_angle.angle_standard_deviation 
_pdbx_validate_rmsd_angle.linker_flag 
1  1 N  A PRO 5   ? ? CA A PRO 5   ? ? CB  A PRO 5   ? ? 111.79 103.30 8.49   1.20 N 
2  1 CB A ASP 28  ? ? CG A ASP 28  ? ? OD1 A ASP 28  ? ? 125.09 118.30 6.79   0.90 N 
3  1 CB A ASP 41  ? ? CG A ASP 41  ? ? OD1 A ASP 41  ? ? 129.38 118.30 11.08  0.90 N 
4  1 CB A ASP 41  ? ? CG A ASP 41  ? ? OD2 A ASP 41  ? ? 109.87 118.30 -8.43  0.90 N 
5  1 NE A ARG 57  ? ? CZ A ARG 57  ? ? NH1 A ARG 57  ? ? 124.78 120.30 4.48   0.50 N 
6  1 CD A ARG 78  ? ? NE A ARG 78  ? ? CZ  A ARG 78  ? ? 134.42 123.60 10.82  1.40 N 
7  1 NE A ARG 78  ? ? CZ A ARG 78  ? ? NH1 A ARG 78  ? ? 127.34 120.30 7.04   0.50 N 
8  1 NE A ARG 78  ? ? CZ A ARG 78  ? ? NH2 A ARG 78  ? ? 115.77 120.30 -4.53  0.50 N 
9  1 NE A ARG 105 ? ? CZ A ARG 105 ? ? NH1 A ARG 105 ? ? 124.64 120.30 4.34   0.50 N 
10 1 NE A ARG 105 ? ? CZ A ARG 105 ? ? NH2 A ARG 105 ? ? 114.17 120.30 -6.13  0.50 N 
11 1 CB A ASP 116 ? ? CG A ASP 116 ? ? OD2 A ASP 116 ? ? 111.55 118.30 -6.75  0.90 N 
12 1 NE A ARG 152 ? ? CZ A ARG 152 ? ? NH1 A ARG 152 ? ? 123.56 120.30 3.26   0.50 N 
13 1 CB A GLU 155 ? ? CA A GLU 155 ? ? C   A GLU 155 ? ? 97.84  110.40 -12.56 2.00 N 
# 
_pdbx_validate_torsion.id              1 
_pdbx_validate_torsion.PDB_model_num   1 
_pdbx_validate_torsion.auth_comp_id    GLU 
_pdbx_validate_torsion.auth_asym_id    A 
_pdbx_validate_torsion.auth_seq_id     153 
_pdbx_validate_torsion.PDB_ins_code    ? 
_pdbx_validate_torsion.label_alt_id    ? 
_pdbx_validate_torsion.phi             81.98 
_pdbx_validate_torsion.psi             9.54 
# 
loop_
_pdbx_struct_special_symmetry.id 
_pdbx_struct_special_symmetry.PDB_model_num 
_pdbx_struct_special_symmetry.auth_asym_id 
_pdbx_struct_special_symmetry.auth_comp_id 
_pdbx_struct_special_symmetry.auth_seq_id 
_pdbx_struct_special_symmetry.PDB_ins_code 
_pdbx_struct_special_symmetry.label_asym_id 
_pdbx_struct_special_symmetry.label_comp_id 
_pdbx_struct_special_symmetry.label_seq_id 
1 1 A HOH 1008 ? B HOH . 
2 1 A HOH 1033 ? B HOH . 
# 
_pdbx_entry_details.entry_id                 1GPR 
_pdbx_entry_details.compound_details         
;THE BACILLUS SUBTILIS GLUCOSE PERMEASE (ENZYME II)
CONSISTS OF THREE DOMAINS IIA, IIB, AND IIC, RESIDING ON A
SINGLE POLYPEPTIDE CHAIN, WITH THE ORDER IICBA.  THE
RECOMBINANT IIA DOMAIN (162 AMINO ACID RESIDUES) IS A
SOLUBLE PROTEIN.  SEQUENTIAL NUMBERING OF THIS RECOMBINANT
PROTEIN IS USED HERE.

SECONDARY STRUCTURE ASSIGNMENT IS ACCORDING TO KABSCH AND
SANDER (BIOPOLYMERS 22, 2577-2637, 1983) EXCEPT RESIDUES
GLU 12 - SER 17 CLEARLY ADOPT A BETA STRAND CONFORMATION,
BUT ARE NOT INVOLVED IN HYDROGEN BONDING WITH OTHER
STRANDS, AND THUS ARE NOT IDENTIFIED BY THE DSSP PROGRAM.
BRIDGES OF SINGLE RESIDUES ARE NOT INCLUDED IN THE
ASSIGNMENT.
;
_pdbx_entry_details.source_details           ? 
_pdbx_entry_details.nonpolymer_details       ? 
_pdbx_entry_details.sequence_details         ? 
_pdbx_entry_details.has_ligand_of_interest   ? 
# 
loop_
_pdbx_unobs_or_zero_occ_residues.id 
_pdbx_unobs_or_zero_occ_residues.PDB_model_num 
_pdbx_unobs_or_zero_occ_residues.polymer_flag 
_pdbx_unobs_or_zero_occ_residues.occupancy_flag 
_pdbx_unobs_or_zero_occ_residues.auth_asym_id 
_pdbx_unobs_or_zero_occ_residues.auth_comp_id 
_pdbx_unobs_or_zero_occ_residues.auth_seq_id 
_pdbx_unobs_or_zero_occ_residues.PDB_ins_code 
_pdbx_unobs_or_zero_occ_residues.label_asym_id 
_pdbx_unobs_or_zero_occ_residues.label_comp_id 
_pdbx_unobs_or_zero_occ_residues.label_seq_id 
1 1 Y 1 A MET 1   ? A MET 1   
2 1 Y 1 A ILE 2   ? A ILE 2   
3 1 Y 1 A ALA 3   ? A ALA 3   
4 1 Y 1 A LYS 162 ? A LYS 162 
# 
loop_
_chem_comp_atom.comp_id 
_chem_comp_atom.atom_id 
_chem_comp_atom.type_symbol 
_chem_comp_atom.pdbx_aromatic_flag 
_chem_comp_atom.pdbx_stereo_config 
_chem_comp_atom.pdbx_ordinal 
ALA N    N N N 1   
ALA CA   C N S 2   
ALA C    C N N 3   
ALA O    O N N 4   
ALA CB   C N N 5   
ALA OXT  O N N 6   
ALA H    H N N 7   
ALA H2   H N N 8   
ALA HA   H N N 9   
ALA HB1  H N N 10  
ALA HB2  H N N 11  
ALA HB3  H N N 12  
ALA HXT  H N N 13  
ARG N    N N N 14  
ARG CA   C N S 15  
ARG C    C N N 16  
ARG O    O N N 17  
ARG CB   C N N 18  
ARG CG   C N N 19  
ARG CD   C N N 20  
ARG NE   N N N 21  
ARG CZ   C N N 22  
ARG NH1  N N N 23  
ARG NH2  N N N 24  
ARG OXT  O N N 25  
ARG H    H N N 26  
ARG H2   H N N 27  
ARG HA   H N N 28  
ARG HB2  H N N 29  
ARG HB3  H N N 30  
ARG HG2  H N N 31  
ARG HG3  H N N 32  
ARG HD2  H N N 33  
ARG HD3  H N N 34  
ARG HE   H N N 35  
ARG HH11 H N N 36  
ARG HH12 H N N 37  
ARG HH21 H N N 38  
ARG HH22 H N N 39  
ARG HXT  H N N 40  
ASN N    N N N 41  
ASN CA   C N S 42  
ASN C    C N N 43  
ASN O    O N N 44  
ASN CB   C N N 45  
ASN CG   C N N 46  
ASN OD1  O N N 47  
ASN ND2  N N N 48  
ASN OXT  O N N 49  
ASN H    H N N 50  
ASN H2   H N N 51  
ASN HA   H N N 52  
ASN HB2  H N N 53  
ASN HB3  H N N 54  
ASN HD21 H N N 55  
ASN HD22 H N N 56  
ASN HXT  H N N 57  
ASP N    N N N 58  
ASP CA   C N S 59  
ASP C    C N N 60  
ASP O    O N N 61  
ASP CB   C N N 62  
ASP CG   C N N 63  
ASP OD1  O N N 64  
ASP OD2  O N N 65  
ASP OXT  O N N 66  
ASP H    H N N 67  
ASP H2   H N N 68  
ASP HA   H N N 69  
ASP HB2  H N N 70  
ASP HB3  H N N 71  
ASP HD2  H N N 72  
ASP HXT  H N N 73  
GLN N    N N N 74  
GLN CA   C N S 75  
GLN C    C N N 76  
GLN O    O N N 77  
GLN CB   C N N 78  
GLN CG   C N N 79  
GLN CD   C N N 80  
GLN OE1  O N N 81  
GLN NE2  N N N 82  
GLN OXT  O N N 83  
GLN H    H N N 84  
GLN H2   H N N 85  
GLN HA   H N N 86  
GLN HB2  H N N 87  
GLN HB3  H N N 88  
GLN HG2  H N N 89  
GLN HG3  H N N 90  
GLN HE21 H N N 91  
GLN HE22 H N N 92  
GLN HXT  H N N 93  
GLU N    N N N 94  
GLU CA   C N S 95  
GLU C    C N N 96  
GLU O    O N N 97  
GLU CB   C N N 98  
GLU CG   C N N 99  
GLU CD   C N N 100 
GLU OE1  O N N 101 
GLU OE2  O N N 102 
GLU OXT  O N N 103 
GLU H    H N N 104 
GLU H2   H N N 105 
GLU HA   H N N 106 
GLU HB2  H N N 107 
GLU HB3  H N N 108 
GLU HG2  H N N 109 
GLU HG3  H N N 110 
GLU HE2  H N N 111 
GLU HXT  H N N 112 
GLY N    N N N 113 
GLY CA   C N N 114 
GLY C    C N N 115 
GLY O    O N N 116 
GLY OXT  O N N 117 
GLY H    H N N 118 
GLY H2   H N N 119 
GLY HA2  H N N 120 
GLY HA3  H N N 121 
GLY HXT  H N N 122 
HIS N    N N N 123 
HIS CA   C N S 124 
HIS C    C N N 125 
HIS O    O N N 126 
HIS CB   C N N 127 
HIS CG   C Y N 128 
HIS ND1  N Y N 129 
HIS CD2  C Y N 130 
HIS CE1  C Y N 131 
HIS NE2  N Y N 132 
HIS OXT  O N N 133 
HIS H    H N N 134 
HIS H2   H N N 135 
HIS HA   H N N 136 
HIS HB2  H N N 137 
HIS HB3  H N N 138 
HIS HD1  H N N 139 
HIS HD2  H N N 140 
HIS HE1  H N N 141 
HIS HE2  H N N 142 
HIS HXT  H N N 143 
HOH O    O N N 144 
HOH H1   H N N 145 
HOH H2   H N N 146 
ILE N    N N N 147 
ILE CA   C N S 148 
ILE C    C N N 149 
ILE O    O N N 150 
ILE CB   C N S 151 
ILE CG1  C N N 152 
ILE CG2  C N N 153 
ILE CD1  C N N 154 
ILE OXT  O N N 155 
ILE H    H N N 156 
ILE H2   H N N 157 
ILE HA   H N N 158 
ILE HB   H N N 159 
ILE HG12 H N N 160 
ILE HG13 H N N 161 
ILE HG21 H N N 162 
ILE HG22 H N N 163 
ILE HG23 H N N 164 
ILE HD11 H N N 165 
ILE HD12 H N N 166 
ILE HD13 H N N 167 
ILE HXT  H N N 168 
LEU N    N N N 169 
LEU CA   C N S 170 
LEU C    C N N 171 
LEU O    O N N 172 
LEU CB   C N N 173 
LEU CG   C N N 174 
LEU CD1  C N N 175 
LEU CD2  C N N 176 
LEU OXT  O N N 177 
LEU H    H N N 178 
LEU H2   H N N 179 
LEU HA   H N N 180 
LEU HB2  H N N 181 
LEU HB3  H N N 182 
LEU HG   H N N 183 
LEU HD11 H N N 184 
LEU HD12 H N N 185 
LEU HD13 H N N 186 
LEU HD21 H N N 187 
LEU HD22 H N N 188 
LEU HD23 H N N 189 
LEU HXT  H N N 190 
LYS N    N N N 191 
LYS CA   C N S 192 
LYS C    C N N 193 
LYS O    O N N 194 
LYS CB   C N N 195 
LYS CG   C N N 196 
LYS CD   C N N 197 
LYS CE   C N N 198 
LYS NZ   N N N 199 
LYS OXT  O N N 200 
LYS H    H N N 201 
LYS H2   H N N 202 
LYS HA   H N N 203 
LYS HB2  H N N 204 
LYS HB3  H N N 205 
LYS HG2  H N N 206 
LYS HG3  H N N 207 
LYS HD2  H N N 208 
LYS HD3  H N N 209 
LYS HE2  H N N 210 
LYS HE3  H N N 211 
LYS HZ1  H N N 212 
LYS HZ2  H N N 213 
LYS HZ3  H N N 214 
LYS HXT  H N N 215 
MET N    N N N 216 
MET CA   C N S 217 
MET C    C N N 218 
MET O    O N N 219 
MET CB   C N N 220 
MET CG   C N N 221 
MET SD   S N N 222 
MET CE   C N N 223 
MET OXT  O N N 224 
MET H    H N N 225 
MET H2   H N N 226 
MET HA   H N N 227 
MET HB2  H N N 228 
MET HB3  H N N 229 
MET HG2  H N N 230 
MET HG3  H N N 231 
MET HE1  H N N 232 
MET HE2  H N N 233 
MET HE3  H N N 234 
MET HXT  H N N 235 
PHE N    N N N 236 
PHE CA   C N S 237 
PHE C    C N N 238 
PHE O    O N N 239 
PHE CB   C N N 240 
PHE CG   C Y N 241 
PHE CD1  C Y N 242 
PHE CD2  C Y N 243 
PHE CE1  C Y N 244 
PHE CE2  C Y N 245 
PHE CZ   C Y N 246 
PHE OXT  O N N 247 
PHE H    H N N 248 
PHE H2   H N N 249 
PHE HA   H N N 250 
PHE HB2  H N N 251 
PHE HB3  H N N 252 
PHE HD1  H N N 253 
PHE HD2  H N N 254 
PHE HE1  H N N 255 
PHE HE2  H N N 256 
PHE HZ   H N N 257 
PHE HXT  H N N 258 
PRO N    N N N 259 
PRO CA   C N S 260 
PRO C    C N N 261 
PRO O    O N N 262 
PRO CB   C N N 263 
PRO CG   C N N 264 
PRO CD   C N N 265 
PRO OXT  O N N 266 
PRO H    H N N 267 
PRO HA   H N N 268 
PRO HB2  H N N 269 
PRO HB3  H N N 270 
PRO HG2  H N N 271 
PRO HG3  H N N 272 
PRO HD2  H N N 273 
PRO HD3  H N N 274 
PRO HXT  H N N 275 
SER N    N N N 276 
SER CA   C N S 277 
SER C    C N N 278 
SER O    O N N 279 
SER CB   C N N 280 
SER OG   O N N 281 
SER OXT  O N N 282 
SER H    H N N 283 
SER H2   H N N 284 
SER HA   H N N 285 
SER HB2  H N N 286 
SER HB3  H N N 287 
SER HG   H N N 288 
SER HXT  H N N 289 
THR N    N N N 290 
THR CA   C N S 291 
THR C    C N N 292 
THR O    O N N 293 
THR CB   C N R 294 
THR OG1  O N N 295 
THR CG2  C N N 296 
THR OXT  O N N 297 
THR H    H N N 298 
THR H2   H N N 299 
THR HA   H N N 300 
THR HB   H N N 301 
THR HG1  H N N 302 
THR HG21 H N N 303 
THR HG22 H N N 304 
THR HG23 H N N 305 
THR HXT  H N N 306 
VAL N    N N N 307 
VAL CA   C N S 308 
VAL C    C N N 309 
VAL O    O N N 310 
VAL CB   C N N 311 
VAL CG1  C N N 312 
VAL CG2  C N N 313 
VAL OXT  O N N 314 
VAL H    H N N 315 
VAL H2   H N N 316 
VAL HA   H N N 317 
VAL HB   H N N 318 
VAL HG11 H N N 319 
VAL HG12 H N N 320 
VAL HG13 H N N 321 
VAL HG21 H N N 322 
VAL HG22 H N N 323 
VAL HG23 H N N 324 
VAL HXT  H N N 325 
# 
loop_
_chem_comp_bond.comp_id 
_chem_comp_bond.atom_id_1 
_chem_comp_bond.atom_id_2 
_chem_comp_bond.value_order 
_chem_comp_bond.pdbx_aromatic_flag 
_chem_comp_bond.pdbx_stereo_config 
_chem_comp_bond.pdbx_ordinal 
ALA N   CA   sing N N 1   
ALA N   H    sing N N 2   
ALA N   H2   sing N N 3   
ALA CA  C    sing N N 4   
ALA CA  CB   sing N N 5   
ALA CA  HA   sing N N 6   
ALA C   O    doub N N 7   
ALA C   OXT  sing N N 8   
ALA CB  HB1  sing N N 9   
ALA CB  HB2  sing N N 10  
ALA CB  HB3  sing N N 11  
ALA OXT HXT  sing N N 12  
ARG N   CA   sing N N 13  
ARG N   H    sing N N 14  
ARG N   H2   sing N N 15  
ARG CA  C    sing N N 16  
ARG CA  CB   sing N N 17  
ARG CA  HA   sing N N 18  
ARG C   O    doub N N 19  
ARG C   OXT  sing N N 20  
ARG CB  CG   sing N N 21  
ARG CB  HB2  sing N N 22  
ARG CB  HB3  sing N N 23  
ARG CG  CD   sing N N 24  
ARG CG  HG2  sing N N 25  
ARG CG  HG3  sing N N 26  
ARG CD  NE   sing N N 27  
ARG CD  HD2  sing N N 28  
ARG CD  HD3  sing N N 29  
ARG NE  CZ   sing N N 30  
ARG NE  HE   sing N N 31  
ARG CZ  NH1  sing N N 32  
ARG CZ  NH2  doub N N 33  
ARG NH1 HH11 sing N N 34  
ARG NH1 HH12 sing N N 35  
ARG NH2 HH21 sing N N 36  
ARG NH2 HH22 sing N N 37  
ARG OXT HXT  sing N N 38  
ASN N   CA   sing N N 39  
ASN N   H    sing N N 40  
ASN N   H2   sing N N 41  
ASN CA  C    sing N N 42  
ASN CA  CB   sing N N 43  
ASN CA  HA   sing N N 44  
ASN C   O    doub N N 45  
ASN C   OXT  sing N N 46  
ASN CB  CG   sing N N 47  
ASN CB  HB2  sing N N 48  
ASN CB  HB3  sing N N 49  
ASN CG  OD1  doub N N 50  
ASN CG  ND2  sing N N 51  
ASN ND2 HD21 sing N N 52  
ASN ND2 HD22 sing N N 53  
ASN OXT HXT  sing N N 54  
ASP N   CA   sing N N 55  
ASP N   H    sing N N 56  
ASP N   H2   sing N N 57  
ASP CA  C    sing N N 58  
ASP CA  CB   sing N N 59  
ASP CA  HA   sing N N 60  
ASP C   O    doub N N 61  
ASP C   OXT  sing N N 62  
ASP CB  CG   sing N N 63  
ASP CB  HB2  sing N N 64  
ASP CB  HB3  sing N N 65  
ASP CG  OD1  doub N N 66  
ASP CG  OD2  sing N N 67  
ASP OD2 HD2  sing N N 68  
ASP OXT HXT  sing N N 69  
GLN N   CA   sing N N 70  
GLN N   H    sing N N 71  
GLN N   H2   sing N N 72  
GLN CA  C    sing N N 73  
GLN CA  CB   sing N N 74  
GLN CA  HA   sing N N 75  
GLN C   O    doub N N 76  
GLN C   OXT  sing N N 77  
GLN CB  CG   sing N N 78  
GLN CB  HB2  sing N N 79  
GLN CB  HB3  sing N N 80  
GLN CG  CD   sing N N 81  
GLN CG  HG2  sing N N 82  
GLN CG  HG3  sing N N 83  
GLN CD  OE1  doub N N 84  
GLN CD  NE2  sing N N 85  
GLN NE2 HE21 sing N N 86  
GLN NE2 HE22 sing N N 87  
GLN OXT HXT  sing N N 88  
GLU N   CA   sing N N 89  
GLU N   H    sing N N 90  
GLU N   H2   sing N N 91  
GLU CA  C    sing N N 92  
GLU CA  CB   sing N N 93  
GLU CA  HA   sing N N 94  
GLU C   O    doub N N 95  
GLU C   OXT  sing N N 96  
GLU CB  CG   sing N N 97  
GLU CB  HB2  sing N N 98  
GLU CB  HB3  sing N N 99  
GLU CG  CD   sing N N 100 
GLU CG  HG2  sing N N 101 
GLU CG  HG3  sing N N 102 
GLU CD  OE1  doub N N 103 
GLU CD  OE2  sing N N 104 
GLU OE2 HE2  sing N N 105 
GLU OXT HXT  sing N N 106 
GLY N   CA   sing N N 107 
GLY N   H    sing N N 108 
GLY N   H2   sing N N 109 
GLY CA  C    sing N N 110 
GLY CA  HA2  sing N N 111 
GLY CA  HA3  sing N N 112 
GLY C   O    doub N N 113 
GLY C   OXT  sing N N 114 
GLY OXT HXT  sing N N 115 
HIS N   CA   sing N N 116 
HIS N   H    sing N N 117 
HIS N   H2   sing N N 118 
HIS CA  C    sing N N 119 
HIS CA  CB   sing N N 120 
HIS CA  HA   sing N N 121 
HIS C   O    doub N N 122 
HIS C   OXT  sing N N 123 
HIS CB  CG   sing N N 124 
HIS CB  HB2  sing N N 125 
HIS CB  HB3  sing N N 126 
HIS CG  ND1  sing Y N 127 
HIS CG  CD2  doub Y N 128 
HIS ND1 CE1  doub Y N 129 
HIS ND1 HD1  sing N N 130 
HIS CD2 NE2  sing Y N 131 
HIS CD2 HD2  sing N N 132 
HIS CE1 NE2  sing Y N 133 
HIS CE1 HE1  sing N N 134 
HIS NE2 HE2  sing N N 135 
HIS OXT HXT  sing N N 136 
HOH O   H1   sing N N 137 
HOH O   H2   sing N N 138 
ILE N   CA   sing N N 139 
ILE N   H    sing N N 140 
ILE N   H2   sing N N 141 
ILE CA  C    sing N N 142 
ILE CA  CB   sing N N 143 
ILE CA  HA   sing N N 144 
ILE C   O    doub N N 145 
ILE C   OXT  sing N N 146 
ILE CB  CG1  sing N N 147 
ILE CB  CG2  sing N N 148 
ILE CB  HB   sing N N 149 
ILE CG1 CD1  sing N N 150 
ILE CG1 HG12 sing N N 151 
ILE CG1 HG13 sing N N 152 
ILE CG2 HG21 sing N N 153 
ILE CG2 HG22 sing N N 154 
ILE CG2 HG23 sing N N 155 
ILE CD1 HD11 sing N N 156 
ILE CD1 HD12 sing N N 157 
ILE CD1 HD13 sing N N 158 
ILE OXT HXT  sing N N 159 
LEU N   CA   sing N N 160 
LEU N   H    sing N N 161 
LEU N   H2   sing N N 162 
LEU CA  C    sing N N 163 
LEU CA  CB   sing N N 164 
LEU CA  HA   sing N N 165 
LEU C   O    doub N N 166 
LEU C   OXT  sing N N 167 
LEU CB  CG   sing N N 168 
LEU CB  HB2  sing N N 169 
LEU CB  HB3  sing N N 170 
LEU CG  CD1  sing N N 171 
LEU CG  CD2  sing N N 172 
LEU CG  HG   sing N N 173 
LEU CD1 HD11 sing N N 174 
LEU CD1 HD12 sing N N 175 
LEU CD1 HD13 sing N N 176 
LEU CD2 HD21 sing N N 177 
LEU CD2 HD22 sing N N 178 
LEU CD2 HD23 sing N N 179 
LEU OXT HXT  sing N N 180 
LYS N   CA   sing N N 181 
LYS N   H    sing N N 182 
LYS N   H2   sing N N 183 
LYS CA  C    sing N N 184 
LYS CA  CB   sing N N 185 
LYS CA  HA   sing N N 186 
LYS C   O    doub N N 187 
LYS C   OXT  sing N N 188 
LYS CB  CG   sing N N 189 
LYS CB  HB2  sing N N 190 
LYS CB  HB3  sing N N 191 
LYS CG  CD   sing N N 192 
LYS CG  HG2  sing N N 193 
LYS CG  HG3  sing N N 194 
LYS CD  CE   sing N N 195 
LYS CD  HD2  sing N N 196 
LYS CD  HD3  sing N N 197 
LYS CE  NZ   sing N N 198 
LYS CE  HE2  sing N N 199 
LYS CE  HE3  sing N N 200 
LYS NZ  HZ1  sing N N 201 
LYS NZ  HZ2  sing N N 202 
LYS NZ  HZ3  sing N N 203 
LYS OXT HXT  sing N N 204 
MET N   CA   sing N N 205 
MET N   H    sing N N 206 
MET N   H2   sing N N 207 
MET CA  C    sing N N 208 
MET CA  CB   sing N N 209 
MET CA  HA   sing N N 210 
MET C   O    doub N N 211 
MET C   OXT  sing N N 212 
MET CB  CG   sing N N 213 
MET CB  HB2  sing N N 214 
MET CB  HB3  sing N N 215 
MET CG  SD   sing N N 216 
MET CG  HG2  sing N N 217 
MET CG  HG3  sing N N 218 
MET SD  CE   sing N N 219 
MET CE  HE1  sing N N 220 
MET CE  HE2  sing N N 221 
MET CE  HE3  sing N N 222 
MET OXT HXT  sing N N 223 
PHE N   CA   sing N N 224 
PHE N   H    sing N N 225 
PHE N   H2   sing N N 226 
PHE CA  C    sing N N 227 
PHE CA  CB   sing N N 228 
PHE CA  HA   sing N N 229 
PHE C   O    doub N N 230 
PHE C   OXT  sing N N 231 
PHE CB  CG   sing N N 232 
PHE CB  HB2  sing N N 233 
PHE CB  HB3  sing N N 234 
PHE CG  CD1  doub Y N 235 
PHE CG  CD2  sing Y N 236 
PHE CD1 CE1  sing Y N 237 
PHE CD1 HD1  sing N N 238 
PHE CD2 CE2  doub Y N 239 
PHE CD2 HD2  sing N N 240 
PHE CE1 CZ   doub Y N 241 
PHE CE1 HE1  sing N N 242 
PHE CE2 CZ   sing Y N 243 
PHE CE2 HE2  sing N N 244 
PHE CZ  HZ   sing N N 245 
PHE OXT HXT  sing N N 246 
PRO N   CA   sing N N 247 
PRO N   CD   sing N N 248 
PRO N   H    sing N N 249 
PRO CA  C    sing N N 250 
PRO CA  CB   sing N N 251 
PRO CA  HA   sing N N 252 
PRO C   O    doub N N 253 
PRO C   OXT  sing N N 254 
PRO CB  CG   sing N N 255 
PRO CB  HB2  sing N N 256 
PRO CB  HB3  sing N N 257 
PRO CG  CD   sing N N 258 
PRO CG  HG2  sing N N 259 
PRO CG  HG3  sing N N 260 
PRO CD  HD2  sing N N 261 
PRO CD  HD3  sing N N 262 
PRO OXT HXT  sing N N 263 
SER N   CA   sing N N 264 
SER N   H    sing N N 265 
SER N   H2   sing N N 266 
SER CA  C    sing N N 267 
SER CA  CB   sing N N 268 
SER CA  HA   sing N N 269 
SER C   O    doub N N 270 
SER C   OXT  sing N N 271 
SER CB  OG   sing N N 272 
SER CB  HB2  sing N N 273 
SER CB  HB3  sing N N 274 
SER OG  HG   sing N N 275 
SER OXT HXT  sing N N 276 
THR N   CA   sing N N 277 
THR N   H    sing N N 278 
THR N   H2   sing N N 279 
THR CA  C    sing N N 280 
THR CA  CB   sing N N 281 
THR CA  HA   sing N N 282 
THR C   O    doub N N 283 
THR C   OXT  sing N N 284 
THR CB  OG1  sing N N 285 
THR CB  CG2  sing N N 286 
THR CB  HB   sing N N 287 
THR OG1 HG1  sing N N 288 
THR CG2 HG21 sing N N 289 
THR CG2 HG22 sing N N 290 
THR CG2 HG23 sing N N 291 
THR OXT HXT  sing N N 292 
VAL N   CA   sing N N 293 
VAL N   H    sing N N 294 
VAL N   H2   sing N N 295 
VAL CA  C    sing N N 296 
VAL CA  CB   sing N N 297 
VAL CA  HA   sing N N 298 
VAL C   O    doub N N 299 
VAL C   OXT  sing N N 300 
VAL CB  CG1  sing N N 301 
VAL CB  CG2  sing N N 302 
VAL CB  HB   sing N N 303 
VAL CG1 HG11 sing N N 304 
VAL CG1 HG12 sing N N 305 
VAL CG1 HG13 sing N N 306 
VAL CG2 HG21 sing N N 307 
VAL CG2 HG22 sing N N 308 
VAL CG2 HG23 sing N N 309 
VAL OXT HXT  sing N N 310 
# 
_atom_sites.entry_id                    1GPR 
_atom_sites.fract_transf_matrix[1][1]   -0.00169124 
_atom_sites.fract_transf_matrix[1][2]   -0.00640170 
_atom_sites.fract_transf_matrix[1][3]   0.01173370 
_atom_sites.fract_transf_matrix[2][1]   0.01502875 
_atom_sites.fract_transf_matrix[2][2]   -0.00976933 
_atom_sites.fract_transf_matrix[2][3]   -0.00316380 
_atom_sites.fract_transf_matrix[3][1]   0.00821398 
_atom_sites.fract_transf_matrix[3][2]   0.01041283 
_atom_sites.fract_transf_matrix[3][3]   0.00686498 
_atom_sites.fract_transf_vector[1]      0.287180 
_atom_sites.fract_transf_vector[2]      0.195882 
_atom_sites.fract_transf_vector[3]      0.358512 
# 
loop_
_atom_type.symbol 
C 
N 
O 
S 
# 
loop_
_atom_site.group_PDB 
_atom_site.id 
_atom_site.type_symbol 
_atom_site.label_atom_id 
_atom_site.label_alt_id 
_atom_site.label_comp_id 
_atom_site.label_asym_id 
_atom_site.label_entity_id 
_atom_site.label_seq_id 
_atom_site.pdbx_PDB_ins_code 
_atom_site.Cartn_x 
_atom_site.Cartn_y 
_atom_site.Cartn_z 
_atom_site.occupancy 
_atom_site.B_iso_or_equiv 
_atom_site.pdbx_formal_charge 
_atom_site.auth_seq_id 
_atom_site.auth_comp_id 
_atom_site.auth_asym_id 
_atom_site.auth_atom_id 
_atom_site.pdbx_PDB_model_num 
ATOM   1    N N   . GLU A 1 4   ? 13.436  1.430   -17.761 1.00 50.72 ? 4    GLU A N   1 
ATOM   2    C CA  . GLU A 1 4   ? 12.906  1.518   -16.397 1.00 43.90 ? 4    GLU A CA  1 
ATOM   3    C C   . GLU A 1 4   ? 11.501  0.918   -16.153 1.00 35.06 ? 4    GLU A C   1 
ATOM   4    O O   . GLU A 1 4   ? 11.430  -0.171  -15.521 1.00 38.94 ? 4    GLU A O   1 
ATOM   5    C CB  . GLU A 1 4   ? 13.069  2.879   -15.667 1.00 43.61 ? 4    GLU A CB  1 
ATOM   6    C CG  . GLU A 1 4   ? 14.380  3.650   -15.906 1.00 38.74 ? 4    GLU A CG  1 
ATOM   7    C CD  . GLU A 1 4   ? 15.214  3.829   -14.653 1.00 75.51 ? 4    GLU A CD  1 
ATOM   8    O OE1 . GLU A 1 4   ? 14.596  4.531   -13.737 1.00 57.09 ? 4    GLU A OE1 1 
ATOM   9    O OE2 . GLU A 1 4   ? 16.342  3.370   -14.495 1.00 53.80 ? 4    GLU A OE2 1 
ATOM   10   N N   . PRO A 1 5   ? 10.399  1.632   -16.550 1.00 16.97 ? 5    PRO A N   1 
ATOM   11   C CA  . PRO A 1 5   ? 9.085   1.150   -16.251 1.00 18.64 ? 5    PRO A CA  1 
ATOM   12   C C   . PRO A 1 5   ? 8.887   -0.291  -16.631 1.00 23.02 ? 5    PRO A C   1 
ATOM   13   O O   . PRO A 1 5   ? 9.241   -0.732  -17.717 1.00 22.23 ? 5    PRO A O   1 
ATOM   14   C CB  . PRO A 1 5   ? 8.016   2.000   -16.896 1.00 19.02 ? 5    PRO A CB  1 
ATOM   15   C CG  . PRO A 1 5   ? 8.778   3.140   -17.460 1.00 20.25 ? 5    PRO A CG  1 
ATOM   16   C CD  . PRO A 1 5   ? 10.239  2.972   -17.066 1.00 16.48 ? 5    PRO A CD  1 
ATOM   17   N N   . LEU A 1 6   ? 8.310   -1.004  -15.661 1.00 24.82 ? 6    LEU A N   1 
ATOM   18   C CA  . LEU A 1 6   ? 8.021   -2.401  -15.848 1.00 24.06 ? 6    LEU A CA  1 
ATOM   19   C C   . LEU A 1 6   ? 6.636   -2.533  -16.396 1.00 18.98 ? 6    LEU A C   1 
ATOM   20   O O   . LEU A 1 6   ? 5.706   -2.067  -15.733 1.00 17.83 ? 6    LEU A O   1 
ATOM   21   C CB  . LEU A 1 6   ? 8.138   -3.071  -14.467 1.00 24.23 ? 6    LEU A CB  1 
ATOM   22   C CG  . LEU A 1 6   ? 7.709   -4.513  -14.509 1.00 80.00 ? 6    LEU A CG  1 
ATOM   23   C CD1 . LEU A 1 6   ? 8.653   -5.258  -15.474 1.00 29.58 ? 6    LEU A CD1 1 
ATOM   24   C CD2 . LEU A 1 6   ? 7.679   -5.048  -13.062 1.00 32.59 ? 6    LEU A CD2 1 
ATOM   25   N N   . GLN A 1 7   ? 6.488   -3.109  -17.598 1.00 15.55 ? 7    GLN A N   1 
ATOM   26   C CA  . GLN A 1 7   ? 5.143   -3.196  -18.185 1.00 19.54 ? 7    GLN A CA  1 
ATOM   27   C C   . GLN A 1 7   ? 4.673   -4.583  -18.476 1.00 19.87 ? 7    GLN A C   1 
ATOM   28   O O   . GLN A 1 7   ? 5.454   -5.448  -18.825 1.00 21.09 ? 7    GLN A O   1 
ATOM   29   C CB  . GLN A 1 7   ? 5.080   -2.502  -19.551 1.00 28.21 ? 7    GLN A CB  1 
ATOM   30   C CG  . GLN A 1 7   ? 4.830   -0.992  -19.571 1.00 55.29 ? 7    GLN A CG  1 
ATOM   31   C CD  . GLN A 1 7   ? 5.242   -0.382  -20.891 1.00 46.00 ? 7    GLN A CD  1 
ATOM   32   O OE1 . GLN A 1 7   ? 4.975   0.797   -21.118 1.00 64.24 ? 7    GLN A OE1 1 
ATOM   33   N NE2 . GLN A 1 7   ? 5.896   -1.156  -21.757 1.00 61.95 ? 7    GLN A NE2 1 
ATOM   34   N N   . ASN A 1 8   ? 3.391   -4.789  -18.359 1.00 17.51 ? 8    ASN A N   1 
ATOM   35   C CA  . ASN A 1 8   ? 2.922   -6.103  -18.643 1.00 16.97 ? 8    ASN A CA  1 
ATOM   36   C C   . ASN A 1 8   ? 2.600   -6.280  -20.124 1.00 16.82 ? 8    ASN A C   1 
ATOM   37   O O   . ASN A 1 8   ? 2.871   -5.416  -20.953 1.00 14.11 ? 8    ASN A O   1 
ATOM   38   C CB  . ASN A 1 8   ? 1.795   -6.488  -17.694 1.00 16.01 ? 8    ASN A CB  1 
ATOM   39   C CG  . ASN A 1 8   ? 0.596   -5.639  -17.909 1.00 17.90 ? 8    ASN A CG  1 
ATOM   40   O OD1 . ASN A 1 8   ? 0.530   -4.883  -18.918 1.00 19.75 ? 8    ASN A OD1 1 
ATOM   41   N ND2 . ASN A 1 8   ? -0.402  -5.847  -17.034 1.00 19.59 ? 8    ASN A ND2 1 
ATOM   42   N N   . GLU A 1 9   ? 2.054   -7.453  -20.439 1.00 15.09 ? 9    GLU A N   1 
ATOM   43   C CA  . GLU A 1 9   ? 1.677   -7.858  -21.814 1.00 15.59 ? 9    GLU A CA  1 
ATOM   44   C C   . GLU A 1 9   ? 0.698   -6.899  -22.461 1.00 15.81 ? 9    GLU A C   1 
ATOM   45   O O   . GLU A 1 9   ? 0.538   -6.972  -23.651 1.00 17.23 ? 9    GLU A O   1 
ATOM   46   C CB  . GLU A 1 9   ? 1.123   -9.309  -21.920 1.00 10.49 ? 9    GLU A CB  1 
ATOM   47   C CG  . GLU A 1 9   ? -0.041  -9.591  -20.933 1.00 9.20  ? 9    GLU A CG  1 
ATOM   48   C CD  . GLU A 1 9   ? 0.300   -10.080 -19.554 1.00 19.63 ? 9    GLU A CD  1 
ATOM   49   O OE1 . GLU A 1 9   ? 1.144   -9.635  -18.814 1.00 13.95 ? 9    GLU A OE1 1 
ATOM   50   O OE2 . GLU A 1 9   ? -0.576  -10.911 -19.169 1.00 17.29 ? 9    GLU A OE2 1 
ATOM   51   N N   . ILE A 1 10  ? 0.085   -6.025  -21.668 1.00 14.19 ? 10   ILE A N   1 
ATOM   52   C CA  . ILE A 1 10  ? -0.823  -5.018  -22.148 1.00 20.10 ? 10   ILE A CA  1 
ATOM   53   C C   . ILE A 1 10  ? -0.107  -3.660  -22.055 1.00 17.68 ? 10   ILE A C   1 
ATOM   54   O O   . ILE A 1 10  ? -0.699  -2.604  -22.283 1.00 19.64 ? 10   ILE A O   1 
ATOM   55   C CB  . ILE A 1 10  ? -2.289  -5.013  -21.626 1.00 20.58 ? 10   ILE A CB  1 
ATOM   56   C CG1 . ILE A 1 10  ? -2.409  -5.193  -20.113 1.00 33.76 ? 10   ILE A CG1 1 
ATOM   57   C CG2 . ILE A 1 10  ? -3.159  -6.012  -22.381 1.00 34.51 ? 10   ILE A CG2 1 
ATOM   58   C CD1 . ILE A 1 10  ? -3.803  -4.887  -19.584 1.00 46.10 ? 10   ILE A CD1 1 
ATOM   59   N N   . GLY A 1 11  ? 1.179   -3.682  -21.751 1.00 16.77 ? 11   GLY A N   1 
ATOM   60   C CA  . GLY A 1 11  ? 1.891   -2.404  -21.710 1.00 20.67 ? 11   GLY A CA  1 
ATOM   61   C C   . GLY A 1 11  ? 1.459   -1.425  -20.617 1.00 20.60 ? 11   GLY A C   1 
ATOM   62   O O   . GLY A 1 11  ? 1.593   -0.214  -20.726 1.00 20.55 ? 11   GLY A O   1 
ATOM   63   N N   . GLU A 1 12  ? 0.990   -1.977  -19.530 1.00 21.61 ? 12   GLU A N   1 
ATOM   64   C CA  . GLU A 1 12  ? 0.622   -1.297  -18.300 1.00 20.50 ? 12   GLU A CA  1 
ATOM   65   C C   . GLU A 1 12  ? 1.766   -1.415  -17.374 1.00 18.60 ? 12   GLU A C   1 
ATOM   66   O O   . GLU A 1 12  ? 2.574   -2.346  -17.501 1.00 19.19 ? 12   GLU A O   1 
ATOM   67   C CB  . GLU A 1 12  ? -0.575  -1.911  -17.594 1.00 19.20 ? 12   GLU A CB  1 
ATOM   68   C CG  . GLU A 1 12  ? -1.642  -0.920  -17.935 1.00 27.86 ? 12   GLU A CG  1 
ATOM   69   C CD  . GLU A 1 12  ? -3.020  -1.398  -17.772 1.00 59.37 ? 12   GLU A CD  1 
ATOM   70   O OE1 . GLU A 1 12  ? -3.423  -2.069  -16.830 1.00 63.79 ? 12   GLU A OE1 1 
ATOM   71   O OE2 . GLU A 1 12  ? -3.754  -0.865  -18.702 1.00 64.26 ? 12   GLU A OE2 1 
ATOM   72   N N   . GLU A 1 13  ? 1.903   -0.494  -16.437 1.00 20.47 ? 13   GLU A N   1 
ATOM   73   C CA  . GLU A 1 13  ? 3.077   -0.671  -15.548 1.00 16.95 ? 13   GLU A CA  1 
ATOM   74   C C   . GLU A 1 13  ? 2.676   -1.800  -14.534 1.00 17.61 ? 13   GLU A C   1 
ATOM   75   O O   . GLU A 1 13  ? 1.515   -1.869  -14.128 1.00 18.35 ? 13   GLU A O   1 
ATOM   76   C CB  . GLU A 1 13  ? 3.426   0.650   -14.788 1.00 18.28 ? 13   GLU A CB  1 
ATOM   77   C CG  . GLU A 1 13  ? 4.762   0.526   -13.984 1.00 15.92 ? 13   GLU A CG  1 
ATOM   78   C CD  . GLU A 1 13  ? 5.202   1.697   -13.093 1.00 14.45 ? 13   GLU A CD  1 
ATOM   79   O OE1 . GLU A 1 13  ? 4.265   2.502   -12.611 1.00 12.00 ? 13   GLU A OE1 1 
ATOM   80   O OE2 . GLU A 1 13  ? 6.344   1.856   -12.828 1.00 15.57 ? 13   GLU A OE2 1 
ATOM   81   N N   . VAL A 1 14  ? 3.570   -2.720  -14.174 1.00 16.72 ? 14   VAL A N   1 
ATOM   82   C CA  . VAL A 1 14  ? 3.210   -3.807  -13.250 1.00 16.04 ? 14   VAL A CA  1 
ATOM   83   C C   . VAL A 1 14  ? 2.854   -3.207  -11.872 1.00 18.02 ? 14   VAL A C   1 
ATOM   84   O O   . VAL A 1 14  ? 3.580   -2.365  -11.353 1.00 17.15 ? 14   VAL A O   1 
ATOM   85   C CB  . VAL A 1 14  ? 4.425   -4.753  -13.235 1.00 15.27 ? 14   VAL A CB  1 
ATOM   86   C CG1 . VAL A 1 14  ? 4.593   -5.714  -12.049 1.00 17.02 ? 14   VAL A CG1 1 
ATOM   87   C CG2 . VAL A 1 14  ? 4.478   -5.523  -14.523 1.00 15.85 ? 14   VAL A CG2 1 
ATOM   88   N N   . PHE A 1 15  ? 1.718   -3.581  -11.298 1.00 15.82 ? 15   PHE A N   1 
ATOM   89   C CA  . PHE A 1 15  ? 1.325   -3.229  -9.952  1.00 10.35 ? 15   PHE A CA  1 
ATOM   90   C C   . PHE A 1 15  ? 0.733   -4.461  -9.285  1.00 10.45 ? 15   PHE A C   1 
ATOM   91   O O   . PHE A 1 15  ? -0.329  -4.913  -9.656  1.00 14.80 ? 15   PHE A O   1 
ATOM   92   C CB  . PHE A 1 15  ? 0.473   -1.979  -9.820  1.00 5.48  ? 15   PHE A CB  1 
ATOM   93   C CG  . PHE A 1 15  ? 0.224   -1.548  -8.444  1.00 11.48 ? 15   PHE A CG  1 
ATOM   94   C CD1 . PHE A 1 15  ? -0.684  -2.227  -7.629  1.00 12.93 ? 15   PHE A CD1 1 
ATOM   95   C CD2 . PHE A 1 15  ? 0.845   -0.401  -7.950  1.00 11.79 ? 15   PHE A CD2 1 
ATOM   96   C CE1 . PHE A 1 15  ? -0.956  -1.808  -6.328  1.00 12.32 ? 15   PHE A CE1 1 
ATOM   97   C CE2 . PHE A 1 15  ? 0.571   0.024   -6.651  1.00 12.60 ? 15   PHE A CE2 1 
ATOM   98   C CZ  . PHE A 1 15  ? -0.322  -0.674  -5.837  1.00 12.97 ? 15   PHE A CZ  1 
ATOM   99   N N   . VAL A 1 16  ? 1.487   -5.019  -8.335  1.00 13.60 ? 16   VAL A N   1 
ATOM   100  C CA  . VAL A 1 16  ? 1.131   -6.274  -7.614  1.00 10.91 ? 16   VAL A CA  1 
ATOM   101  C C   . VAL A 1 16  ? 0.590   -6.019  -6.212  1.00 10.08 ? 16   VAL A C   1 
ATOM   102  O O   . VAL A 1 16  ? 0.933   -5.026  -5.600  1.00 13.43 ? 16   VAL A O   1 
ATOM   103  C CB  . VAL A 1 16  ? 2.295   -7.283  -7.591  1.00 5.64  ? 16   VAL A CB  1 
ATOM   104  C CG1 . VAL A 1 16  ? 2.856   -7.530  -8.996  1.00 18.77 ? 16   VAL A CG1 1 
ATOM   105  C CG2 . VAL A 1 16  ? 3.473   -7.014  -6.656  1.00 16.56 ? 16   VAL A CG2 1 
ATOM   106  N N   . SER A 1 17  ? -0.249  -6.903  -5.669  1.00 13.28 ? 17   SER A N   1 
ATOM   107  C CA  . SER A 1 17  ? -0.755  -6.730  -4.317  1.00 7.64  ? 17   SER A CA  1 
ATOM   108  C C   . SER A 1 17  ? 0.435   -6.749  -3.346  1.00 8.35  ? 17   SER A C   1 
ATOM   109  O O   . SER A 1 17  ? 1.317   -7.639  -3.317  1.00 11.91 ? 17   SER A O   1 
ATOM   110  C CB  . SER A 1 17  ? -1.870  -7.721  -3.923  1.00 5.92  ? 17   SER A CB  1 
ATOM   111  O OG  . SER A 1 17  ? -2.415  -7.235  -2.696  1.00 9.29  ? 17   SER A OG  1 
ATOM   112  N N   . PRO A 1 18  ? 0.479   -5.695  -2.513  1.00 6.44  ? 18   PRO A N   1 
ATOM   113  C CA  . PRO A 1 18  ? 1.531   -5.593  -1.528  1.00 3.17  ? 18   PRO A CA  1 
ATOM   114  C C   . PRO A 1 18  ? 1.180   -6.404  -0.292  1.00 3.01  ? 18   PRO A C   1 
ATOM   115  O O   . PRO A 1 18  ? 2.046   -6.603  0.501   1.00 9.27  ? 18   PRO A O   1 
ATOM   116  C CB  . PRO A 1 18  ? 1.484   -4.123  -1.090  1.00 6.55  ? 18   PRO A CB  1 
ATOM   117  C CG  . PRO A 1 18  ? 0.099   -3.620  -1.495  1.00 7.32  ? 18   PRO A CG  1 
ATOM   118  C CD  . PRO A 1 18  ? -0.322  -4.471  -2.658  1.00 2.00  ? 18   PRO A CD  1 
ATOM   119  N N   . ILE A 1 19  ? -0.107  -6.809  -0.056  1.00 5.99  ? 19   ILE A N   1 
ATOM   120  C CA  . ILE A 1 19  ? -0.507  -7.493  1.174   1.00 3.85  ? 19   ILE A CA  1 
ATOM   121  C C   . ILE A 1 19  ? -1.556  -8.586  0.863   1.00 2.08  ? 19   ILE A C   1 
ATOM   122  O O   . ILE A 1 19  ? -2.369  -8.419  -0.020  1.00 7.23  ? 19   ILE A O   1 
ATOM   123  C CB  . ILE A 1 19  ? -1.279  -6.424  2.016   1.00 7.27  ? 19   ILE A CB  1 
ATOM   124  C CG1 . ILE A 1 19  ? -0.393  -5.179  2.269   1.00 6.37  ? 19   ILE A CG1 1 
ATOM   125  C CG2 . ILE A 1 19  ? -1.785  -7.024  3.368   1.00 10.53 ? 19   ILE A CG2 1 
ATOM   126  C CD1 . ILE A 1 19  ? -1.134  -4.073  3.010   1.00 3.54  ? 19   ILE A CD1 1 
ATOM   127  N N   . THR A 1 20  ? -1.600  -9.625  1.696   1.00 5.77  ? 20   THR A N   1 
ATOM   128  C CA  . THR A 1 20  ? -2.609  -10.659 1.544   1.00 8.66  ? 20   THR A CA  1 
ATOM   129  C C   . THR A 1 20  ? -3.794  -10.297 2.396   1.00 8.08  ? 20   THR A C   1 
ATOM   130  O O   . THR A 1 20  ? -3.630  -10.012 3.552   1.00 8.56  ? 20   THR A O   1 
ATOM   131  C CB  . THR A 1 20  ? -2.031  -12.014 2.017   1.00 4.60  ? 20   THR A CB  1 
ATOM   132  O OG1 . THR A 1 20  ? -1.164  -12.435 1.062   1.00 4.47  ? 20   THR A OG1 1 
ATOM   133  C CG2 . THR A 1 20  ? -3.147  -13.061 2.126   1.00 4.99  ? 20   THR A CG2 1 
ATOM   134  N N   . GLY A 1 21  ? -4.988  -10.337 1.873   1.00 7.37  ? 21   GLY A N   1 
ATOM   135  C CA  . GLY A 1 21  ? -6.143  -9.978  2.631   1.00 5.04  ? 21   GLY A CA  1 
ATOM   136  C C   . GLY A 1 21  ? -7.276  -9.651  1.687   1.00 8.41  ? 21   GLY A C   1 
ATOM   137  O O   . GLY A 1 21  ? -7.281  -10.092 0.556   1.00 12.42 ? 21   GLY A O   1 
ATOM   138  N N   . GLU A 1 22  ? -8.238  -8.844  2.079   1.00 6.49  ? 22   GLU A N   1 
ATOM   139  C CA  . GLU A 1 22  ? -9.446  -8.531  1.269   1.00 6.49  ? 22   GLU A CA  1 
ATOM   140  C C   . GLU A 1 22  ? -9.370  -7.124  0.682   1.00 9.27  ? 22   GLU A C   1 
ATOM   141  O O   . GLU A 1 22  ? -9.185  -6.201  1.399   1.00 14.51 ? 22   GLU A O   1 
ATOM   142  C CB  . GLU A 1 22  ? -10.535 -8.451  2.329   1.00 8.63  ? 22   GLU A CB  1 
ATOM   143  C CG  . GLU A 1 22  ? -11.959 -8.922  1.993   1.00 20.99 ? 22   GLU A CG  1 
ATOM   144  C CD  . GLU A 1 22  ? -12.791 -8.853  3.267   1.00 77.22 ? 22   GLU A CD  1 
ATOM   145  O OE1 . GLU A 1 22  ? -13.221 -7.789  3.756   1.00 36.80 ? 22   GLU A OE1 1 
ATOM   146  O OE2 . GLU A 1 22  ? -12.880 -10.030 3.870   1.00 38.34 ? 22   GLU A OE2 1 
ATOM   147  N N   . ILE A 1 23  ? -9.588  -6.924  -0.594  1.00 13.69 ? 23   ILE A N   1 
ATOM   148  C CA  . ILE A 1 23  ? -9.482  -5.625  -1.306  1.00 3.47  ? 23   ILE A CA  1 
ATOM   149  C C   . ILE A 1 23  ? -10.740 -4.891  -1.273  1.00 7.28  ? 23   ILE A C   1 
ATOM   150  O O   . ILE A 1 23  ? -11.799 -5.479  -1.428  1.00 13.70 ? 23   ILE A O   1 
ATOM   151  C CB  . ILE A 1 23  ? -8.991  -5.926  -2.722  1.00 2.00  ? 23   ILE A CB  1 
ATOM   152  C CG1 . ILE A 1 23  ? -8.369  -4.685  -3.377  1.00 16.96 ? 23   ILE A CG1 1 
ATOM   153  C CG2 . ILE A 1 23  ? -10.165 -6.381  -3.545  1.00 11.41 ? 23   ILE A CG2 1 
ATOM   154  C CD1 . ILE A 1 23  ? -7.863  -4.924  -4.812  1.00 13.24 ? 23   ILE A CD1 1 
ATOM   155  N N   . HIS A 1 24  ? -10.631 -3.595  -0.969  1.00 5.76  ? 24   HIS A N   1 
ATOM   156  C CA  . HIS A 1 24  ? -11.760 -2.719  -0.815  1.00 6.16  ? 24   HIS A CA  1 
ATOM   157  C C   . HIS A 1 24  ? -11.549 -1.413  -1.542  1.00 5.54  ? 24   HIS A C   1 
ATOM   158  O O   . HIS A 1 24  ? -10.411 -0.997  -1.712  1.00 5.97  ? 24   HIS A O   1 
ATOM   159  C CB  . HIS A 1 24  ? -11.646 -2.330  0.663   1.00 7.99  ? 24   HIS A CB  1 
ATOM   160  C CG  . HIS A 1 24  ? -12.303 -3.371  1.547   1.00 10.83 ? 24   HIS A CG  1 
ATOM   161  N ND1 . HIS A 1 24  ? -13.638 -3.220  1.945   1.00 12.14 ? 24   HIS A ND1 1 
ATOM   162  C CD2 . HIS A 1 24  ? -11.784 -4.498  2.142   1.00 8.92  ? 24   HIS A CD2 1 
ATOM   163  C CE1 . HIS A 1 24  ? -13.903 -4.270  2.679   1.00 12.76 ? 24   HIS A CE1 1 
ATOM   164  N NE2 . HIS A 1 24  ? -12.826 -5.072  2.784   1.00 13.36 ? 24   HIS A NE2 1 
ATOM   165  N N   . PRO A 1 25  ? -12.601 -0.788  -1.945  1.00 7.30  ? 25   PRO A N   1 
ATOM   166  C CA  . PRO A 1 25  ? -12.514 0.514   -2.506  1.00 15.04 ? 25   PRO A CA  1 
ATOM   167  C C   . PRO A 1 25  ? -12.037 1.431   -1.400  1.00 14.12 ? 25   PRO A C   1 
ATOM   168  O O   . PRO A 1 25  ? -12.232 1.094   -0.234  1.00 10.10 ? 25   PRO A O   1 
ATOM   169  C CB  . PRO A 1 25  ? -13.973 0.922   -2.771  1.00 17.86 ? 25   PRO A CB  1 
ATOM   170  C CG  . PRO A 1 25  ? -14.783 -0.341  -2.845  1.00 17.59 ? 25   PRO A CG  1 
ATOM   171  C CD  . PRO A 1 25  ? -13.970 -1.330  -2.069  1.00 10.89 ? 25   PRO A CD  1 
ATOM   172  N N   . ILE A 1 26  ? -11.427 2.600   -1.739  1.00 15.43 ? 26   ILE A N   1 
ATOM   173  C CA  . ILE A 1 26  ? -10.919 3.554   -0.759  1.00 9.45  ? 26   ILE A CA  1 
ATOM   174  C C   . ILE A 1 26  ? -12.049 4.132   0.080   1.00 7.70  ? 26   ILE A C   1 
ATOM   175  O O   . ILE A 1 26  ? -11.785 4.535   1.196   1.00 7.54  ? 26   ILE A O   1 
ATOM   176  C CB  . ILE A 1 26  ? -10.049 4.663   -1.369  1.00 9.59  ? 26   ILE A CB  1 
ATOM   177  C CG1 . ILE A 1 26  ? -9.348  5.376   -0.208  1.00 9.46  ? 26   ILE A CG1 1 
ATOM   178  C CG2 . ILE A 1 26  ? -10.955 5.690   -2.061  1.00 6.97  ? 26   ILE A CG2 1 
ATOM   179  C CD1 . ILE A 1 26  ? -7.897  5.067   0.015   1.00 13.21 ? 26   ILE A CD1 1 
ATOM   180  N N   . THR A 1 27  ? -13.309 4.106   -0.407  1.00 9.61  ? 27   THR A N   1 
ATOM   181  C CA  . THR A 1 27  ? -14.493 4.616   0.355   1.00 10.31 ? 27   THR A CA  1 
ATOM   182  C C   . THR A 1 27  ? -14.873 3.805   1.612   1.00 8.69  ? 27   THR A C   1 
ATOM   183  O O   . THR A 1 27  ? -15.603 4.256   2.483   1.00 11.62 ? 27   THR A O   1 
ATOM   184  C CB  . THR A 1 27  ? -15.750 4.751   -0.520  1.00 17.12 ? 27   THR A CB  1 
ATOM   185  O OG1 . THR A 1 27  ? -15.847 3.483   -1.107  1.00 22.26 ? 27   THR A OG1 1 
ATOM   186  C CG2 . THR A 1 27  ? -15.590 5.841   -1.575  1.00 21.00 ? 27   THR A CG2 1 
ATOM   187  N N   . ASP A 1 28  ? -14.421 2.580   1.692   1.00 2.00  ? 28   ASP A N   1 
ATOM   188  C CA  . ASP A 1 28  ? -14.629 1.729   2.852   1.00 4.48  ? 28   ASP A CA  1 
ATOM   189  C C   . ASP A 1 28  ? -13.661 1.982   4.046   1.00 9.22  ? 28   ASP A C   1 
ATOM   190  O O   . ASP A 1 28  ? -13.849 1.393   5.064   1.00 14.77 ? 28   ASP A O   1 
ATOM   191  C CB  . ASP A 1 28  ? -14.287 0.311   2.347   1.00 4.54  ? 28   ASP A CB  1 
ATOM   192  C CG  . ASP A 1 28  ? -15.387 -0.144  1.336   1.00 22.73 ? 28   ASP A CG  1 
ATOM   193  O OD1 . ASP A 1 28  ? -16.231 0.595   0.828   1.00 14.85 ? 28   ASP A OD1 1 
ATOM   194  O OD2 . ASP A 1 28  ? -15.364 -1.400  1.016   1.00 11.68 ? 28   ASP A OD2 1 
ATOM   195  N N   . VAL A 1 29  ? -12.518 2.728   3.937   1.00 7.50  ? 29   VAL A N   1 
ATOM   196  C CA  . VAL A 1 29  ? -11.585 3.003   5.063   1.00 4.54  ? 29   VAL A CA  1 
ATOM   197  C C   . VAL A 1 29  ? -12.313 3.855   6.053   1.00 8.28  ? 29   VAL A C   1 
ATOM   198  O O   . VAL A 1 29  ? -12.826 4.912   5.689   1.00 8.34  ? 29   VAL A O   1 
ATOM   199  C CB  . VAL A 1 29  ? -10.366 3.796   4.583   1.00 8.02  ? 29   VAL A CB  1 
ATOM   200  C CG1 . VAL A 1 29  ? -9.429  4.066   5.778   1.00 6.99  ? 29   VAL A CG1 1 
ATOM   201  C CG2 . VAL A 1 29  ? -9.719  2.877   3.533   1.00 9.68  ? 29   VAL A CG2 1 
ATOM   202  N N   . PRO A 1 30  ? -12.341 3.455   7.356   1.00 7.92  ? 30   PRO A N   1 
ATOM   203  C CA  . PRO A 1 30  ? -13.133 4.229   8.263   1.00 2.00  ? 30   PRO A CA  1 
ATOM   204  C C   . PRO A 1 30  ? -12.332 5.346   8.877   1.00 6.11  ? 30   PRO A C   1 
ATOM   205  O O   . PRO A 1 30  ? -12.175 5.443   10.095  1.00 5.07  ? 30   PRO A O   1 
ATOM   206  C CB  . PRO A 1 30  ? -13.469 3.250   9.378   1.00 2.00  ? 30   PRO A CB  1 
ATOM   207  C CG  . PRO A 1 30  ? -12.343 2.232   9.372   1.00 2.22  ? 30   PRO A CG  1 
ATOM   208  C CD  . PRO A 1 30  ? -11.857 2.174   7.943   1.00 4.10  ? 30   PRO A CD  1 
ATOM   209  N N   . ASP A 1 31  ? -11.865 6.241   8.034   1.00 4.66  ? 31   ASP A N   1 
ATOM   210  C CA  . ASP A 1 31  ? -11.168 7.405   8.485   1.00 3.92  ? 31   ASP A CA  1 
ATOM   211  C C   . ASP A 1 31  ? -11.300 8.330   7.277   1.00 9.73  ? 31   ASP A C   1 
ATOM   212  O O   . ASP A 1 31  ? -10.808 8.003   6.194   1.00 9.26  ? 31   ASP A O   1 
ATOM   213  C CB  . ASP A 1 31  ? -9.708  7.068   8.721   1.00 2.00  ? 31   ASP A CB  1 
ATOM   214  C CG  . ASP A 1 31  ? -8.814  8.226   9.062   1.00 11.43 ? 31   ASP A CG  1 
ATOM   215  O OD1 . ASP A 1 31  ? -9.342  9.419   8.903   1.00 11.90 ? 31   ASP A OD1 1 
ATOM   216  O OD2 . ASP A 1 31  ? -7.652  8.086   9.326   1.00 10.01 ? 31   ASP A OD2 1 
ATOM   217  N N   . GLN A 1 32  ? -12.063 9.419   7.413   1.00 11.01 ? 32   GLN A N   1 
ATOM   218  C CA  . GLN A 1 32  ? -12.281 10.413  6.376   1.00 10.90 ? 32   GLN A CA  1 
ATOM   219  C C   . GLN A 1 32  ? -11.043 11.031  5.761   1.00 11.48 ? 32   GLN A C   1 
ATOM   220  O O   . GLN A 1 32  ? -11.200 11.505  4.667   1.00 7.02  ? 32   GLN A O   1 
ATOM   221  C CB  . GLN A 1 32  ? -13.227 11.576  6.779   1.00 12.63 ? 32   GLN A CB  1 
ATOM   222  C CG  . GLN A 1 32  ? -14.739 11.225  6.732   1.00 38.15 ? 32   GLN A CG  1 
ATOM   223  C CD  . GLN A 1 32  ? -15.466 12.180  5.784   1.00 13.36 ? 32   GLN A CD  1 
ATOM   224  O OE1 . GLN A 1 32  ? -14.839 13.009  5.090   1.00 51.33 ? 32   GLN A OE1 1 
ATOM   225  N NE2 . GLN A 1 32  ? -16.776 12.019  5.689   1.00 50.93 ? 32   GLN A NE2 1 
ATOM   226  N N   . VAL A 1 33  ? -9.825  11.069  6.348   1.00 7.90  ? 33   VAL A N   1 
ATOM   227  C CA  . VAL A 1 33  ? -8.644  11.619  5.675   1.00 8.79  ? 33   VAL A CA  1 
ATOM   228  C C   . VAL A 1 33  ? -8.347  10.768  4.482   1.00 11.26 ? 33   VAL A C   1 
ATOM   229  O O   . VAL A 1 33  ? -7.937  11.267  3.400   1.00 13.29 ? 33   VAL A O   1 
ATOM   230  C CB  . VAL A 1 33  ? -7.446  11.493  6.682   1.00 11.00 ? 33   VAL A CB  1 
ATOM   231  C CG1 . VAL A 1 33  ? -6.055  11.462  6.058   1.00 11.97 ? 33   VAL A CG1 1 
ATOM   232  C CG2 . VAL A 1 33  ? -7.652  12.576  7.722   1.00 9.91  ? 33   VAL A CG2 1 
ATOM   233  N N   . PHE A 1 34  ? -8.629  9.470   4.657   1.00 6.52  ? 34   PHE A N   1 
ATOM   234  C CA  . PHE A 1 34  ? -8.433  8.540   3.548   1.00 2.76  ? 34   PHE A CA  1 
ATOM   235  C C   . PHE A 1 34  ? -9.692  8.327   2.729   1.00 5.35  ? 34   PHE A C   1 
ATOM   236  O O   . PHE A 1 34  ? -9.591  8.330   1.521   1.00 6.87  ? 34   PHE A O   1 
ATOM   237  C CB  . PHE A 1 34  ? -7.971  7.161   3.990   1.00 3.77  ? 34   PHE A CB  1 
ATOM   238  C CG  . PHE A 1 34  ? -6.623  7.265   4.678   1.00 4.23  ? 34   PHE A CG  1 
ATOM   239  C CD1 . PHE A 1 34  ? -5.491  7.481   3.916   1.00 3.07  ? 34   PHE A CD1 1 
ATOM   240  C CD2 . PHE A 1 34  ? -6.503  7.018   6.051   1.00 7.40  ? 34   PHE A CD2 1 
ATOM   241  C CE1 . PHE A 1 34  ? -4.213  7.523   4.487   1.00 5.71  ? 34   PHE A CE1 1 
ATOM   242  C CE2 . PHE A 1 34  ? -5.261  7.103   6.658   1.00 11.55 ? 34   PHE A CE2 1 
ATOM   243  C CZ  . PHE A 1 34  ? -4.138  7.396   5.888   1.00 6.13  ? 34   PHE A CZ  1 
ATOM   244  N N   . SER A 1 35  ? -10.850 8.018   3.301   1.00 5.91  ? 35   SER A N   1 
ATOM   245  C CA  . SER A 1 35  ? -12.022 7.732   2.422   1.00 6.64  ? 35   SER A CA  1 
ATOM   246  C C   . SER A 1 35  ? -12.459 8.937   1.595   1.00 11.25 ? 35   SER A C   1 
ATOM   247  O O   . SER A 1 35  ? -13.119 8.783   0.586   1.00 12.01 ? 35   SER A O   1 
ATOM   248  C CB  . SER A 1 35  ? -13.237 7.296   3.223   1.00 5.01  ? 35   SER A CB  1 
ATOM   249  O OG  . SER A 1 35  ? -13.575 8.195   4.253   1.00 6.91  ? 35   SER A OG  1 
ATOM   250  N N   . GLY A 1 36  ? -12.118 10.138  2.111   1.00 8.57  ? 36   GLY A N   1 
ATOM   251  C CA  . GLY A 1 36  ? -12.447 11.395  1.487   1.00 8.48  ? 36   GLY A CA  1 
ATOM   252  C C   . GLY A 1 36  ? -11.405 11.764  0.460   1.00 10.14 ? 36   GLY A C   1 
ATOM   253  O O   . GLY A 1 36  ? -11.445 12.863  -0.061  1.00 13.28 ? 36   GLY A O   1 
ATOM   254  N N   . LYS A 1 37  ? -10.441 10.864  0.230   1.00 9.41  ? 37   LYS A N   1 
ATOM   255  C CA  . LYS A 1 37  ? -9.377  11.034  -0.727  1.00 10.68 ? 37   LYS A CA  1 
ATOM   256  C C   . LYS A 1 37  ? -8.579  12.303  -0.506  1.00 12.49 ? 37   LYS A C   1 
ATOM   257  O O   . LYS A 1 37  ? -8.071  12.965  -1.426  1.00 12.77 ? 37   LYS A O   1 
ATOM   258  C CB  . LYS A 1 37  ? -9.976  10.979  -2.127  1.00 14.33 ? 37   LYS A CB  1 
ATOM   259  C CG  . LYS A 1 37  ? -10.688 9.664   -2.462  1.00 10.41 ? 37   LYS A CG  1 
ATOM   260  C CD  . LYS A 1 37  ? -11.340 9.630   -3.831  1.00 17.40 ? 37   LYS A CD  1 
ATOM   261  C CE  . LYS A 1 37  ? -12.782 9.225   -3.739  1.00 27.47 ? 37   LYS A CE  1 
ATOM   262  N NZ  . LYS A 1 37  ? -13.240 8.781   -5.045  1.00 49.60 ? 37   LYS A NZ  1 
ATOM   263  N N   . MET A 1 38  ? -8.393  12.704  0.722   1.00 10.33 ? 38   MET A N   1 
ATOM   264  C CA  . MET A 1 38  ? -7.599  13.923  0.929   1.00 11.37 ? 38   MET A CA  1 
ATOM   265  C C   . MET A 1 38  ? -6.134  13.898  0.527   1.00 19.31 ? 38   MET A C   1 
ATOM   266  O O   . MET A 1 38  ? -5.552  14.968  0.257   1.00 20.89 ? 38   MET A O   1 
ATOM   267  C CB  . MET A 1 38  ? -7.678  14.447  2.354   1.00 11.77 ? 38   MET A CB  1 
ATOM   268  C CG  . MET A 1 38  ? -9.116  14.683  2.636   1.00 12.01 ? 38   MET A CG  1 
ATOM   269  S SD  . MET A 1 38  ? -9.315  15.423  4.249   1.00 16.75 ? 38   MET A SD  1 
ATOM   270  C CE  . MET A 1 38  ? -11.099 15.391  4.213   1.00 25.50 ? 38   MET A CE  1 
ATOM   271  N N   . MET A 1 39  ? -5.493  12.739  0.523   1.00 16.54 ? 39   MET A N   1 
ATOM   272  C CA  . MET A 1 39  ? -4.134  12.721  0.026   1.00 19.95 ? 39   MET A CA  1 
ATOM   273  C C   . MET A 1 39  ? -4.110  12.134  -1.352  1.00 17.51 ? 39   MET A C   1 
ATOM   274  O O   . MET A 1 39  ? -3.082  12.093  -1.982  1.00 19.30 ? 39   MET A O   1 
ATOM   275  C CB  . MET A 1 39  ? -3.152  11.946  0.876   1.00 20.86 ? 39   MET A CB  1 
ATOM   276  C CG  . MET A 1 39  ? -2.818  12.836  2.045   1.00 23.78 ? 39   MET A CG  1 
ATOM   277  S SD  . MET A 1 39  ? -1.893  11.862  3.197   1.00 22.91 ? 39   MET A SD  1 
ATOM   278  C CE  . MET A 1 39  ? -3.236  11.013  4.023   1.00 18.80 ? 39   MET A CE  1 
ATOM   279  N N   . GLY A 1 40  ? -5.223  11.655  -1.866  1.00 10.54 ? 40   GLY A N   1 
ATOM   280  C CA  . GLY A 1 40  ? -5.090  11.098  -3.163  1.00 10.46 ? 40   GLY A CA  1 
ATOM   281  C C   . GLY A 1 40  ? -6.062  9.940   -3.293  1.00 14.34 ? 40   GLY A C   1 
ATOM   282  O O   . GLY A 1 40  ? -6.642  9.567   -2.291  1.00 10.72 ? 40   GLY A O   1 
ATOM   283  N N   . ASP A 1 41  ? -6.240  9.445   -4.538  1.00 13.28 ? 41   ASP A N   1 
ATOM   284  C CA  . ASP A 1 41  ? -7.165  8.346   -4.795  1.00 13.64 ? 41   ASP A CA  1 
ATOM   285  C C   . ASP A 1 41  ? -6.452  7.048   -4.477  1.00 11.98 ? 41   ASP A C   1 
ATOM   286  O O   . ASP A 1 41  ? -5.232  7.082   -4.380  1.00 12.91 ? 41   ASP A O   1 
ATOM   287  C CB  . ASP A 1 41  ? -7.696  8.375   -6.243  1.00 10.00 ? 41   ASP A CB  1 
ATOM   288  C CG  . ASP A 1 41  ? -8.988  7.611   -6.468  1.00 38.72 ? 41   ASP A CG  1 
ATOM   289  O OD1 . ASP A 1 41  ? -9.693  7.030   -5.662  1.00 15.57 ? 41   ASP A OD1 1 
ATOM   290  O OD2 . ASP A 1 41  ? -9.345  7.716   -7.677  1.00 20.41 ? 41   ASP A OD2 1 
ATOM   291  N N   . GLY A 1 42  ? -7.146  5.901   -4.333  1.00 14.89 ? 42   GLY A N   1 
ATOM   292  C CA  . GLY A 1 42  ? -6.392  4.676   -4.057  1.00 11.57 ? 42   GLY A CA  1 
ATOM   293  C C   . GLY A 1 42  ? -7.333  3.545   -3.761  1.00 7.42  ? 42   GLY A C   1 
ATOM   294  O O   . GLY A 1 42  ? -8.438  3.514   -4.323  1.00 5.98  ? 42   GLY A O   1 
ATOM   295  N N   . PHE A 1 43  ? -6.838  2.597   -2.990  1.00 3.42  ? 43   PHE A N   1 
ATOM   296  C CA  . PHE A 1 43  ? -7.743  1.523   -2.639  1.00 4.00  ? 43   PHE A CA  1 
ATOM   297  C C   . PHE A 1 43  ? -7.300  1.039   -1.239  1.00 10.03 ? 43   PHE A C   1 
ATOM   298  O O   . PHE A 1 43  ? -6.360  1.591   -0.664  1.00 11.29 ? 43   PHE A O   1 
ATOM   299  C CB  . PHE A 1 43  ? -7.811  0.435   -3.723  1.00 8.44  ? 43   PHE A CB  1 
ATOM   300  C CG  . PHE A 1 43  ? -6.495  -0.303  -3.816  1.00 10.36 ? 43   PHE A CG  1 
ATOM   301  C CD1 . PHE A 1 43  ? -5.400  0.231   -4.500  1.00 11.81 ? 43   PHE A CD1 1 
ATOM   302  C CD2 . PHE A 1 43  ? -6.387  -1.577  -3.263  1.00 13.02 ? 43   PHE A CD2 1 
ATOM   303  C CE1 . PHE A 1 43  ? -4.195  -0.466  -4.584  1.00 9.10  ? 43   PHE A CE1 1 
ATOM   304  C CE2 . PHE A 1 43  ? -5.178  -2.251  -3.269  1.00 8.82  ? 43   PHE A CE2 1 
ATOM   305  C CZ  . PHE A 1 43  ? -4.132  -1.745  -4.040  1.00 5.97  ? 43   PHE A CZ  1 
ATOM   306  N N   . ALA A 1 44  ? -7.896  0.023   -0.671  1.00 5.64  ? 44   ALA A N   1 
ATOM   307  C CA  . ALA A 1 44  ? -7.435  -0.404  0.659   1.00 4.88  ? 44   ALA A CA  1 
ATOM   308  C C   . ALA A 1 44  ? -7.473  -1.919  0.699   1.00 10.18 ? 44   ALA A C   1 
ATOM   309  O O   . ALA A 1 44  ? -8.282  -2.553  0.010   1.00 9.39  ? 44   ALA A O   1 
ATOM   310  C CB  . ALA A 1 44  ? -8.315  0.134   1.822   1.00 3.66  ? 44   ALA A CB  1 
ATOM   311  N N   . ILE A 1 45  ? -6.651  -2.475  1.573   1.00 7.67  ? 45   ILE A N   1 
ATOM   312  C CA  . ILE A 1 45  ? -6.681  -3.896  1.812   1.00 6.56  ? 45   ILE A CA  1 
ATOM   313  C C   . ILE A 1 45  ? -6.827  -4.123  3.329   1.00 4.31  ? 45   ILE A C   1 
ATOM   314  O O   . ILE A 1 45  ? -6.177  -3.464  4.136   1.00 5.91  ? 45   ILE A O   1 
ATOM   315  C CB  . ILE A 1 45  ? -5.429  -4.566  1.333   1.00 8.87  ? 45   ILE A CB  1 
ATOM   316  C CG1 . ILE A 1 45  ? -5.236  -4.515  -0.226  1.00 7.27  ? 45   ILE A CG1 1 
ATOM   317  C CG2 . ILE A 1 45  ? -5.424  -6.017  1.817   1.00 5.10  ? 45   ILE A CG2 1 
ATOM   318  C CD1 . ILE A 1 45  ? -3.861  -5.046  -0.660  1.00 12.05 ? 45   ILE A CD1 1 
ATOM   319  N N   . LEU A 1 46  ? -7.725  -5.030  3.717   1.00 7.30  ? 46   LEU A N   1 
ATOM   320  C CA  . LEU A 1 46  ? -7.884  -5.472  5.127   1.00 5.80  ? 46   LEU A CA  1 
ATOM   321  C C   . LEU A 1 46  ? -6.976  -6.672  5.249   1.00 5.04  ? 46   LEU A C   1 
ATOM   322  O O   . LEU A 1 46  ? -7.177  -7.750  4.679   1.00 8.64  ? 46   LEU A O   1 
ATOM   323  C CB  . LEU A 1 46  ? -9.362  -5.831  5.398   1.00 6.95  ? 46   LEU A CB  1 
ATOM   324  C CG  . LEU A 1 46  ? -9.528  -6.391  6.821   1.00 11.71 ? 46   LEU A CG  1 
ATOM   325  C CD1 . LEU A 1 46  ? -9.490  -5.237  7.781   1.00 13.16 ? 46   LEU A CD1 1 
ATOM   326  C CD2 . LEU A 1 46  ? -10.923 -7.010  6.909   1.00 18.98 ? 46   LEU A CD2 1 
ATOM   327  N N   . PRO A 1 47  ? -5.846  -6.525  5.885   1.00 5.44  ? 47   PRO A N   1 
ATOM   328  C CA  . PRO A 1 47  ? -4.930  -7.614  5.855   1.00 5.29  ? 47   PRO A CA  1 
ATOM   329  C C   . PRO A 1 47  ? -5.295  -8.860  6.646   1.00 12.15 ? 47   PRO A C   1 
ATOM   330  O O   . PRO A 1 47  ? -5.763  -8.761  7.753   1.00 13.92 ? 47   PRO A O   1 
ATOM   331  C CB  . PRO A 1 47  ? -3.711  -7.089  6.582   1.00 8.38  ? 47   PRO A CB  1 
ATOM   332  C CG  . PRO A 1 47  ? -3.912  -5.640  6.953   1.00 12.90 ? 47   PRO A CG  1 
ATOM   333  C CD  . PRO A 1 47  ? -5.344  -5.346  6.638   1.00 7.50  ? 47   PRO A CD  1 
ATOM   334  N N   . SER A 1 48  ? -4.866  -9.992  6.141   1.00 15.21 ? 48   SER A N   1 
ATOM   335  C CA  . SER A 1 48  ? -4.960  -11.226 6.878   1.00 13.36 ? 48   SER A CA  1 
ATOM   336  C C   . SER A 1 48  ? -3.592  -11.732 7.297   1.00 11.89 ? 48   SER A C   1 
ATOM   337  O O   . SER A 1 48  ? -3.558  -12.525 8.218   1.00 12.79 ? 48   SER A O   1 
ATOM   338  C CB  . SER A 1 48  ? -5.859  -12.270 6.350   1.00 14.50 ? 48   SER A CB  1 
ATOM   339  O OG  . SER A 1 48  ? -5.334  -12.420 5.090   1.00 13.29 ? 48   SER A OG  1 
ATOM   340  N N   . GLU A 1 49  ? -2.491  -11.230 6.735   1.00 6.43  ? 49   GLU A N   1 
ATOM   341  C CA  . GLU A 1 49  ? -1.119  -11.537 7.122   1.00 4.43  ? 49   GLU A CA  1 
ATOM   342  C C   . GLU A 1 49  ? -0.444  -10.228 7.323   1.00 11.18 ? 49   GLU A C   1 
ATOM   343  O O   . GLU A 1 49  ? -0.811  -9.266  6.662   1.00 11.06 ? 49   GLU A O   1 
ATOM   344  C CB  . GLU A 1 49  ? -0.287  -12.309 6.085   1.00 8.72  ? 49   GLU A CB  1 
ATOM   345  C CG  . GLU A 1 49  ? -1.100  -13.574 5.947   1.00 20.48 ? 49   GLU A CG  1 
ATOM   346  C CD  . GLU A 1 49  ? -0.534  -14.577 5.008   1.00 43.22 ? 49   GLU A CD  1 
ATOM   347  O OE1 . GLU A 1 49  ? 0.580   -14.483 4.529   1.00 41.67 ? 49   GLU A OE1 1 
ATOM   348  O OE2 . GLU A 1 49  ? -1.389  -15.566 4.782   1.00 43.29 ? 49   GLU A OE2 1 
ATOM   349  N N   . GLY A 1 50  ? 0.560   -10.198 8.145   1.00 10.44 ? 50   GLY A N   1 
ATOM   350  C CA  . GLY A 1 50  ? 1.140   -8.909  8.384   1.00 11.35 ? 50   GLY A CA  1 
ATOM   351  C C   . GLY A 1 50  ? 2.391   -8.665  7.571   1.00 17.38 ? 50   GLY A C   1 
ATOM   352  O O   . GLY A 1 50  ? 3.227   -7.872  7.958   1.00 23.46 ? 50   GLY A O   1 
ATOM   353  N N   . ILE A 1 51  ? 2.537   -9.254  6.408   1.00 13.15 ? 51   ILE A N   1 
ATOM   354  C CA  . ILE A 1 51  ? 3.698   -8.942  5.651   1.00 9.57  ? 51   ILE A CA  1 
ATOM   355  C C   . ILE A 1 51  ? 3.347   -7.942  4.534   1.00 13.86 ? 51   ILE A C   1 
ATOM   356  O O   . ILE A 1 51  ? 2.290   -8.021  3.879   1.00 12.51 ? 51   ILE A O   1 
ATOM   357  C CB  . ILE A 1 51  ? 4.207   -10.209 5.008   1.00 15.04 ? 51   ILE A CB  1 
ATOM   358  C CG1 . ILE A 1 51  ? 4.946   -10.986 6.042   1.00 14.43 ? 51   ILE A CG1 1 
ATOM   359  C CG2 . ILE A 1 51  ? 5.208   -9.900  3.932   1.00 17.72 ? 51   ILE A CG2 1 
ATOM   360  C CD1 . ILE A 1 51  ? 4.709   -12.441 5.752   1.00 19.96 ? 51   ILE A CD1 1 
ATOM   361  N N   . VAL A 1 52  ? 4.232   -6.947  4.313   1.00 8.56  ? 52   VAL A N   1 
ATOM   362  C CA  . VAL A 1 52  ? 3.937   -5.946  3.274   1.00 12.92 ? 52   VAL A CA  1 
ATOM   363  C C   . VAL A 1 52  ? 5.051   -6.055  2.249   1.00 6.59  ? 52   VAL A C   1 
ATOM   364  O O   . VAL A 1 52  ? 6.193   -6.016  2.647   1.00 9.33  ? 52   VAL A O   1 
ATOM   365  C CB  . VAL A 1 52  ? 3.855   -4.517  3.878   1.00 16.66 ? 52   VAL A CB  1 
ATOM   366  C CG1 . VAL A 1 52  ? 3.550   -3.447  2.824   1.00 6.76  ? 52   VAL A CG1 1 
ATOM   367  C CG2 . VAL A 1 52  ? 2.681   -4.482  4.829   1.00 12.64 ? 52   VAL A CG2 1 
ATOM   368  N N   . VAL A 1 53  ? 4.753   -6.251  0.955   1.00 9.67  ? 53   VAL A N   1 
ATOM   369  C CA  . VAL A 1 53  ? 5.815   -6.364  -0.012  1.00 9.03  ? 53   VAL A CA  1 
ATOM   370  C C   . VAL A 1 53  ? 5.685   -5.231  -1.029  1.00 8.67  ? 53   VAL A C   1 
ATOM   371  O O   . VAL A 1 53  ? 4.645   -4.575  -1.104  1.00 5.45  ? 53   VAL A O   1 
ATOM   372  C CB  . VAL A 1 53  ? 5.761   -7.693  -0.768  1.00 6.52  ? 53   VAL A CB  1 
ATOM   373  C CG1 . VAL A 1 53  ? 6.002   -8.773  0.249   1.00 9.15  ? 53   VAL A CG1 1 
ATOM   374  C CG2 . VAL A 1 53  ? 4.435   -7.885  -1.486  1.00 5.26  ? 53   VAL A CG2 1 
ATOM   375  N N   . SER A 1 54  ? 6.747   -4.990  -1.825  1.00 10.74 ? 54   SER A N   1 
ATOM   376  C CA  . SER A 1 54  ? 6.618   -3.886  -2.822  1.00 5.63  ? 54   SER A CA  1 
ATOM   377  C C   . SER A 1 54  ? 5.626   -4.238  -3.903  1.00 5.72  ? 54   SER A C   1 
ATOM   378  O O   . SER A 1 54  ? 5.662   -5.310  -4.474  1.00 10.15 ? 54   SER A O   1 
ATOM   379  C CB  . SER A 1 54  ? 7.979   -3.464  -3.367  1.00 3.61  ? 54   SER A CB  1 
ATOM   380  O OG  . SER A 1 54  ? 7.724   -2.493  -4.353  1.00 9.30  ? 54   SER A OG  1 
ATOM   381  N N   . PRO A 1 55  ? 4.714   -3.341  -4.217  1.00 3.99  ? 55   PRO A N   1 
ATOM   382  C CA  . PRO A 1 55  ? 3.806   -3.645  -5.317  1.00 8.24  ? 55   PRO A CA  1 
ATOM   383  C C   . PRO A 1 55  ? 4.439   -3.294  -6.709  1.00 10.32 ? 55   PRO A C   1 
ATOM   384  O O   . PRO A 1 55  ? 3.917   -3.588  -7.742  1.00 9.70  ? 55   PRO A O   1 
ATOM   385  C CB  . PRO A 1 55  ? 2.681   -2.677  -5.148  1.00 4.91  ? 55   PRO A CB  1 
ATOM   386  C CG  . PRO A 1 55  ? 3.175   -1.548  -4.223  1.00 10.06 ? 55   PRO A CG  1 
ATOM   387  C CD  . PRO A 1 55  ? 4.446   -2.044  -3.563  1.00 6.03  ? 55   PRO A CD  1 
ATOM   388  N N   . VAL A 1 56  ? 5.577   -2.623  -6.748  1.00 10.38 ? 56   VAL A N   1 
ATOM   389  C CA  . VAL A 1 56  ? 6.187   -2.165  -8.001  1.00 7.37  ? 56   VAL A CA  1 
ATOM   390  C C   . VAL A 1 56  ? 7.723   -2.242  -8.007  1.00 11.69 ? 56   VAL A C   1 
ATOM   391  O O   . VAL A 1 56  ? 8.423   -2.381  -6.978  1.00 15.55 ? 56   VAL A O   1 
ATOM   392  C CB  . VAL A 1 56  ? 5.879   -0.647  -8.138  1.00 9.13  ? 56   VAL A CB  1 
ATOM   393  C CG1 . VAL A 1 56  ? 4.395   -0.348  -8.334  1.00 7.44  ? 56   VAL A CG1 1 
ATOM   394  C CG2 . VAL A 1 56  ? 6.554   0.274   -7.027  1.00 9.50  ? 56   VAL A CG2 1 
ATOM   395  N N   . ARG A 1 57  ? 8.298   -2.092  -9.214  1.00 10.19 ? 57   ARG A N   1 
ATOM   396  C CA  . ARG A 1 57  ? 9.770   -1.901  -9.325  1.00 7.95  ? 57   ARG A CA  1 
ATOM   397  C C   . ARG A 1 57  ? 9.938   -0.346  -9.092  1.00 11.36 ? 57   ARG A C   1 
ATOM   398  O O   . ARG A 1 57  ? 9.255   0.504   -9.721  1.00 15.03 ? 57   ARG A O   1 
ATOM   399  C CB  . ARG A 1 57  ? 10.148  -2.326  -10.754 1.00 12.34 ? 57   ARG A CB  1 
ATOM   400  C CG  . ARG A 1 57  ? 11.314  -1.651  -11.510 1.00 40.91 ? 57   ARG A CG  1 
ATOM   401  C CD  . ARG A 1 57  ? 12.328  -2.661  -12.046 1.00 62.68 ? 57   ARG A CD  1 
ATOM   402  N NE  . ARG A 1 57  ? 13.278  -3.018  -10.973 1.00 66.10 ? 57   ARG A NE  1 
ATOM   403  C CZ  . ARG A 1 57  ? 14.643  -3.114  -10.999 1.00 71.51 ? 57   ARG A CZ  1 
ATOM   404  N NH1 . ARG A 1 57  ? 15.409  -2.926  -12.097 1.00 72.53 ? 57   ARG A NH1 1 
ATOM   405  N NH2 . ARG A 1 57  ? 15.290  -3.431  -9.858  1.00 72.56 ? 57   ARG A NH2 1 
ATOM   406  N N   . GLY A 1 58  ? 10.719  0.080   -8.153  1.00 9.81  ? 58   GLY A N   1 
ATOM   407  C CA  . GLY A 1 58  ? 10.745  1.533   -7.959  1.00 8.95  ? 58   GLY A CA  1 
ATOM   408  C C   . GLY A 1 58  ? 11.698  1.866   -6.831  1.00 12.61 ? 58   GLY A C   1 
ATOM   409  O O   . GLY A 1 58  ? 12.712  1.210   -6.668  1.00 14.09 ? 58   GLY A O   1 
ATOM   410  N N   . LYS A 1 59  ? 11.444  2.941   -6.088  1.00 12.92 ? 59   LYS A N   1 
ATOM   411  C CA  . LYS A 1 59  ? 12.387  3.430   -5.060  1.00 13.49 ? 59   LYS A CA  1 
ATOM   412  C C   . LYS A 1 59  ? 11.661  3.835   -3.778  1.00 12.18 ? 59   LYS A C   1 
ATOM   413  O O   . LYS A 1 59  ? 10.546  4.359   -3.812  1.00 11.77 ? 59   LYS A O   1 
ATOM   414  C CB  . LYS A 1 59  ? 13.052  4.723   -5.646  1.00 16.96 ? 59   LYS A CB  1 
ATOM   415  C CG  . LYS A 1 59  ? 14.136  5.422   -4.794  1.00 64.26 ? 59   LYS A CG  1 
ATOM   416  C CD  . LYS A 1 59  ? 14.218  6.960   -4.947  1.00 50.50 ? 59   LYS A CD  1 
ATOM   417  C CE  . LYS A 1 59  ? 15.385  7.668   -4.216  1.00 80.00 ? 59   LYS A CE  1 
ATOM   418  N NZ  . LYS A 1 59  ? 15.062  8.435   -2.975  1.00 70.85 ? 59   LYS A NZ  1 
ATOM   419  N N   . ILE A 1 60  ? 12.316  3.639   -2.662  1.00 11.29 ? 60   ILE A N   1 
ATOM   420  C CA  . ILE A 1 60  ? 11.697  3.965   -1.422  1.00 9.45  ? 60   ILE A CA  1 
ATOM   421  C C   . ILE A 1 60  ? 11.917  5.414   -1.160  1.00 10.97 ? 60   ILE A C   1 
ATOM   422  O O   . ILE A 1 60  ? 13.043  5.819   -1.078  1.00 11.34 ? 60   ILE A O   1 
ATOM   423  C CB  . ILE A 1 60  ? 12.262  3.204   -0.271  1.00 7.59  ? 60   ILE A CB  1 
ATOM   424  C CG1 . ILE A 1 60  ? 12.101  1.693   -0.425  1.00 7.47  ? 60   ILE A CG1 1 
ATOM   425  C CG2 . ILE A 1 60  ? 11.612  3.695   1.007   1.00 6.11  ? 60   ILE A CG2 1 
ATOM   426  C CD1 . ILE A 1 60  ? 10.655  1.258   -0.531  1.00 5.52  ? 60   ILE A CD1 1 
ATOM   427  N N   . LEU A 1 61  ? 10.890  6.161   -0.909  1.00 9.69  ? 61   LEU A N   1 
ATOM   428  C CA  . LEU A 1 61  ? 11.144  7.569   -0.641  1.00 13.32 ? 61   LEU A CA  1 
ATOM   429  C C   . LEU A 1 61  ? 11.172  7.936   0.791   1.00 14.89 ? 61   LEU A C   1 
ATOM   430  O O   . LEU A 1 61  ? 11.774  8.919   1.129   1.00 15.09 ? 61   LEU A O   1 
ATOM   431  C CB  . LEU A 1 61  ? 10.031  8.464   -1.217  1.00 11.47 ? 61   LEU A CB  1 
ATOM   432  C CG  . LEU A 1 61  ? 9.892   8.396   -2.757  1.00 17.58 ? 61   LEU A CG  1 
ATOM   433  C CD1 . LEU A 1 61  ? 8.546   8.964   -3.209  1.00 19.94 ? 61   LEU A CD1 1 
ATOM   434  C CD2 . LEU A 1 61  ? 11.063  9.032   -3.516  1.00 18.01 ? 61   LEU A CD2 1 
ATOM   435  N N   . ASN A 1 62  ? 10.408  7.237   1.621   1.00 10.36 ? 62   ASN A N   1 
ATOM   436  C CA  . ASN A 1 62  ? 10.244  7.662   2.987   1.00 7.84  ? 62   ASN A CA  1 
ATOM   437  C C   . ASN A 1 62  ? 9.755   6.474   3.820   1.00 12.00 ? 62   ASN A C   1 
ATOM   438  O O   . ASN A 1 62  ? 8.860   5.741   3.457   1.00 11.78 ? 62   ASN A O   1 
ATOM   439  C CB  . ASN A 1 62  ? 9.118   8.792   2.982   1.00 12.92 ? 62   ASN A CB  1 
ATOM   440  C CG  . ASN A 1 62  ? 8.641   9.388   4.346   1.00 18.71 ? 62   ASN A CG  1 
ATOM   441  O OD1 . ASN A 1 62  ? 9.226   9.144   5.403   1.00 33.28 ? 62   ASN A OD1 1 
ATOM   442  N ND2 . ASN A 1 62  ? 7.468   10.001  4.385   1.00 31.51 ? 62   ASN A ND2 1 
ATOM   443  N N   . VAL A 1 63  ? 10.374  6.251   4.934   1.00 11.75 ? 63   VAL A N   1 
ATOM   444  C CA  . VAL A 1 63  ? 9.977   5.216   5.854   1.00 11.60 ? 63   VAL A CA  1 
ATOM   445  C C   . VAL A 1 63  ? 9.585   6.023   7.110   1.00 12.43 ? 63   VAL A C   1 
ATOM   446  O O   . VAL A 1 63  ? 10.424  6.741   7.697   1.00 10.08 ? 63   VAL A O   1 
ATOM   447  C CB  . VAL A 1 63  ? 11.069  4.175   6.146   1.00 5.82  ? 63   VAL A CB  1 
ATOM   448  C CG1 . VAL A 1 63  ? 10.475  3.129   7.054   1.00 13.23 ? 63   VAL A CG1 1 
ATOM   449  C CG2 . VAL A 1 63  ? 11.583  3.446   4.914   1.00 7.99  ? 63   VAL A CG2 1 
ATOM   450  N N   . PHE A 1 64  ? 8.320   6.048   7.501   1.00 11.89 ? 64   PHE A N   1 
ATOM   451  C CA  . PHE A 1 64  ? 7.919   6.775   8.747   1.00 10.52 ? 64   PHE A CA  1 
ATOM   452  C C   . PHE A 1 64  ? 8.766   6.222   9.940   1.00 13.13 ? 64   PHE A C   1 
ATOM   453  O O   . PHE A 1 64  ? 9.089   4.973   10.027  1.00 9.16  ? 64   PHE A O   1 
ATOM   454  C CB  . PHE A 1 64  ? 6.432   6.450   9.081   1.00 6.51  ? 64   PHE A CB  1 
ATOM   455  C CG  . PHE A 1 64  ? 5.463   7.228   8.265   1.00 9.13  ? 64   PHE A CG  1 
ATOM   456  C CD1 . PHE A 1 64  ? 5.864   7.698   7.017   1.00 9.39  ? 64   PHE A CD1 1 
ATOM   457  C CD2 . PHE A 1 64  ? 4.174   7.510   8.705   1.00 10.74 ? 64   PHE A CD2 1 
ATOM   458  C CE1 . PHE A 1 64  ? 5.012   8.483   6.243   1.00 9.31  ? 64   PHE A CE1 1 
ATOM   459  C CE2 . PHE A 1 64  ? 3.300   8.252   7.907   1.00 12.64 ? 64   PHE A CE2 1 
ATOM   460  C CZ  . PHE A 1 64  ? 3.715   8.757   6.667   1.00 7.05  ? 64   PHE A CZ  1 
ATOM   461  N N   . PRO A 1 65  ? 9.029   7.079   10.972  1.00 13.99 ? 65   PRO A N   1 
ATOM   462  C CA  . PRO A 1 65  ? 9.799   6.659   12.156  1.00 9.28  ? 65   PRO A CA  1 
ATOM   463  C C   . PRO A 1 65  ? 9.237   5.475   12.937  1.00 9.12  ? 65   PRO A C   1 
ATOM   464  O O   . PRO A 1 65  ? 10.023  4.654   13.495  1.00 11.36 ? 65   PRO A O   1 
ATOM   465  C CB  . PRO A 1 65  ? 9.894   7.920   13.052  1.00 13.01 ? 65   PRO A CB  1 
ATOM   466  C CG  . PRO A 1 65  ? 9.541   9.070   12.158  1.00 10.44 ? 65   PRO A CG  1 
ATOM   467  C CD  . PRO A 1 65  ? 8.594   8.501   11.133  1.00 11.67 ? 65   PRO A CD  1 
ATOM   468  N N   . THR A 1 66  ? 7.890   5.418   13.018  1.00 11.26 ? 66   THR A N   1 
ATOM   469  C CA  . THR A 1 66  ? 7.112   4.374   13.603  1.00 8.16  ? 66   THR A CA  1 
ATOM   470  C C   . THR A 1 66  ? 7.055   3.151   12.727  1.00 8.76  ? 66   THR A C   1 
ATOM   471  O O   . THR A 1 66  ? 6.513   2.170   13.178  1.00 6.45  ? 66   THR A O   1 
ATOM   472  C CB  . THR A 1 66  ? 5.711   4.824   13.977  1.00 8.40  ? 66   THR A CB  1 
ATOM   473  O OG1 . THR A 1 66  ? 5.129   5.496   12.901  1.00 13.18 ? 66   THR A OG1 1 
ATOM   474  C CG2 . THR A 1 66  ? 5.835   5.815   15.109  1.00 9.47  ? 66   THR A CG2 1 
ATOM   475  N N   . LYS A 1 67  ? 7.586   3.215   11.489  1.00 7.22  ? 67   LYS A N   1 
ATOM   476  C CA  . LYS A 1 67  ? 7.670   2.049   10.601  1.00 8.22  ? 67   LYS A CA  1 
ATOM   477  C C   . LYS A 1 67  ? 6.312   1.415   10.149  1.00 12.61 ? 67   LYS A C   1 
ATOM   478  O O   . LYS A 1 67  ? 6.276   0.267   9.657   1.00 13.30 ? 67   LYS A O   1 
ATOM   479  C CB  . LYS A 1 67  ? 8.490   0.885   11.137  1.00 7.04  ? 67   LYS A CB  1 
ATOM   480  C CG  . LYS A 1 67  ? 9.887   1.098   11.714  1.00 12.66 ? 67   LYS A CG  1 
ATOM   481  C CD  . LYS A 1 67  ? 10.834  1.760   10.761  1.00 25.38 ? 67   LYS A CD  1 
ATOM   482  C CE  . LYS A 1 67  ? 12.080  2.264   11.471  1.00 75.51 ? 67   LYS A CE  1 
ATOM   483  N NZ  . LYS A 1 67  ? 12.519  3.586   10.969  1.00 63.82 ? 67   LYS A NZ  1 
ATOM   484  N N   . HIS A 1 68  ? 5.219   2.168   10.283  1.00 8.85  ? 68   HIS A N   1 
ATOM   485  C CA  . HIS A 1 68  ? 3.925   1.710   9.901   1.00 6.39  ? 68   HIS A CA  1 
ATOM   486  C C   . HIS A 1 68  ? 3.488   2.225   8.507   1.00 3.90  ? 68   HIS A C   1 
ATOM   487  O O   . HIS A 1 68  ? 2.420   1.868   8.008   1.00 6.91  ? 68   HIS A O   1 
ATOM   488  C CB  . HIS A 1 68  ? 2.943   2.101   11.011  1.00 6.49  ? 68   HIS A CB  1 
ATOM   489  C CG  . HIS A 1 68  ? 2.507   3.567   10.998  1.00 4.91  ? 68   HIS A CG  1 
ATOM   490  N ND1 . HIS A 1 68  ? 3.150   4.532   11.726  1.00 8.55  ? 68   HIS A ND1 1 
ATOM   491  C CD2 . HIS A 1 68  ? 1.446   4.153   10.367  1.00 5.32  ? 68   HIS A CD2 1 
ATOM   492  C CE1 . HIS A 1 68  ? 2.514   5.660   11.468  1.00 9.72  ? 68   HIS A CE1 1 
ATOM   493  N NE2 . HIS A 1 68  ? 1.475   5.474   10.650  1.00 8.40  ? 68   HIS A NE2 1 
ATOM   494  N N   . ALA A 1 69  ? 4.183   3.129   7.888   1.00 4.66  ? 69   ALA A N   1 
ATOM   495  C CA  . ALA A 1 69  ? 3.792   3.602   6.596   1.00 2.00  ? 69   ALA A CA  1 
ATOM   496  C C   . ALA A 1 69  ? 5.051   3.797   5.808   1.00 8.28  ? 69   ALA A C   1 
ATOM   497  O O   . ALA A 1 69  ? 6.121   4.092   6.346   1.00 8.69  ? 69   ALA A O   1 
ATOM   498  C CB  . ALA A 1 69  ? 3.068   4.944   6.678   1.00 6.03  ? 69   ALA A CB  1 
ATOM   499  N N   . ILE A 1 70  ? 4.984   3.587   4.518   1.00 9.17  ? 70   ILE A N   1 
ATOM   500  C CA  . ILE A 1 70  ? 6.154   3.673   3.604   1.00 8.76  ? 70   ILE A CA  1 
ATOM   501  C C   . ILE A 1 70  ? 5.724   4.436   2.364   1.00 10.79 ? 70   ILE A C   1 
ATOM   502  O O   . ILE A 1 70  ? 4.597   4.305   1.916   1.00 7.30  ? 70   ILE A O   1 
ATOM   503  C CB  . ILE A 1 70  ? 6.689   2.307   3.032   1.00 13.00 ? 70   ILE A CB  1 
ATOM   504  C CG1 . ILE A 1 70  ? 6.971   1.219   4.069   1.00 22.15 ? 70   ILE A CG1 1 
ATOM   505  C CG2 . ILE A 1 70  ? 8.015   2.458   2.269   1.00 11.54 ? 70   ILE A CG2 1 
ATOM   506  C CD1 . ILE A 1 70  ? 8.261   0.430   3.743   1.00 38.82 ? 70   ILE A CD1 1 
ATOM   507  N N   . GLY A 1 71  ? 6.610   5.269   1.786   1.00 9.42  ? 71   GLY A N   1 
ATOM   508  C CA  . GLY A 1 71  ? 6.259   6.002   0.590   1.00 6.33  ? 71   GLY A CA  1 
ATOM   509  C C   . GLY A 1 71  ? 7.163   5.462   -0.512  1.00 10.24 ? 71   GLY A C   1 
ATOM   510  O O   . GLY A 1 71  ? 8.392   5.272   -0.349  1.00 12.10 ? 71   GLY A O   1 
ATOM   511  N N   . LEU A 1 72  ? 6.572   5.201   -1.685  1.00 12.20 ? 72   LEU A N   1 
ATOM   512  C CA  . LEU A 1 72  ? 7.458   4.703   -2.736  1.00 13.56 ? 72   LEU A CA  1 
ATOM   513  C C   . LEU A 1 72  ? 7.158   5.419   -4.016  1.00 7.23  ? 72   LEU A C   1 
ATOM   514  O O   . LEU A 1 72  ? 6.099   6.046   -4.132  1.00 10.34 ? 72   LEU A O   1 
ATOM   515  C CB  . LEU A 1 72  ? 7.203   3.227   -3.132  1.00 13.18 ? 72   LEU A CB  1 
ATOM   516  C CG  . LEU A 1 72  ? 6.993   2.148   -2.111  1.00 25.36 ? 72   LEU A CG  1 
ATOM   517  C CD1 . LEU A 1 72  ? 5.527   1.884   -1.869  1.00 19.53 ? 72   LEU A CD1 1 
ATOM   518  C CD2 . LEU A 1 72  ? 7.457   0.927   -2.848  1.00 22.11 ? 72   LEU A CD2 1 
ATOM   519  N N   . GLN A 1 73  ? 8.097   5.298   -4.958  1.00 9.82  ? 73   GLN A N   1 
ATOM   520  C CA  . GLN A 1 73  ? 7.861   5.850   -6.286  1.00 8.03  ? 73   GLN A CA  1 
ATOM   521  C C   . GLN A 1 73  ? 8.280   4.764   -7.289  1.00 11.85 ? 73   GLN A C   1 
ATOM   522  O O   . GLN A 1 73  ? 9.361   4.174   -7.172  1.00 8.39  ? 73   GLN A O   1 
ATOM   523  C CB  . GLN A 1 73  ? 8.608   7.145   -6.515  1.00 13.17 ? 73   GLN A CB  1 
ATOM   524  C CG  . GLN A 1 73  ? 8.499   7.592   -7.986  1.00 17.11 ? 73   GLN A CG  1 
ATOM   525  C CD  . GLN A 1 73  ? 9.089   8.978   -8.102  1.00 43.66 ? 73   GLN A CD  1 
ATOM   526  O OE1 . GLN A 1 73  ? 10.161  9.218   -7.530  1.00 49.95 ? 73   GLN A OE1 1 
ATOM   527  N NE2 . GLN A 1 73  ? 8.298   9.926   -8.621  1.00 51.91 ? 73   GLN A NE2 1 
ATOM   528  N N   . SER A 1 74  ? 7.352   4.425   -8.174  1.00 11.57 ? 74   SER A N   1 
ATOM   529  C CA  . SER A 1 74  ? 7.570   3.426   -9.204  1.00 11.99 ? 74   SER A CA  1 
ATOM   530  C C   . SER A 1 74  ? 8.464   3.960   -10.292 1.00 14.24 ? 74   SER A C   1 
ATOM   531  O O   . SER A 1 74  ? 8.420   5.158   -10.488 1.00 12.02 ? 74   SER A O   1 
ATOM   532  C CB  . SER A 1 74  ? 6.231   3.084   -9.824  1.00 7.76  ? 74   SER A CB  1 
ATOM   533  O OG  . SER A 1 74  ? 5.619   3.949   -10.783 1.00 7.15  ? 74   SER A OG  1 
ATOM   534  N N   . ASP A 1 75  ? 9.197   3.086   -11.012 1.00 15.04 ? 75   ASP A N   1 
ATOM   535  C CA  . ASP A 1 75  ? 9.989   3.540   -12.134 1.00 9.80  ? 75   ASP A CA  1 
ATOM   536  C C   . ASP A 1 75  ? 9.139   4.306   -13.045 1.00 16.40 ? 75   ASP A C   1 
ATOM   537  O O   . ASP A 1 75  ? 9.586   5.299   -13.616 1.00 19.57 ? 75   ASP A O   1 
ATOM   538  C CB  . ASP A 1 75  ? 10.745  2.473   -12.871 1.00 7.41  ? 75   ASP A CB  1 
ATOM   539  C CG  . ASP A 1 75  ? 11.808  2.148   -11.947 1.00 23.90 ? 75   ASP A CG  1 
ATOM   540  O OD1 . ASP A 1 75  ? 11.978  2.859   -10.989 1.00 22.76 ? 75   ASP A OD1 1 
ATOM   541  O OD2 . ASP A 1 75  ? 12.495  1.090   -12.272 1.00 26.02 ? 75   ASP A OD2 1 
ATOM   542  N N   . GLY A 1 76  ? 7.877   3.980   -13.157 1.00 14.67 ? 76   GLY A N   1 
ATOM   543  C CA  . GLY A 1 76  ? 7.069   4.836   -14.078 1.00 16.48 ? 76   GLY A CA  1 
ATOM   544  C C   . GLY A 1 76  ? 6.634   6.236   -13.576 1.00 20.28 ? 76   GLY A C   1 
ATOM   545  O O   . GLY A 1 76  ? 5.921   6.958   -14.276 1.00 20.86 ? 76   GLY A O   1 
ATOM   546  N N   . GLY A 1 77  ? 7.011   6.605   -12.341 1.00 22.55 ? 77   GLY A N   1 
ATOM   547  C CA  . GLY A 1 77  ? 6.717   7.903   -11.736 1.00 20.00 ? 77   GLY A CA  1 
ATOM   548  C C   . GLY A 1 77  ? 5.507   8.071   -10.812 1.00 17.10 ? 77   GLY A C   1 
ATOM   549  O O   . GLY A 1 77  ? 5.175   9.214   -10.446 1.00 17.88 ? 77   GLY A O   1 
ATOM   550  N N   . ARG A 1 78  ? 4.821   6.990   -10.430 1.00 14.16 ? 78   ARG A N   1 
ATOM   551  C CA  . ARG A 1 78  ? 3.693   7.217   -9.563  1.00 15.17 ? 78   ARG A CA  1 
ATOM   552  C C   . ARG A 1 78  ? 4.159   7.159   -8.146  1.00 13.30 ? 78   ARG A C   1 
ATOM   553  O O   . ARG A 1 78  ? 4.931   6.238   -7.868  1.00 12.84 ? 78   ARG A O   1 
ATOM   554  C CB  . ARG A 1 78  ? 2.698   6.127   -9.712  1.00 13.13 ? 78   ARG A CB  1 
ATOM   555  C CG  . ARG A 1 78  ? 1.694   6.540   -10.714 1.00 24.02 ? 78   ARG A CG  1 
ATOM   556  C CD  . ARG A 1 78  ? 1.248   5.269   -11.322 1.00 25.67 ? 78   ARG A CD  1 
ATOM   557  N NE  . ARG A 1 78  ? 0.311   5.419   -12.455 1.00 32.14 ? 78   ARG A NE  1 
ATOM   558  C CZ  . ARG A 1 78  ? -0.370  6.470   -13.001 1.00 35.30 ? 78   ARG A CZ  1 
ATOM   559  N NH1 . ARG A 1 78  ? -0.365  7.742   -12.587 1.00 31.64 ? 78   ARG A NH1 1 
ATOM   560  N NH2 . ARG A 1 78  ? -1.123  6.184   -14.075 1.00 39.35 ? 78   ARG A NH2 1 
ATOM   561  N N   . GLU A 1 79  ? 3.715   8.114   -7.324  1.00 12.09 ? 79   GLU A N   1 
ATOM   562  C CA  . GLU A 1 79  ? 4.055   8.050   -5.941  1.00 10.93 ? 79   GLU A CA  1 
ATOM   563  C C   . GLU A 1 79  ? 2.937   7.365   -5.186  1.00 8.45  ? 79   GLU A C   1 
ATOM   564  O O   . GLU A 1 79  ? 1.773   7.677   -5.401  1.00 10.96 ? 79   GLU A O   1 
ATOM   565  C CB  . GLU A 1 79  ? 4.273   9.425   -5.412  1.00 8.97  ? 79   GLU A CB  1 
ATOM   566  C CG  . GLU A 1 79  ? 5.605   9.781   -6.082  1.00 21.37 ? 79   GLU A CG  1 
ATOM   567  C CD  . GLU A 1 79  ? 6.028   11.191  -5.760  1.00 67.91 ? 79   GLU A CD  1 
ATOM   568  O OE1 . GLU A 1 79  ? 5.592   11.783  -4.789  1.00 35.16 ? 79   GLU A OE1 1 
ATOM   569  O OE2 . GLU A 1 79  ? 6.872   11.729  -6.638  1.00 36.87 ? 79   GLU A OE2 1 
ATOM   570  N N   . ILE A 1 80  ? 3.332   6.450   -4.282  1.00 10.36 ? 80   ILE A N   1 
ATOM   571  C CA  . ILE A 1 80  ? 2.385   5.635   -3.559  1.00 8.45  ? 80   ILE A CA  1 
ATOM   572  C C   . ILE A 1 80  ? 2.673   5.698   -2.090  1.00 9.21  ? 80   ILE A C   1 
ATOM   573  O O   . ILE A 1 80  ? 3.817   5.734   -1.662  1.00 9.44  ? 80   ILE A O   1 
ATOM   574  C CB  . ILE A 1 80  ? 2.646   4.167   -4.038  1.00 13.37 ? 80   ILE A CB  1 
ATOM   575  C CG1 . ILE A 1 80  ? 2.536   4.099   -5.574  1.00 10.83 ? 80   ILE A CG1 1 
ATOM   576  C CG2 . ILE A 1 80  ? 1.663   3.176   -3.368  1.00 12.17 ? 80   ILE A CG2 1 
ATOM   577  C CD1 . ILE A 1 80  ? 3.252   2.935   -6.214  1.00 11.71 ? 80   ILE A CD1 1 
ATOM   578  N N   . LEU A 1 81  ? 1.640   5.744   -1.289  1.00 9.93  ? 81   LEU A N   1 
ATOM   579  C CA  . LEU A 1 81  ? 1.918   5.708   0.160   1.00 9.68  ? 81   LEU A CA  1 
ATOM   580  C C   . LEU A 1 81  ? 1.186   4.491   0.696   1.00 8.58  ? 81   LEU A C   1 
ATOM   581  O O   . LEU A 1 81  ? 0.024   4.330   0.336   1.00 6.23  ? 81   LEU A O   1 
ATOM   582  C CB  . LEU A 1 81  ? 1.283   6.933   0.863   1.00 4.29  ? 81   LEU A CB  1 
ATOM   583  C CG  . LEU A 1 81  ? 1.323   6.843   2.406   1.00 7.87  ? 81   LEU A CG  1 
ATOM   584  C CD1 . LEU A 1 81  ? 2.642   7.231   2.956   1.00 6.37  ? 81   LEU A CD1 1 
ATOM   585  C CD2 . LEU A 1 81  ? 0.407   7.900   2.901   1.00 9.50  ? 81   LEU A CD2 1 
ATOM   586  N N   . ILE A 1 82  ? 1.787   3.643   1.470   1.00 4.71  ? 82   ILE A N   1 
ATOM   587  C CA  . ILE A 1 82  ? 1.086   2.518   2.012   1.00 5.73  ? 82   ILE A CA  1 
ATOM   588  C C   . ILE A 1 82  ? 1.058   2.791   3.517   1.00 6.56  ? 82   ILE A C   1 
ATOM   589  O O   . ILE A 1 82  ? 2.093   2.990   4.124   1.00 8.91  ? 82   ILE A O   1 
ATOM   590  C CB  . ILE A 1 82  ? 1.868   1.272   1.765   1.00 6.40  ? 82   ILE A CB  1 
ATOM   591  C CG1 . ILE A 1 82  ? 1.827   0.945   0.254   1.00 3.43  ? 82   ILE A CG1 1 
ATOM   592  C CG2 . ILE A 1 82  ? 1.195   0.226   2.631   1.00 13.40 ? 82   ILE A CG2 1 
ATOM   593  C CD1 . ILE A 1 82  ? 2.787   -0.214  -0.117  1.00 15.22 ? 82   ILE A CD1 1 
ATOM   594  N N   . HIS A 1 83  ? -0.091  2.931   4.107   1.00 3.96  ? 83   HIS A N   1 
ATOM   595  C CA  . HIS A 1 83  ? -0.122  3.291   5.538   1.00 4.77  ? 83   HIS A CA  1 
ATOM   596  C C   . HIS A 1 83  ? -0.812  2.180   6.217   1.00 6.06  ? 83   HIS A C   1 
ATOM   597  O O   . HIS A 1 83  ? -2.016  1.979   6.084   1.00 9.53  ? 83   HIS A O   1 
ATOM   598  C CB  . HIS A 1 83  ? -0.948  4.556   5.668   1.00 6.87  ? 83   HIS A CB  1 
ATOM   599  C CG  . HIS A 1 83  ? -1.110  5.065   7.060   1.00 6.83  ? 83   HIS A CG  1 
ATOM   600  N ND1 . HIS A 1 83  ? -2.078  4.570   7.931   1.00 8.52  ? 83   HIS A ND1 1 
ATOM   601  C CD2 . HIS A 1 83  ? -0.425  6.009   7.730   1.00 8.20  ? 83   HIS A CD2 1 
ATOM   602  C CE1 . HIS A 1 83  ? -2.017  5.267   9.052   1.00 10.93 ? 83   HIS A CE1 1 
ATOM   603  N NE2 . HIS A 1 83  ? -1.034  6.135   8.980   1.00 11.32 ? 83   HIS A NE2 1 
ATOM   604  N N   . PHE A 1 84  ? -0.066  1.403   6.979   1.00 7.04  ? 84   PHE A N   1 
ATOM   605  C CA  . PHE A 1 84  ? -0.677  0.264   7.599   1.00 5.72  ? 84   PHE A CA  1 
ATOM   606  C C   . PHE A 1 84  ? -1.579  0.555   8.786   1.00 8.21  ? 84   PHE A C   1 
ATOM   607  O O   . PHE A 1 84  ? -1.160  1.130   9.789   1.00 7.92  ? 84   PHE A O   1 
ATOM   608  C CB  . PHE A 1 84  ? 0.393   -0.777  7.945   1.00 8.50  ? 84   PHE A CB  1 
ATOM   609  C CG  . PHE A 1 84  ? -0.157  -2.185  8.226   1.00 13.90 ? 84   PHE A CG  1 
ATOM   610  C CD1 . PHE A 1 84  ? -0.822  -2.425  9.438   1.00 18.13 ? 84   PHE A CD1 1 
ATOM   611  C CD2 . PHE A 1 84  ? 0.156   -3.245  7.376   1.00 14.65 ? 84   PHE A CD2 1 
ATOM   612  C CE1 . PHE A 1 84  ? -1.244  -3.717  9.757   1.00 17.67 ? 84   PHE A CE1 1 
ATOM   613  C CE2 . PHE A 1 84  ? -0.262  -4.558  7.680   1.00 13.26 ? 84   PHE A CE2 1 
ATOM   614  C CZ  . PHE A 1 84  ? -0.975  -4.757  8.858   1.00 16.15 ? 84   PHE A CZ  1 
ATOM   615  N N   . GLY A 1 85  ? -2.828  0.180   8.664   1.00 3.11  ? 85   GLY A N   1 
ATOM   616  C CA  . GLY A 1 85  ? -3.767  0.307   9.740   1.00 7.31  ? 85   GLY A CA  1 
ATOM   617  C C   . GLY A 1 85  ? -4.313  1.712   9.901   1.00 10.94 ? 85   GLY A C   1 
ATOM   618  O O   . GLY A 1 85  ? -3.910  2.608   9.167   1.00 7.40  ? 85   GLY A O   1 
ATOM   619  N N   . ILE A 1 86  ? -5.265  1.903   10.829  1.00 10.21 ? 86   ILE A N   1 
ATOM   620  C CA  . ILE A 1 86  ? -5.887  3.217   11.026  1.00 9.66  ? 86   ILE A CA  1 
ATOM   621  C C   . ILE A 1 86  ? -5.412  3.646   12.422  1.00 10.81 ? 86   ILE A C   1 
ATOM   622  O O   . ILE A 1 86  ? -5.458  2.810   13.351  1.00 8.42  ? 86   ILE A O   1 
ATOM   623  C CB  . ILE A 1 86  ? -7.438  3.158   11.044  1.00 9.68  ? 86   ILE A CB  1 
ATOM   624  C CG1 . ILE A 1 86  ? -7.957  2.681   9.746   1.00 11.84 ? 86   ILE A CG1 1 
ATOM   625  C CG2 . ILE A 1 86  ? -7.998  4.557   11.192  1.00 12.47 ? 86   ILE A CG2 1 
ATOM   626  C CD1 . ILE A 1 86  ? -7.423  3.725   8.811   1.00 13.10 ? 86   ILE A CD1 1 
ATOM   627  N N   . ASP A 1 87  ? -4.961  4.892   12.563  1.00 11.12 ? 87   ASP A N   1 
ATOM   628  C CA  . ASP A 1 87  ? -4.481  5.475   13.831  1.00 10.32 ? 87   ASP A CA  1 
ATOM   629  C C   . ASP A 1 87  ? -3.351  4.604   14.483  1.00 13.97 ? 87   ASP A C   1 
ATOM   630  O O   . ASP A 1 87  ? -3.431  4.197   15.649  1.00 8.75  ? 87   ASP A O   1 
ATOM   631  C CB  . ASP A 1 87  ? -5.698  5.583   14.803  1.00 4.76  ? 87   ASP A CB  1 
ATOM   632  C CG  . ASP A 1 87  ? -6.705  6.682   14.635  1.00 12.92 ? 87   ASP A CG  1 
ATOM   633  O OD1 . ASP A 1 87  ? -6.581  7.462   13.588  1.00 12.52 ? 87   ASP A OD1 1 
ATOM   634  O OD2 . ASP A 1 87  ? -7.545  6.906   15.466  1.00 10.70 ? 87   ASP A OD2 1 
ATOM   635  N N   . THR A 1 88  ? -2.328  4.265   13.708  1.00 8.99  ? 88   THR A N   1 
ATOM   636  C CA  . THR A 1 88  ? -1.320  3.418   14.196  1.00 6.40  ? 88   THR A CA  1 
ATOM   637  C C   . THR A 1 88  ? -0.128  4.201   14.671  1.00 6.28  ? 88   THR A C   1 
ATOM   638  O O   . THR A 1 88  ? 0.746   3.609   15.254  1.00 7.14  ? 88   THR A O   1 
ATOM   639  C CB  . THR A 1 88  ? -0.930  2.301   13.156  1.00 12.21 ? 88   THR A CB  1 
ATOM   640  O OG1 . THR A 1 88  ? -1.140  2.871   11.901  1.00 17.04 ? 88   THR A OG1 1 
ATOM   641  C CG2 . THR A 1 88  ? -2.019  1.228   13.130  1.00 21.03 ? 88   THR A CG2 1 
ATOM   642  N N   . VAL A 1 89  ? -0.078  5.524   14.503  1.00 6.04  ? 89   VAL A N   1 
ATOM   643  C CA  . VAL A 1 89  ? 1.124   6.159   14.991  1.00 4.50  ? 89   VAL A CA  1 
ATOM   644  C C   . VAL A 1 89  ? 1.080   6.077   16.514  1.00 8.58  ? 89   VAL A C   1 
ATOM   645  O O   . VAL A 1 89  ? 2.095   6.068   17.217  1.00 14.62 ? 89   VAL A O   1 
ATOM   646  C CB  . VAL A 1 89  ? 1.240   7.603   14.517  1.00 2.50  ? 89   VAL A CB  1 
ATOM   647  C CG1 . VAL A 1 89  ? 0.341   8.567   15.259  1.00 9.86  ? 89   VAL A CG1 1 
ATOM   648  C CG2 . VAL A 1 89  ? 2.643   8.176   14.654  1.00 6.12  ? 89   VAL A CG2 1 
ATOM   649  N N   . SER A 1 90  ? -0.058  5.968   17.043  1.00 9.58  ? 90   SER A N   1 
ATOM   650  C CA  . SER A 1 90  ? -0.200  5.810   18.519  1.00 15.39 ? 90   SER A CA  1 
ATOM   651  C C   . SER A 1 90  ? 0.604   4.652   19.093  1.00 12.79 ? 90   SER A C   1 
ATOM   652  O O   . SER A 1 90  ? 0.857   4.592   20.285  1.00 10.95 ? 90   SER A O   1 
ATOM   653  C CB  . SER A 1 90  ? -1.638  5.434   18.877  1.00 16.25 ? 90   SER A CB  1 
ATOM   654  O OG  . SER A 1 90  ? -2.527  6.501   18.701  1.00 21.35 ? 90   SER A OG  1 
ATOM   655  N N   . LEU A 1 91  ? 0.910   3.666   18.286  1.00 9.85  ? 91   LEU A N   1 
ATOM   656  C CA  . LEU A 1 91  ? 1.622   2.526   18.777  1.00 12.72 ? 91   LEU A CA  1 
ATOM   657  C C   . LEU A 1 91  ? 3.095   2.788   18.875  1.00 14.59 ? 91   LEU A C   1 
ATOM   658  O O   . LEU A 1 91  ? 3.835   1.910   19.297  1.00 12.42 ? 91   LEU A O   1 
ATOM   659  C CB  . LEU A 1 91  ? 1.439   1.317   17.847  1.00 9.69  ? 91   LEU A CB  1 
ATOM   660  C CG  . LEU A 1 91  ? 0.220   0.435   18.116  1.00 15.21 ? 91   LEU A CG  1 
ATOM   661  C CD1 . LEU A 1 91  ? -1.036  1.253   18.129  1.00 15.59 ? 91   LEU A CD1 1 
ATOM   662  C CD2 . LEU A 1 91  ? 0.085   -0.618  17.032  1.00 17.86 ? 91   LEU A CD2 1 
ATOM   663  N N   . LYS A 1 92  ? 3.539   3.936   18.438  1.00 10.33 ? 92   LYS A N   1 
ATOM   664  C CA  . LYS A 1 92  ? 4.971   4.235   18.491  1.00 13.00 ? 92   LYS A CA  1 
ATOM   665  C C   . LYS A 1 92  ? 5.875   3.175   17.940  1.00 15.68 ? 92   LYS A C   1 
ATOM   666  O O   . LYS A 1 92  ? 6.969   3.012   18.481  1.00 16.64 ? 92   LYS A O   1 
ATOM   667  C CB  . LYS A 1 92  ? 5.518   4.627   19.883  1.00 11.47 ? 92   LYS A CB  1 
ATOM   668  C CG  . LYS A 1 92  ? 4.514   5.486   20.580  1.00 7.32  ? 92   LYS A CG  1 
ATOM   669  C CD  . LYS A 1 92  ? 4.866   6.019   21.971  1.00 28.17 ? 92   LYS A CD  1 
ATOM   670  C CE  . LYS A 1 92  ? 3.763   6.960   22.452  1.00 43.99 ? 92   LYS A CE  1 
ATOM   671  N NZ  . LYS A 1 92  ? 3.799   8.319   21.875  1.00 25.90 ? 92   LYS A NZ  1 
ATOM   672  N N   . GLY A 1 93  ? 5.483   2.449   16.901  1.00 9.26  ? 93   GLY A N   1 
ATOM   673  C CA  . GLY A 1 93  ? 6.436   1.522   16.349  1.00 6.40  ? 93   GLY A CA  1 
ATOM   674  C C   . GLY A 1 93  ? 6.382   0.102   16.846  1.00 9.49  ? 93   GLY A C   1 
ATOM   675  O O   . GLY A 1 93  ? 7.050   -0.847  16.374  1.00 9.95  ? 93   GLY A O   1 
ATOM   676  N N   . GLU A 1 94  ? 5.600   -0.043  17.883  1.00 9.36  ? 94   GLU A N   1 
ATOM   677  C CA  . GLU A 1 94  ? 5.551   -1.353  18.468  1.00 11.19 ? 94   GLU A CA  1 
ATOM   678  C C   . GLU A 1 94  ? 4.700   -2.269  17.664  1.00 9.49  ? 94   GLU A C   1 
ATOM   679  O O   . GLU A 1 94  ? 3.548   -1.970  17.470  1.00 11.17 ? 94   GLU A O   1 
ATOM   680  C CB  . GLU A 1 94  ? 4.889   -1.220  19.857  1.00 12.77 ? 94   GLU A CB  1 
ATOM   681  C CG  . GLU A 1 94  ? 5.729   -0.508  20.965  1.00 57.23 ? 94   GLU A CG  1 
ATOM   682  C CD  . GLU A 1 94  ? 7.060   -1.122  21.364  1.00 80.00 ? 94   GLU A CD  1 
ATOM   683  O OE1 . GLU A 1 94  ? 6.979   -2.389  21.719  1.00 78.86 ? 94   GLU A OE1 1 
ATOM   684  O OE2 . GLU A 1 94  ? 8.094   -0.464  21.432  1.00 80.00 ? 94   GLU A OE2 1 
ATOM   685  N N   . GLY A 1 95  ? 5.342   -3.333  17.238  1.00 9.97  ? 95   GLY A N   1 
ATOM   686  C CA  . GLY A 1 95  ? 4.753   -4.383  16.451  1.00 13.45 ? 95   GLY A CA  1 
ATOM   687  C C   . GLY A 1 95  ? 5.160   -4.281  14.974  1.00 15.42 ? 95   GLY A C   1 
ATOM   688  O O   . GLY A 1 95  ? 4.673   -5.111  14.136  1.00 17.18 ? 95   GLY A O   1 
ATOM   689  N N   . PHE A 1 96  ? 5.997   -3.264  14.653  1.00 9.40  ? 96   PHE A N   1 
ATOM   690  C CA  . PHE A 1 96  ? 6.411   -3.023  13.252  1.00 10.43 ? 96   PHE A CA  1 
ATOM   691  C C   . PHE A 1 96  ? 7.850   -3.205  13.011  1.00 14.83 ? 96   PHE A C   1 
ATOM   692  O O   . PHE A 1 96  ? 8.641   -2.641  13.776  1.00 16.45 ? 96   PHE A O   1 
ATOM   693  C CB  . PHE A 1 96  ? 6.078   -1.626  12.685  1.00 14.67 ? 96   PHE A CB  1 
ATOM   694  C CG  . PHE A 1 96  ? 4.634   -1.331  12.807  1.00 9.87  ? 96   PHE A CG  1 
ATOM   695  C CD1 . PHE A 1 96  ? 4.075   -0.927  14.015  1.00 8.27  ? 96   PHE A CD1 1 
ATOM   696  C CD2 . PHE A 1 96  ? 3.781   -1.540  11.730  1.00 10.86 ? 96   PHE A CD2 1 
ATOM   697  C CE1 . PHE A 1 96  ? 2.714   -0.697  14.164  1.00 9.71  ? 96   PHE A CE1 1 
ATOM   698  C CE2 . PHE A 1 96  ? 2.422   -1.287  11.839  1.00 7.75  ? 96   PHE A CE2 1 
ATOM   699  C CZ  . PHE A 1 96  ? 1.885   -0.863  13.054  1.00 11.57 ? 96   PHE A CZ  1 
ATOM   700  N N   . THR A 1 97  ? 8.195   -3.978  11.956  1.00 12.89 ? 97   THR A N   1 
ATOM   701  C CA  . THR A 1 97  ? 9.596   -4.139  11.622  1.00 16.42 ? 97   THR A CA  1 
ATOM   702  C C   . THR A 1 97  ? 9.791   -3.634  10.206  1.00 14.22 ? 97   THR A C   1 
ATOM   703  O O   . THR A 1 97  ? 8.970   -3.890  9.396   1.00 13.02 ? 97   THR A O   1 
ATOM   704  C CB  . THR A 1 97  ? 9.961   -5.629  11.811  1.00 18.82 ? 97   THR A CB  1 
ATOM   705  O OG1 . THR A 1 97  ? 9.736   -5.968  13.163  1.00 17.66 ? 97   THR A OG1 1 
ATOM   706  C CG2 . THR A 1 97  ? 11.392  -5.925  11.447  1.00 18.68 ? 97   THR A CG2 1 
ATOM   707  N N   . SER A 1 98  ? 10.863  -2.931  9.910   1.00 14.65 ? 98   SER A N   1 
ATOM   708  C CA  . SER A 1 98  ? 11.188  -2.409  8.592   1.00 12.40 ? 98   SER A CA  1 
ATOM   709  C C   . SER A 1 98  ? 12.338  -3.202  7.912   1.00 11.72 ? 98   SER A C   1 
ATOM   710  O O   . SER A 1 98  ? 13.250  -3.692  8.515   1.00 16.69 ? 98   SER A O   1 
ATOM   711  C CB  . SER A 1 98  ? 11.728  -1.007  8.718   1.00 16.04 ? 98   SER A CB  1 
ATOM   712  O OG  . SER A 1 98  ? 11.481  -0.436  7.472   1.00 28.11 ? 98   SER A OG  1 
ATOM   713  N N   . PHE A 1 99  ? 12.313  -3.413  6.637   1.00 15.87 ? 99   PHE A N   1 
ATOM   714  C CA  . PHE A 1 99  ? 13.394  -4.154  5.939   1.00 13.30 ? 99   PHE A CA  1 
ATOM   715  C C   . PHE A 1 99  ? 13.933  -3.355  4.798   1.00 16.75 ? 99   PHE A C   1 
ATOM   716  O O   . PHE A 1 99  ? 14.539  -3.900  3.901   1.00 18.11 ? 99   PHE A O   1 
ATOM   717  C CB  . PHE A 1 99  ? 12.853  -5.441  5.286   1.00 11.38 ? 99   PHE A CB  1 
ATOM   718  C CG  . PHE A 1 99  ? 12.384  -6.323  6.416   1.00 13.91 ? 99   PHE A CG  1 
ATOM   719  C CD1 . PHE A 1 99  ? 11.096  -6.263  6.921   1.00 20.23 ? 99   PHE A CD1 1 
ATOM   720  C CD2 . PHE A 1 99  ? 13.244  -7.279  6.954   1.00 15.05 ? 99   PHE A CD2 1 
ATOM   721  C CE1 . PHE A 1 99  ? 10.659  -7.060  7.976   1.00 23.73 ? 99   PHE A CE1 1 
ATOM   722  C CE2 . PHE A 1 99  ? 12.834  -8.063  8.029   1.00 20.61 ? 99   PHE A CE2 1 
ATOM   723  C CZ  . PHE A 1 99  ? 11.550  -7.963  8.550   1.00 21.33 ? 99   PHE A CZ  1 
ATOM   724  N N   . VAL A 1 100 ? 13.661  -2.052  4.782   1.00 18.03 ? 100  VAL A N   1 
ATOM   725  C CA  . VAL A 1 100 ? 14.144  -1.250  3.719   1.00 14.81 ? 100  VAL A CA  1 
ATOM   726  C C   . VAL A 1 100 ? 14.431  0.090   4.326   1.00 18.84 ? 100  VAL A C   1 
ATOM   727  O O   . VAL A 1 100 ? 13.895  0.419   5.407   1.00 18.30 ? 100  VAL A O   1 
ATOM   728  C CB  . VAL A 1 100 ? 13.130  -1.042  2.625   1.00 15.96 ? 100  VAL A CB  1 
ATOM   729  C CG1 . VAL A 1 100 ? 13.062  -2.301  1.790   1.00 14.13 ? 100  VAL A CG1 1 
ATOM   730  C CG2 . VAL A 1 100 ? 11.801  -0.464  3.123   1.00 11.77 ? 100  VAL A CG2 1 
ATOM   731  N N   . SER A 1 101 ? 15.251  0.843   3.590   1.00 18.65 ? 101  SER A N   1 
ATOM   732  C CA  . SER A 1 101 ? 15.697  2.174   3.972   1.00 20.03 ? 101  SER A CA  1 
ATOM   733  C C   . SER A 1 101 ? 15.362  3.125   2.876   1.00 16.72 ? 101  SER A C   1 
ATOM   734  O O   . SER A 1 101 ? 15.233  2.669   1.754   1.00 19.78 ? 101  SER A O   1 
ATOM   735  C CB  . SER A 1 101 ? 17.217  2.183   3.949   1.00 24.22 ? 101  SER A CB  1 
ATOM   736  O OG  . SER A 1 101 ? 17.750  1.343   4.954   1.00 43.82 ? 101  SER A OG  1 
ATOM   737  N N   . GLU A 1 102 ? 15.306  4.430   3.169   1.00 9.93  ? 102  GLU A N   1 
ATOM   738  C CA  . GLU A 1 102 ? 15.043  5.421   2.130   1.00 9.53  ? 102  GLU A CA  1 
ATOM   739  C C   . GLU A 1 102 ? 16.111  5.411   1.036   1.00 10.09 ? 102  GLU A C   1 
ATOM   740  O O   . GLU A 1 102 ? 17.264  5.303   1.330   1.00 15.79 ? 102  GLU A O   1 
ATOM   741  C CB  . GLU A 1 102 ? 15.005  6.837   2.766   1.00 11.96 ? 102  GLU A CB  1 
ATOM   742  C CG  . GLU A 1 102 ? 13.985  6.758   3.888   1.00 15.66 ? 102  GLU A CG  1 
ATOM   743  C CD  . GLU A 1 102 ? 13.717  8.101   4.472   1.00 34.05 ? 102  GLU A CD  1 
ATOM   744  O OE1 . GLU A 1 102 ? 14.276  9.110   4.076   1.00 20.66 ? 102  GLU A OE1 1 
ATOM   745  O OE2 . GLU A 1 102 ? 12.663  8.078   5.255   1.00 20.27 ? 102  GLU A OE2 1 
ATOM   746  N N   . GLY A 1 103 ? 15.712  5.562   -0.188  1.00 14.28 ? 103  GLY A N   1 
ATOM   747  C CA  . GLY A 1 103 ? 16.602  5.516   -1.291  1.00 14.84 ? 103  GLY A CA  1 
ATOM   748  C C   . GLY A 1 103 ? 16.784  4.052   -1.743  1.00 20.28 ? 103  GLY A C   1 
ATOM   749  O O   . GLY A 1 103 ? 17.341  3.841   -2.803  1.00 18.80 ? 103  GLY A O   1 
ATOM   750  N N   . ASP A 1 104 ? 16.334  2.999   -0.993  1.00 19.63 ? 104  ASP A N   1 
ATOM   751  C CA  . ASP A 1 104 ? 16.522  1.642   -1.578  1.00 15.85 ? 104  ASP A CA  1 
ATOM   752  C C   . ASP A 1 104 ? 15.748  1.474   -2.856  1.00 15.64 ? 104  ASP A C   1 
ATOM   753  O O   . ASP A 1 104 ? 14.649  2.005   -3.028  1.00 17.90 ? 104  ASP A O   1 
ATOM   754  C CB  . ASP A 1 104 ? 16.107  0.473   -0.655  1.00 12.09 ? 104  ASP A CB  1 
ATOM   755  C CG  . ASP A 1 104 ? 17.160  0.319   0.377   1.00 34.80 ? 104  ASP A CG  1 
ATOM   756  O OD1 . ASP A 1 104 ? 18.155  0.975   0.275   1.00 26.45 ? 104  ASP A OD1 1 
ATOM   757  O OD2 . ASP A 1 104 ? 16.882  -0.461  1.415   1.00 30.71 ? 104  ASP A OD2 1 
ATOM   758  N N   . ARG A 1 105 ? 16.288  0.674   -3.756  1.00 16.08 ? 105  ARG A N   1 
ATOM   759  C CA  . ARG A 1 105 ? 15.612  0.344   -4.989  1.00 16.13 ? 105  ARG A CA  1 
ATOM   760  C C   . ARG A 1 105 ? 14.889  -0.974  -4.684  1.00 18.42 ? 105  ARG A C   1 
ATOM   761  O O   . ARG A 1 105 ? 15.473  -1.816  -4.056  1.00 17.10 ? 105  ARG A O   1 
ATOM   762  C CB  . ARG A 1 105 ? 16.727  0.098   -5.979  1.00 17.65 ? 105  ARG A CB  1 
ATOM   763  C CG  . ARG A 1 105 ? 16.717  0.970   -7.197  1.00 48.95 ? 105  ARG A CG  1 
ATOM   764  C CD  . ARG A 1 105 ? 15.984  0.356   -8.379  1.00 54.86 ? 105  ARG A CD  1 
ATOM   765  N NE  . ARG A 1 105 ? 15.632  1.523   -9.143  1.00 52.59 ? 105  ARG A NE  1 
ATOM   766  C CZ  . ARG A 1 105 ? 14.646  1.759   -9.959  1.00 49.86 ? 105  ARG A CZ  1 
ATOM   767  N NH1 . ARG A 1 105 ? 13.750  0.861   -10.336 1.00 48.15 ? 105  ARG A NH1 1 
ATOM   768  N NH2 . ARG A 1 105 ? 14.620  2.996   -10.437 1.00 52.20 ? 105  ARG A NH2 1 
ATOM   769  N N   . VAL A 1 106 ? 13.631  -1.172  -5.089  1.00 21.38 ? 106  VAL A N   1 
ATOM   770  C CA  . VAL A 1 106 ? 12.878  -2.391  -4.771  1.00 18.02 ? 106  VAL A CA  1 
ATOM   771  C C   . VAL A 1 106 ? 12.311  -3.033  -6.026  1.00 12.49 ? 106  VAL A C   1 
ATOM   772  O O   . VAL A 1 106 ? 12.048  -2.381  -7.064  1.00 9.54  ? 106  VAL A O   1 
ATOM   773  C CB  . VAL A 1 106 ? 11.742  -2.046  -3.738  1.00 17.17 ? 106  VAL A CB  1 
ATOM   774  C CG1 . VAL A 1 106 ? 12.357  -1.645  -2.444  1.00 9.87  ? 106  VAL A CG1 1 
ATOM   775  C CG2 . VAL A 1 106 ? 10.909  -0.840  -4.151  1.00 11.95 ? 106  VAL A CG2 1 
ATOM   776  N N   . GLU A 1 107 ? 12.093  -4.329  -5.953  1.00 13.32 ? 107  GLU A N   1 
ATOM   777  C CA  . GLU A 1 107 ? 11.498  -5.102  -7.080  1.00 17.18 ? 107  GLU A CA  1 
ATOM   778  C C   . GLU A 1 107 ? 10.135  -5.620  -6.612  1.00 18.05 ? 107  GLU A C   1 
ATOM   779  O O   . GLU A 1 107 ? 9.916   -5.653  -5.385  1.00 17.62 ? 107  GLU A O   1 
ATOM   780  C CB  . GLU A 1 107 ? 12.395  -6.322  -7.437  1.00 16.37 ? 107  GLU A CB  1 
ATOM   781  C CG  . GLU A 1 107 ? 13.803  -5.912  -7.819  1.00 31.78 ? 107  GLU A CG  1 
ATOM   782  C CD  . GLU A 1 107 ? 14.160  -6.518  -9.124  1.00 57.03 ? 107  GLU A CD  1 
ATOM   783  O OE1 . GLU A 1 107 ? 13.109  -6.715  -9.869  1.00 72.00 ? 107  GLU A OE1 1 
ATOM   784  O OE2 . GLU A 1 107 ? 15.297  -6.840  -9.419  1.00 73.48 ? 107  GLU A OE2 1 
ATOM   785  N N   . PRO A 1 108 ? 9.209   -5.920  -7.513  1.00 16.59 ? 108  PRO A N   1 
ATOM   786  C CA  . PRO A 1 108 ? 7.954   -6.411  -6.987  1.00 15.34 ? 108  PRO A CA  1 
ATOM   787  C C   . PRO A 1 108 ? 8.152   -7.650  -6.106  1.00 15.06 ? 108  PRO A C   1 
ATOM   788  O O   . PRO A 1 108 ? 9.025   -8.494  -6.389  1.00 13.92 ? 108  PRO A O   1 
ATOM   789  C CB  . PRO A 1 108 ? 6.981   -6.680  -8.147  1.00 12.40 ? 108  PRO A CB  1 
ATOM   790  C CG  . PRO A 1 108 ? 7.579   -5.918  -9.317  1.00 13.54 ? 108  PRO A CG  1 
ATOM   791  C CD  . PRO A 1 108 ? 9.063   -5.708  -8.986  1.00 14.89 ? 108  PRO A CD  1 
ATOM   792  N N   . GLY A 1 109 ? 7.349   -7.682  -5.011  1.00 11.09 ? 109  GLY A N   1 
ATOM   793  C CA  . GLY A 1 109 ? 7.353   -8.774  -4.049  1.00 11.95 ? 109  GLY A CA  1 
ATOM   794  C C   . GLY A 1 109 ? 8.435   -8.641  -3.039  1.00 12.58 ? 109  GLY A C   1 
ATOM   795  O O   . GLY A 1 109 ? 8.552   -9.439  -2.160  1.00 12.38 ? 109  GLY A O   1 
ATOM   796  N N   . GLN A 1 110 ? 9.302   -7.630  -3.121  1.00 12.52 ? 110  GLN A N   1 
ATOM   797  C CA  . GLN A 1 110 ? 10.331  -7.554  -2.140  1.00 10.37 ? 110  GLN A CA  1 
ATOM   798  C C   . GLN A 1 110 ? 9.691   -7.081  -0.835  1.00 13.05 ? 110  GLN A C   1 
ATOM   799  O O   . GLN A 1 110 ? 8.877   -6.162  -0.846  1.00 12.21 ? 110  GLN A O   1 
ATOM   800  C CB  . GLN A 1 110 ? 11.330  -6.548  -2.626  1.00 12.42 ? 110  GLN A CB  1 
ATOM   801  C CG  . GLN A 1 110 ? 12.423  -6.306  -1.606  1.00 15.20 ? 110  GLN A CG  1 
ATOM   802  C CD  . GLN A 1 110 ? 13.505  -5.513  -2.328  1.00 21.86 ? 110  GLN A CD  1 
ATOM   803  O OE1 . GLN A 1 110 ? 13.468  -5.369  -3.579  1.00 32.00 ? 110  GLN A OE1 1 
ATOM   804  N NE2 . GLN A 1 110 ? 14.449  -5.002  -1.580  1.00 32.67 ? 110  GLN A NE2 1 
ATOM   805  N N   . LYS A 1 111 ? 10.041  -7.735  0.289   1.00 14.13 ? 111  LYS A N   1 
ATOM   806  C CA  . LYS A 1 111 ? 9.466   -7.416  1.590   1.00 13.62 ? 111  LYS A CA  1 
ATOM   807  C C   . LYS A 1 111 ? 9.812   -6.021  2.057   1.00 16.44 ? 111  LYS A C   1 
ATOM   808  O O   . LYS A 1 111 ? 10.997  -5.605  2.046   1.00 19.13 ? 111  LYS A O   1 
ATOM   809  C CB  . LYS A 1 111 ? 9.905   -8.418  2.674   1.00 15.09 ? 111  LYS A CB  1 
ATOM   810  C CG  . LYS A 1 111 ? 9.315   -8.125  4.064   1.00 12.38 ? 111  LYS A CG  1 
ATOM   811  C CD  . LYS A 1 111 ? 9.184   -9.412  4.873   1.00 41.71 ? 111  LYS A CD  1 
ATOM   812  C CE  . LYS A 1 111 ? 10.512  -10.164 4.885   1.00 37.77 ? 111  LYS A CE  1 
ATOM   813  N NZ  . LYS A 1 111 ? 10.722  -11.055 6.046   1.00 37.75 ? 111  LYS A NZ  1 
ATOM   814  N N   . LEU A 1 112 ? 8.802   -5.289  2.483   1.00 9.97  ? 112  LEU A N   1 
ATOM   815  C CA  . LEU A 1 112 ? 9.094   -3.964  2.988   1.00 6.08  ? 112  LEU A CA  1 
ATOM   816  C C   . LEU A 1 112 ? 8.952   -3.925  4.500   1.00 11.11 ? 112  LEU A C   1 
ATOM   817  O O   . LEU A 1 112 ? 9.746   -3.319  5.204   1.00 11.37 ? 112  LEU A O   1 
ATOM   818  C CB  . LEU A 1 112 ? 8.039   -3.007  2.499   1.00 6.63  ? 112  LEU A CB  1 
ATOM   819  C CG  . LEU A 1 112 ? 7.980   -2.977  0.997   1.00 7.90  ? 112  LEU A CG  1 
ATOM   820  C CD1 . LEU A 1 112 ? 6.944   -1.923  0.586   1.00 9.04  ? 112  LEU A CD1 1 
ATOM   821  C CD2 . LEU A 1 112 ? 9.346   -2.673  0.500   1.00 6.05  ? 112  LEU A CD2 1 
ATOM   822  N N   . LEU A 1 113 ? 7.883   -4.517  4.996   1.00 7.36  ? 113  LEU A N   1 
ATOM   823  C CA  . LEU A 1 113 ? 7.614   -4.464  6.434   1.00 8.76  ? 113  LEU A CA  1 
ATOM   824  C C   . LEU A 1 113 ? 6.982   -5.730  6.988   1.00 16.30 ? 113  LEU A C   1 
ATOM   825  O O   . LEU A 1 113 ? 6.307   -6.495  6.313   1.00 11.81 ? 113  LEU A O   1 
ATOM   826  C CB  . LEU A 1 113 ? 6.516   -3.474  6.730   1.00 7.00  ? 113  LEU A CB  1 
ATOM   827  C CG  . LEU A 1 113 ? 6.815   -2.044  6.379   1.00 27.24 ? 113  LEU A CG  1 
ATOM   828  C CD1 . LEU A 1 113 ? 5.471   -1.349  6.323   1.00 20.35 ? 113  LEU A CD1 1 
ATOM   829  C CD2 . LEU A 1 113 ? 7.744   -1.422  7.448   1.00 23.01 ? 113  LEU A CD2 1 
ATOM   830  N N   . GLU A 1 114 ? 7.078   -5.891  8.269   1.00 16.92 ? 114  GLU A N   1 
ATOM   831  C CA  . GLU A 1 114 ? 6.400   -7.011  8.839   1.00 12.56 ? 114  GLU A CA  1 
ATOM   832  C C   . GLU A 1 114 ? 5.732   -6.508  10.098  1.00 11.40 ? 114  GLU A C   1 
ATOM   833  O O   . GLU A 1 114 ? 6.323   -5.671  10.789  1.00 8.57  ? 114  GLU A O   1 
ATOM   834  C CB  . GLU A 1 114 ? 7.343   -8.183  8.889   1.00 13.51 ? 114  GLU A CB  1 
ATOM   835  C CG  . GLU A 1 114 ? 7.000   -9.352  9.812   1.00 46.77 ? 114  GLU A CG  1 
ATOM   836  C CD  . GLU A 1 114 ? 8.255   -10.161 9.923   1.00 34.46 ? 114  GLU A CD  1 
ATOM   837  O OE1 . GLU A 1 114 ? 8.736   -10.745 8.972   1.00 64.77 ? 114  GLU A OE1 1 
ATOM   838  O OE2 . GLU A 1 114 ? 8.913   -9.871  11.020  1.00 66.64 ? 114  GLU A OE2 1 
ATOM   839  N N   . VAL A 1 115 ? 4.424   -6.862  10.260  1.00 9.65  ? 115  VAL A N   1 
ATOM   840  C CA  . VAL A 1 115 ? 3.572   -6.396  11.344  1.00 8.21  ? 115  VAL A CA  1 
ATOM   841  C C   . VAL A 1 115 ? 3.108   -7.567  12.148  1.00 12.57 ? 115  VAL A C   1 
ATOM   842  O O   . VAL A 1 115 ? 2.645   -8.566  11.550  1.00 12.23 ? 115  VAL A O   1 
ATOM   843  C CB  . VAL A 1 115 ? 2.340   -5.672  10.802  1.00 4.00  ? 115  VAL A CB  1 
ATOM   844  C CG1 . VAL A 1 115 ? 1.542   -5.042  11.948  1.00 9.95  ? 115  VAL A CG1 1 
ATOM   845  C CG2 . VAL A 1 115 ? 2.776   -4.600  9.795   1.00 10.97 ? 115  VAL A CG2 1 
ATOM   846  N N   . ASP A 1 116 ? 3.213   -7.413  13.475  1.00 11.59 ? 116  ASP A N   1 
ATOM   847  C CA  . ASP A 1 116 ? 2.724   -8.425  14.397  1.00 11.58 ? 116  ASP A CA  1 
ATOM   848  C C   . ASP A 1 116 ? 1.302   -8.133  14.645  1.00 9.71  ? 116  ASP A C   1 
ATOM   849  O O   . ASP A 1 116 ? 0.955   -7.291  15.435  1.00 11.77 ? 116  ASP A O   1 
ATOM   850  C CB  . ASP A 1 116 ? 3.593   -8.482  15.649  1.00 13.49 ? 116  ASP A CB  1 
ATOM   851  C CG  . ASP A 1 116 ? 3.074   -9.402  16.707  1.00 14.76 ? 116  ASP A CG  1 
ATOM   852  O OD1 . ASP A 1 116 ? 1.970   -9.856  16.673  1.00 21.82 ? 116  ASP A OD1 1 
ATOM   853  O OD2 . ASP A 1 116 ? 3.877   -9.442  17.748  1.00 30.92 ? 116  ASP A OD2 1 
ATOM   854  N N   . LEU A 1 117 ? 0.397   -8.785  13.869  1.00 5.98  ? 117  LEU A N   1 
ATOM   855  C CA  . LEU A 1 117 ? -0.998  -8.449  13.963  1.00 10.65 ? 117  LEU A CA  1 
ATOM   856  C C   . LEU A 1 117 ? -1.628  -8.578  15.288  1.00 9.13  ? 117  LEU A C   1 
ATOM   857  O O   . LEU A 1 117 ? -2.548  -7.870  15.570  1.00 13.88 ? 117  LEU A O   1 
ATOM   858  C CB  . LEU A 1 117 ? -1.933  -9.197  12.929  1.00 18.26 ? 117  LEU A CB  1 
ATOM   859  C CG  . LEU A 1 117 ? -1.530  -8.985  11.467  1.00 20.69 ? 117  LEU A CG  1 
ATOM   860  C CD1 . LEU A 1 117 ? -2.406  -9.915  10.659  1.00 19.28 ? 117  LEU A CD1 1 
ATOM   861  C CD2 . LEU A 1 117 ? -1.771  -7.554  11.038  1.00 13.19 ? 117  LEU A CD2 1 
ATOM   862  N N   . ASP A 1 118 ? -1.231  -9.553  16.068  1.00 16.60 ? 118  ASP A N   1 
ATOM   863  C CA  . ASP A 1 118 ? -1.823  -9.786  17.379  1.00 14.77 ? 118  ASP A CA  1 
ATOM   864  C C   . ASP A 1 118 ? -1.475  -8.697  18.373  1.00 14.38 ? 118  ASP A C   1 
ATOM   865  O O   . ASP A 1 118 ? -2.253  -8.422  19.274  1.00 15.71 ? 118  ASP A O   1 
ATOM   866  C CB  . ASP A 1 118 ? -1.381  -11.172 17.886  1.00 12.99 ? 118  ASP A CB  1 
ATOM   867  C CG  . ASP A 1 118 ? -1.931  -12.288 17.004  1.00 15.07 ? 118  ASP A CG  1 
ATOM   868  O OD1 . ASP A 1 118 ? -3.234  -12.227 16.713  1.00 18.25 ? 118  ASP A OD1 1 
ATOM   869  O OD2 . ASP A 1 118 ? -1.197  -13.179 16.679  1.00 24.83 ? 118  ASP A OD2 1 
ATOM   870  N N   . ALA A 1 119 ? -0.324  -8.056  18.160  1.00 13.75 ? 119  ALA A N   1 
ATOM   871  C CA  . ALA A 1 119 ? 0.110   -6.953  19.018  1.00 14.45 ? 119  ALA A CA  1 
ATOM   872  C C   . ALA A 1 119 ? -0.574  -5.660  18.587  1.00 16.19 ? 119  ALA A C   1 
ATOM   873  O O   . ALA A 1 119 ? -0.761  -4.742  19.350  1.00 16.69 ? 119  ALA A O   1 
ATOM   874  C CB  . ALA A 1 119 ? 1.592   -6.776  18.788  1.00 10.46 ? 119  ALA A CB  1 
ATOM   875  N N   . VAL A 1 120 ? -0.909  -5.582  17.301  1.00 12.62 ? 120  VAL A N   1 
ATOM   876  C CA  . VAL A 1 120 ? -1.480  -4.385  16.721  1.00 10.55 ? 120  VAL A CA  1 
ATOM   877  C C   . VAL A 1 120 ? -2.967  -4.345  16.790  1.00 9.67  ? 120  VAL A C   1 
ATOM   878  O O   . VAL A 1 120 ? -3.492  -3.344  17.181  1.00 11.60 ? 120  VAL A O   1 
ATOM   879  C CB  . VAL A 1 120 ? -0.945  -4.223  15.281  1.00 8.91  ? 120  VAL A CB  1 
ATOM   880  C CG1 . VAL A 1 120 ? -1.690  -3.067  14.591  1.00 10.73 ? 120  VAL A CG1 1 
ATOM   881  C CG2 . VAL A 1 120 ? 0.532   -3.923  15.437  1.00 5.78  ? 120  VAL A CG2 1 
ATOM   882  N N   . LYS A 1 121 ? -3.604  -5.454  16.414  1.00 7.55  ? 121  LYS A N   1 
ATOM   883  C CA  . LYS A 1 121 ? -5.051  -5.587  16.332  1.00 10.71 ? 121  LYS A CA  1 
ATOM   884  C C   . LYS A 1 121 ? -5.766  -5.066  17.537  1.00 19.37 ? 121  LYS A C   1 
ATOM   885  O O   . LYS A 1 121 ? -6.672  -4.271  17.438  1.00 17.94 ? 121  LYS A O   1 
ATOM   886  C CB  . LYS A 1 121 ? -5.504  -7.001  15.969  1.00 17.27 ? 121  LYS A CB  1 
ATOM   887  C CG  . LYS A 1 121 ? -6.999  -7.239  15.673  1.00 23.46 ? 121  LYS A CG  1 
ATOM   888  C CD  . LYS A 1 121 ? -7.086  -8.455  14.734  1.00 46.37 ? 121  LYS A CD  1 
ATOM   889  C CE  . LYS A 1 121 ? -8.438  -9.072  14.317  1.00 58.20 ? 121  LYS A CE  1 
ATOM   890  N NZ  . LYS A 1 121 ? -8.306  -10.485 13.778  1.00 25.51 ? 121  LYS A NZ  1 
ATOM   891  N N   . PRO A 1 122 ? -5.355  -5.451  18.724  1.00 23.36 ? 122  PRO A N   1 
ATOM   892  C CA  . PRO A 1 122 ? -6.134  -4.968  19.829  1.00 22.81 ? 122  PRO A CA  1 
ATOM   893  C C   . PRO A 1 122 ? -6.125  -3.467  20.042  1.00 25.79 ? 122  PRO A C   1 
ATOM   894  O O   . PRO A 1 122 ? -7.083  -2.916  20.567  1.00 28.59 ? 122  PRO A O   1 
ATOM   895  C CB  . PRO A 1 122 ? -5.617  -5.732  21.048  1.00 25.94 ? 122  PRO A CB  1 
ATOM   896  C CG  . PRO A 1 122 ? -4.702  -6.845  20.557  1.00 26.64 ? 122  PRO A CG  1 
ATOM   897  C CD  . PRO A 1 122 ? -4.404  -6.545  19.102  1.00 23.37 ? 122  PRO A CD  1 
ATOM   898  N N   . ASN A 1 123 ? -5.072  -2.778  19.585  1.00 18.77 ? 123  ASN A N   1 
ATOM   899  C CA  . ASN A 1 123 ? -4.907  -1.379  19.801  1.00 17.17 ? 123  ASN A CA  1 
ATOM   900  C C   . ASN A 1 123 ? -5.321  -0.357  18.742  1.00 16.31 ? 123  ASN A C   1 
ATOM   901  O O   . ASN A 1 123 ? -5.119  0.816   18.959  1.00 18.71 ? 123  ASN A O   1 
ATOM   902  C CB  . ASN A 1 123 ? -3.423  -1.178  20.186  1.00 17.77 ? 123  ASN A CB  1 
ATOM   903  C CG  . ASN A 1 123 ? -3.043  -2.176  21.292  1.00 51.77 ? 123  ASN A CG  1 
ATOM   904  O OD1 . ASN A 1 123 ? -3.593  -2.128  22.386  1.00 60.29 ? 123  ASN A OD1 1 
ATOM   905  N ND2 . ASN A 1 123 ? -2.187  -3.151  21.004  1.00 61.12 ? 123  ASN A ND2 1 
ATOM   906  N N   . VAL A 1 124 ? -5.927  -0.734  17.644  1.00 13.58 ? 124  VAL A N   1 
ATOM   907  C CA  . VAL A 1 124 ? -6.210  0.259   16.665  1.00 10.67 ? 124  VAL A CA  1 
ATOM   908  C C   . VAL A 1 124 ? -7.627  0.090   16.395  1.00 10.52 ? 124  VAL A C   1 
ATOM   909  O O   . VAL A 1 124 ? -8.119  -0.977  16.680  1.00 12.55 ? 124  VAL A O   1 
ATOM   910  C CB  . VAL A 1 124 ? -5.382  0.030   15.381  1.00 13.37 ? 124  VAL A CB  1 
ATOM   911  C CG1 . VAL A 1 124 ? -3.903  0.416   15.458  1.00 8.32  ? 124  VAL A CG1 1 
ATOM   912  C CG2 . VAL A 1 124 ? -5.574  -1.359  14.816  1.00 9.09  ? 124  VAL A CG2 1 
ATOM   913  N N   . PRO A 1 125 ? -8.306  1.055   15.775  1.00 11.38 ? 125  PRO A N   1 
ATOM   914  C CA  . PRO A 1 125 ? -9.699  0.797   15.490  1.00 12.80 ? 125  PRO A CA  1 
ATOM   915  C C   . PRO A 1 125 ? -9.931  -0.103  14.279  1.00 14.69 ? 125  PRO A C   1 
ATOM   916  O O   . PRO A 1 125 ? -10.973 -0.703  14.121  1.00 18.84 ? 125  PRO A O   1 
ATOM   917  C CB  . PRO A 1 125 ? -10.362 2.152   15.258  1.00 14.92 ? 125  PRO A CB  1 
ATOM   918  C CG  . PRO A 1 125 ? -9.236  3.093   14.992  1.00 14.60 ? 125  PRO A CG  1 
ATOM   919  C CD  . PRO A 1 125 ? -8.034  2.496   15.726  1.00 8.84  ? 125  PRO A CD  1 
ATOM   920  N N   . SER A 1 126 ? -8.992  -0.210  13.360  1.00 15.09 ? 126  SER A N   1 
ATOM   921  C CA  . SER A 1 126 ? -9.169  -1.028  12.167  1.00 8.60  ? 126  SER A CA  1 
ATOM   922  C C   . SER A 1 126 ? -7.816  -1.308  11.609  1.00 10.18 ? 126  SER A C   1 
ATOM   923  O O   . SER A 1 126 ? -6.941  -0.446  11.626  1.00 5.73  ? 126  SER A O   1 
ATOM   924  C CB  . SER A 1 126 ? -9.920  -0.237  11.087  1.00 9.50  ? 126  SER A CB  1 
ATOM   925  O OG  . SER A 1 126 ? -9.931  -0.981  9.895   1.00 15.21 ? 126  SER A OG  1 
ATOM   926  N N   . LEU A 1 127 ? -7.678  -2.512  11.038  1.00 11.01 ? 127  LEU A N   1 
ATOM   927  C CA  . LEU A 1 127 ? -6.447  -2.859  10.413  1.00 8.72  ? 127  LEU A CA  1 
ATOM   928  C C   . LEU A 1 127 ? -6.451  -2.480  8.917   1.00 7.35  ? 127  LEU A C   1 
ATOM   929  O O   . LEU A 1 127 ? -5.420  -2.603  8.230   1.00 11.18 ? 127  LEU A O   1 
ATOM   930  C CB  . LEU A 1 127 ? -6.061  -4.335  10.578  1.00 9.07  ? 127  LEU A CB  1 
ATOM   931  C CG  . LEU A 1 127 ? -5.569  -4.720  11.972  1.00 19.67 ? 127  LEU A CG  1 
ATOM   932  C CD1 . LEU A 1 127 ? -5.444  -6.201  11.868  1.00 17.13 ? 127  LEU A CD1 1 
ATOM   933  C CD2 . LEU A 1 127 ? -4.162  -4.214  12.191  1.00 15.38 ? 127  LEU A CD2 1 
ATOM   934  N N   . MET A 1 128 ? -7.552  -1.942  8.449   1.00 5.18  ? 128  MET A N   1 
ATOM   935  C CA  . MET A 1 128 ? -7.652  -1.513  7.056   1.00 4.50  ? 128  MET A CA  1 
ATOM   936  C C   . MET A 1 128 ? -6.435  -0.663  6.680   1.00 6.15  ? 128  MET A C   1 
ATOM   937  O O   . MET A 1 128 ? -6.046  0.258   7.332   1.00 8.44  ? 128  MET A O   1 
ATOM   938  C CB  . MET A 1 128 ? -8.960  -0.702  6.948   1.00 5.51  ? 128  MET A CB  1 
ATOM   939  C CG  . MET A 1 128 ? -9.387  -0.396  5.544   1.00 15.34 ? 128  MET A CG  1 
ATOM   940  S SD  . MET A 1 128 ? -10.073 -1.827  4.691   1.00 19.75 ? 128  MET A SD  1 
ATOM   941  C CE  . MET A 1 128 ? -11.777 -1.672  5.150   1.00 15.04 ? 128  MET A CE  1 
ATOM   942  N N   . THR A 1 129 ? -5.830  -1.023  5.577   1.00 9.37  ? 129  THR A N   1 
ATOM   943  C CA  . THR A 1 129 ? -4.672  -0.398  5.143   1.00 8.35  ? 129  THR A CA  1 
ATOM   944  C C   . THR A 1 129 ? -4.865  0.318   3.788   1.00 11.83 ? 129  THR A C   1 
ATOM   945  O O   . THR A 1 129 ? -4.962  -0.366  2.782   1.00 6.67  ? 129  THR A O   1 
ATOM   946  C CB  . THR A 1 129 ? -3.617  -1.492  5.050   1.00 9.95  ? 129  THR A CB  1 
ATOM   947  O OG1 . THR A 1 129 ? -3.376  -1.941  6.361   1.00 15.55 ? 129  THR A OG1 1 
ATOM   948  C CG2 . THR A 1 129 ? -2.265  -1.073  4.452   1.00 9.40  ? 129  THR A CG2 1 
ATOM   949  N N   . PRO A 1 130 ? -4.845  1.656   3.758   1.00 7.61  ? 130  PRO A N   1 
ATOM   950  C CA  . PRO A 1 130 ? -4.925  2.331   2.482   1.00 8.20  ? 130  PRO A CA  1 
ATOM   951  C C   . PRO A 1 130 ? -3.580  2.288   1.737   1.00 5.55  ? 130  PRO A C   1 
ATOM   952  O O   . PRO A 1 130 ? -2.482  2.369   2.323   1.00 5.19  ? 130  PRO A O   1 
ATOM   953  C CB  . PRO A 1 130 ? -5.238  3.813   2.849   1.00 9.31  ? 130  PRO A CB  1 
ATOM   954  C CG  . PRO A 1 130 ? -5.495  3.890   4.332   1.00 7.69  ? 130  PRO A CG  1 
ATOM   955  C CD  . PRO A 1 130 ? -5.031  2.587   4.932   1.00 4.60  ? 130  PRO A CD  1 
ATOM   956  N N   . ILE A 1 131 ? -3.718  2.196   0.422   1.00 8.80  ? 131  ILE A N   1 
ATOM   957  C CA  . ILE A 1 131 ? -2.757  2.305   -0.638  1.00 10.57 ? 131  ILE A CA  1 
ATOM   958  C C   . ILE A 1 131 ? -3.190  3.517   -1.488  1.00 8.08  ? 131  ILE A C   1 
ATOM   959  O O   . ILE A 1 131 ? -4.199  3.505   -2.115  1.00 7.79  ? 131  ILE A O   1 
ATOM   960  C CB  . ILE A 1 131 ? -2.449  1.033   -1.442  1.00 12.33 ? 131  ILE A CB  1 
ATOM   961  C CG1 . ILE A 1 131 ? -1.921  -0.077  -0.516  1.00 9.63  ? 131  ILE A CG1 1 
ATOM   962  C CG2 . ILE A 1 131 ? -1.463  1.352   -2.588  1.00 5.25  ? 131  ILE A CG2 1 
ATOM   963  C CD1 . ILE A 1 131 ? -2.971  -1.128  -0.146  1.00 18.34 ? 131  ILE A CD1 1 
ATOM   964  N N   . VAL A 1 132 ? -2.477  4.655   -1.337  1.00 5.66  ? 132  VAL A N   1 
ATOM   965  C CA  . VAL A 1 132 ? -2.850  5.927   -1.901  1.00 4.16  ? 132  VAL A CA  1 
ATOM   966  C C   . VAL A 1 132 ? -1.830  6.353   -2.958  1.00 5.95  ? 132  VAL A C   1 
ATOM   967  O O   . VAL A 1 132 ? -0.614  6.287   -2.704  1.00 4.70  ? 132  VAL A O   1 
ATOM   968  C CB  . VAL A 1 132 ? -2.898  6.951   -0.789  1.00 9.13  ? 132  VAL A CB  1 
ATOM   969  C CG1 . VAL A 1 132 ? -3.253  8.239   -1.381  1.00 13.85 ? 132  VAL A CG1 1 
ATOM   970  C CG2 . VAL A 1 132 ? -3.964  6.595   0.206   1.00 15.20 ? 132  VAL A CG2 1 
ATOM   971  N N   . PHE A 1 133 ? -2.365  6.755   -4.082  1.00 2.80  ? 133  PHE A N   1 
ATOM   972  C CA  . PHE A 1 133 ? -1.576  7.273   -5.181  1.00 6.71  ? 133  PHE A CA  1 
ATOM   973  C C   . PHE A 1 133 ? -1.579  8.780   -4.977  1.00 8.37  ? 133  PHE A C   1 
ATOM   974  O O   . PHE A 1 133 ? -2.612  9.413   -5.092  1.00 7.34  ? 133  PHE A O   1 
ATOM   975  C CB  . PHE A 1 133 ? -2.260  6.968   -6.486  1.00 9.84  ? 133  PHE A CB  1 
ATOM   976  C CG  . PHE A 1 133 ? -2.120  5.519   -6.702  1.00 13.41 ? 133  PHE A CG  1 
ATOM   977  C CD1 . PHE A 1 133 ? -3.094  4.658   -6.211  1.00 15.75 ? 133  PHE A CD1 1 
ATOM   978  C CD2 . PHE A 1 133 ? -1.074  4.971   -7.433  1.00 17.20 ? 133  PHE A CD2 1 
ATOM   979  C CE1 . PHE A 1 133 ? -2.984  3.284   -6.425  1.00 19.96 ? 133  PHE A CE1 1 
ATOM   980  C CE2 . PHE A 1 133 ? -0.946  3.607   -7.638  1.00 16.76 ? 133  PHE A CE2 1 
ATOM   981  C CZ  . PHE A 1 133 ? -1.915  2.746   -7.112  1.00 15.27 ? 133  PHE A CZ  1 
ATOM   982  N N   . THR A 1 134 ? -0.421  9.298   -4.588  1.00 7.19  ? 134  THR A N   1 
ATOM   983  C CA  . THR A 1 134 ? -0.343  10.692  -4.251  1.00 12.12 ? 134  THR A CA  1 
ATOM   984  C C   . THR A 1 134 ? 0.015   11.685  -5.342  1.00 18.18 ? 134  THR A C   1 
ATOM   985  O O   . THR A 1 134 ? 0.031   12.854  -5.012  1.00 20.81 ? 134  THR A O   1 
ATOM   986  C CB  . THR A 1 134 ? 0.604   10.904  -3.083  1.00 6.57  ? 134  THR A CB  1 
ATOM   987  O OG1 . THR A 1 134 ? 1.839   10.430  -3.562  1.00 10.44 ? 134  THR A OG1 1 
ATOM   988  C CG2 . THR A 1 134 ? 0.148   10.067  -1.865  1.00 4.11  ? 134  THR A CG2 1 
ATOM   989  N N   . ASN A 1 135 ? 0.301   11.313  -6.585  1.00 18.55 ? 135  ASN A N   1 
ATOM   990  C CA  . ASN A 1 135 ? 0.590   12.308  -7.630  1.00 14.97 ? 135  ASN A CA  1 
ATOM   991  C C   . ASN A 1 135 ? -0.124  11.994  -8.921  1.00 17.70 ? 135  ASN A C   1 
ATOM   992  O O   . ASN A 1 135 ? 0.451   12.093  -9.975  1.00 22.65 ? 135  ASN A O   1 
ATOM   993  C CB  . ASN A 1 135 ? 2.061   12.446  -7.905  1.00 10.53 ? 135  ASN A CB  1 
ATOM   994  C CG  . ASN A 1 135 ? 2.615   11.207  -8.492  1.00 31.32 ? 135  ASN A CG  1 
ATOM   995  O OD1 . ASN A 1 135 ? 1.917   10.188  -8.382  1.00 18.82 ? 135  ASN A OD1 1 
ATOM   996  N ND2 . ASN A 1 135 ? 3.847   11.279  -9.061  1.00 16.54 ? 135  ASN A ND2 1 
ATOM   997  N N   . LEU A 1 136 ? -1.384  11.596  -8.855  1.00 21.00 ? 136  LEU A N   1 
ATOM   998  C CA  . LEU A 1 136 ? -2.136  11.247  -10.041 1.00 20.02 ? 136  LEU A CA  1 
ATOM   999  C C   . LEU A 1 136 ? -2.446  12.501  -10.830 1.00 25.39 ? 136  LEU A C   1 
ATOM   1000 O O   . LEU A 1 136 ? -2.597  13.544  -10.243 1.00 24.23 ? 136  LEU A O   1 
ATOM   1001 C CB  . LEU A 1 136 ? -3.478  10.534  -9.712  1.00 17.69 ? 136  LEU A CB  1 
ATOM   1002 C CG  . LEU A 1 136 ? -3.395  9.120   -9.103  1.00 14.04 ? 136  LEU A CG  1 
ATOM   1003 C CD1 . LEU A 1 136 ? -4.789  8.711   -8.627  1.00 17.32 ? 136  LEU A CD1 1 
ATOM   1004 C CD2 . LEU A 1 136 ? -2.621  8.112   -9.959  1.00 17.03 ? 136  LEU A CD2 1 
ATOM   1005 N N   . ALA A 1 137 ? -2.581  12.350  -12.147 1.00 33.80 ? 137  ALA A N   1 
ATOM   1006 C CA  . ALA A 1 137 ? -2.861  13.409  -13.062 1.00 39.37 ? 137  ALA A CA  1 
ATOM   1007 C C   . ALA A 1 137 ? -4.260  13.836  -12.914 1.00 42.92 ? 137  ALA A C   1 
ATOM   1008 O O   . ALA A 1 137 ? -5.095  13.157  -12.327 1.00 40.69 ? 137  ALA A O   1 
ATOM   1009 C CB  . ALA A 1 137 ? -2.653  12.969  -14.501 1.00 42.66 ? 137  ALA A CB  1 
ATOM   1010 N N   . GLU A 1 138 ? -4.459  15.006  -13.456 1.00 48.70 ? 138  GLU A N   1 
ATOM   1011 C CA  . GLU A 1 138 ? -5.750  15.629  -13.490 1.00 50.96 ? 138  GLU A CA  1 
ATOM   1012 C C   . GLU A 1 138 ? -6.652  14.660  -14.246 1.00 50.28 ? 138  GLU A C   1 
ATOM   1013 O O   . GLU A 1 138 ? -6.310  14.256  -15.356 1.00 46.28 ? 138  GLU A O   1 
ATOM   1014 C CB  . GLU A 1 138 ? -5.597  16.951  -14.264 1.00 51.98 ? 138  GLU A CB  1 
ATOM   1015 C CG  . GLU A 1 138 ? -5.961  18.153  -13.388 1.00 77.20 ? 138  GLU A CG  1 
ATOM   1016 C CD  . GLU A 1 138 ? -7.289  18.748  -13.782 1.00 80.00 ? 138  GLU A CD  1 
ATOM   1017 O OE1 . GLU A 1 138 ? -7.533  19.193  -14.909 1.00 80.00 ? 138  GLU A OE1 1 
ATOM   1018 O OE2 . GLU A 1 138 ? -8.160  18.709  -12.798 1.00 80.00 ? 138  GLU A OE2 1 
ATOM   1019 N N   . GLY A 1 139 ? -7.753  14.220  -13.620 1.00 51.23 ? 139  GLY A N   1 
ATOM   1020 C CA  . GLY A 1 139 ? -8.625  13.269  -14.288 1.00 49.74 ? 139  GLY A CA  1 
ATOM   1021 C C   . GLY A 1 139 ? -8.352  11.762  -14.100 1.00 46.68 ? 139  GLY A C   1 
ATOM   1022 O O   . GLY A 1 139 ? -9.232  11.001  -14.462 1.00 50.14 ? 139  GLY A O   1 
ATOM   1023 N N   . GLU A 1 140 ? -7.172  11.295  -13.598 1.00 39.26 ? 140  GLU A N   1 
ATOM   1024 C CA  . GLU A 1 140 ? -6.899  9.870   -13.369 1.00 26.32 ? 140  GLU A CA  1 
ATOM   1025 C C   . GLU A 1 140 ? -7.613  9.383   -12.103 1.00 23.19 ? 140  GLU A C   1 
ATOM   1026 O O   . GLU A 1 140 ? -7.693  10.066  -11.086 1.00 25.15 ? 140  GLU A O   1 
ATOM   1027 C CB  . GLU A 1 140 ? -5.432  9.599   -13.148 1.00 26.05 ? 140  GLU A CB  1 
ATOM   1028 C CG  . GLU A 1 140 ? -4.500  10.105  -14.207 1.00 29.70 ? 140  GLU A CG  1 
ATOM   1029 C CD  . GLU A 1 140 ? -3.105  9.746   -13.814 1.00 14.72 ? 140  GLU A CD  1 
ATOM   1030 O OE1 . GLU A 1 140 ? -2.512  10.209  -12.883 1.00 52.85 ? 140  GLU A OE1 1 
ATOM   1031 O OE2 . GLU A 1 140 ? -2.561  8.957   -14.704 1.00 57.66 ? 140  GLU A OE2 1 
ATOM   1032 N N   . THR A 1 141 ? -8.233  8.243   -12.200 1.00 19.27 ? 141  THR A N   1 
ATOM   1033 C CA  . THR A 1 141 ? -8.976  7.660   -11.108 1.00 20.74 ? 141  THR A CA  1 
ATOM   1034 C C   . THR A 1 141 ? -8.434  6.253   -10.895 1.00 23.43 ? 141  THR A C   1 
ATOM   1035 O O   . THR A 1 141 ? -7.815  5.668   -11.774 1.00 26.73 ? 141  THR A O   1 
ATOM   1036 C CB  . THR A 1 141 ? -10.499 7.511   -11.376 1.00 24.41 ? 141  THR A CB  1 
ATOM   1037 O OG1 . THR A 1 141 ? -10.739 6.648   -12.476 1.00 34.93 ? 141  THR A OG1 1 
ATOM   1038 C CG2 . THR A 1 141 ? -11.210 8.838   -11.636 1.00 32.64 ? 141  THR A CG2 1 
ATOM   1039 N N   . VAL A 1 142 ? -8.649  5.699   -9.704  1.00 26.86 ? 142  VAL A N   1 
ATOM   1040 C CA  . VAL A 1 142 ? -8.220  4.356   -9.397  1.00 24.06 ? 142  VAL A CA  1 
ATOM   1041 C C   . VAL A 1 142 ? -9.429  3.411   -9.476  1.00 21.00 ? 142  VAL A C   1 
ATOM   1042 O O   . VAL A 1 142 ? -10.506 3.661   -8.972  1.00 18.41 ? 142  VAL A O   1 
ATOM   1043 C CB  . VAL A 1 142 ? -7.511  4.244   -8.025  1.00 28.85 ? 142  VAL A CB  1 
ATOM   1044 C CG1 . VAL A 1 142 ? -7.192  2.806   -7.632  1.00 14.77 ? 142  VAL A CG1 1 
ATOM   1045 C CG2 . VAL A 1 142 ? -6.190  4.999   -8.010  1.00 13.41 ? 142  VAL A CG2 1 
ATOM   1046 N N   . SER A 1 143 ? -9.274  2.268   -10.081 1.00 23.93 ? 143  SER A N   1 
ATOM   1047 C CA  . SER A 1 143 ? -10.414 1.353   -10.085 1.00 29.86 ? 143  SER A CA  1 
ATOM   1048 C C   . SER A 1 143 ? -9.996  -0.040  -9.594  1.00 25.94 ? 143  SER A C   1 
ATOM   1049 O O   . SER A 1 143 ? -8.958  -0.532  -10.010 1.00 32.01 ? 143  SER A O   1 
ATOM   1050 C CB  . SER A 1 143 ? -11.046 1.281   -11.478 1.00 30.80 ? 143  SER A CB  1 
ATOM   1051 O OG  . SER A 1 143 ? -12.340 1.832   -11.348 1.00 51.11 ? 143  SER A OG  1 
ATOM   1052 N N   . ILE A 1 144 ? -10.757 -0.712  -8.754  1.00 20.80 ? 144  ILE A N   1 
ATOM   1053 C CA  . ILE A 1 144 ? -10.284 -2.025  -8.294  1.00 18.13 ? 144  ILE A CA  1 
ATOM   1054 C C   . ILE A 1 144 ? -10.685 -3.115  -9.327  1.00 17.57 ? 144  ILE A C   1 
ATOM   1055 O O   . ILE A 1 144 ? -11.812 -3.145  -9.774  1.00 16.16 ? 144  ILE A O   1 
ATOM   1056 C CB  . ILE A 1 144 ? -10.835 -2.227  -6.869  1.00 19.74 ? 144  ILE A CB  1 
ATOM   1057 C CG1 . ILE A 1 144 ? -9.975  -1.542  -5.818  1.00 18.73 ? 144  ILE A CG1 1 
ATOM   1058 C CG2 . ILE A 1 144 ? -10.997 -3.660  -6.446  1.00 23.65 ? 144  ILE A CG2 1 
ATOM   1059 C CD1 . ILE A 1 144 ? -10.631 -0.273  -5.384  1.00 22.95 ? 144  ILE A CD1 1 
ATOM   1060 N N   . LYS A 1 145 ? -9.794  -4.006  -9.737  1.00 15.54 ? 145  LYS A N   1 
ATOM   1061 C CA  . LYS A 1 145 ? -10.192 -5.042  -10.696 1.00 17.79 ? 145  LYS A CA  1 
ATOM   1062 C C   . LYS A 1 145 ? -10.488 -6.372  -9.983  1.00 20.74 ? 145  LYS A C   1 
ATOM   1063 O O   . LYS A 1 145 ? -11.367 -7.140  -10.364 1.00 16.29 ? 145  LYS A O   1 
ATOM   1064 C CB  . LYS A 1 145 ? -9.054  -5.377  -11.598 1.00 17.14 ? 145  LYS A CB  1 
ATOM   1065 C CG  . LYS A 1 145 ? -8.980  -4.572  -12.883 1.00 51.09 ? 145  LYS A CG  1 
ATOM   1066 C CD  . LYS A 1 145 ? -8.339  -5.372  -14.011 1.00 43.48 ? 145  LYS A CD  1 
ATOM   1067 C CE  . LYS A 1 145 ? -7.538  -4.492  -14.953 1.00 44.46 ? 145  LYS A CE  1 
ATOM   1068 N NZ  . LYS A 1 145 ? -6.765  -5.279  -15.941 1.00 80.00 ? 145  LYS A NZ  1 
ATOM   1069 N N   . ALA A 1 146 ? -9.651  -6.665  -8.989  1.00 16.92 ? 146  ALA A N   1 
ATOM   1070 C CA  . ALA A 1 146 ? -9.779  -7.863  -8.213  1.00 13.30 ? 146  ALA A CA  1 
ATOM   1071 C C   . ALA A 1 146 ? -11.008 -7.726  -7.343  1.00 12.19 ? 146  ALA A C   1 
ATOM   1072 O O   . ALA A 1 146 ? -11.498 -6.640  -7.116  1.00 12.53 ? 146  ALA A O   1 
ATOM   1073 C CB  . ALA A 1 146 ? -8.572  -8.005  -7.279  1.00 7.87  ? 146  ALA A CB  1 
ATOM   1074 N N   . SER A 1 147 ? -11.459 -8.828  -6.769  1.00 12.91 ? 147  SER A N   1 
ATOM   1075 C CA  . SER A 1 147 ? -12.627 -8.802  -5.854  1.00 15.78 ? 147  SER A CA  1 
ATOM   1076 C C   . SER A 1 147 ? -12.390 -9.774  -4.703  1.00 15.21 ? 147  SER A C   1 
ATOM   1077 O O   . SER A 1 147 ? -11.724 -10.751 -4.979  1.00 18.28 ? 147  SER A O   1 
ATOM   1078 C CB  . SER A 1 147 ? -13.870 -9.195  -6.657  1.00 19.95 ? 147  SER A CB  1 
ATOM   1079 O OG  . SER A 1 147 ? -14.843 -9.851  -5.852  1.00 27.76 ? 147  SER A OG  1 
ATOM   1080 N N   . GLY A 1 148 ? -12.867 -9.592  -3.438  1.00 9.25  ? 148  GLY A N   1 
ATOM   1081 C CA  . GLY A 1 148 ? -12.657 -10.637 -2.456  1.00 9.78  ? 148  GLY A CA  1 
ATOM   1082 C C   . GLY A 1 148 ? -11.237 -10.720 -1.942  1.00 13.75 ? 148  GLY A C   1 
ATOM   1083 O O   . GLY A 1 148 ? -10.562 -9.690  -1.790  1.00 15.30 ? 148  GLY A O   1 
ATOM   1084 N N   . SER A 1 149 ? -10.738 -11.912 -1.650  1.00 10.62 ? 149  SER A N   1 
ATOM   1085 C CA  . SER A 1 149 ? -9.395  -11.995 -1.136  1.00 16.81 ? 149  SER A CA  1 
ATOM   1086 C C   . SER A 1 149 ? -8.315  -11.846 -2.218  1.00 18.80 ? 149  SER A C   1 
ATOM   1087 O O   . SER A 1 149 ? -8.536  -12.303 -3.360  1.00 20.40 ? 149  SER A O   1 
ATOM   1088 C CB  . SER A 1 149 ? -9.280  -13.236 -0.260  1.00 21.32 ? 149  SER A CB  1 
ATOM   1089 O OG  . SER A 1 149 ? -10.245 -13.031 0.799   1.00 46.75 ? 149  SER A OG  1 
ATOM   1090 N N   . VAL A 1 150 ? -7.152  -11.170 -1.913  1.00 13.22 ? 150  VAL A N   1 
ATOM   1091 C CA  . VAL A 1 150 ? -6.054  -11.032 -2.862  1.00 12.55 ? 150  VAL A CA  1 
ATOM   1092 C C   . VAL A 1 150 ? -4.855  -11.535 -2.122  1.00 9.68  ? 150  VAL A C   1 
ATOM   1093 O O   . VAL A 1 150 ? -4.845  -11.586 -0.914  1.00 10.86 ? 150  VAL A O   1 
ATOM   1094 C CB  . VAL A 1 150 ? -5.806  -9.592  -3.387  1.00 11.78 ? 150  VAL A CB  1 
ATOM   1095 C CG1 . VAL A 1 150 ? -6.907  -9.190  -4.314  1.00 7.92  ? 150  VAL A CG1 1 
ATOM   1096 C CG2 . VAL A 1 150 ? -5.872  -8.618  -2.190  1.00 13.58 ? 150  VAL A CG2 1 
ATOM   1097 N N   . ASN A 1 151 ? -3.849  -11.962 -2.824  1.00 6.32  ? 151  ASN A N   1 
ATOM   1098 C CA  . ASN A 1 151 ? -2.715  -12.392 -2.098  1.00 8.20  ? 151  ASN A CA  1 
ATOM   1099 C C   . ASN A 1 151 ? -1.617  -11.489 -2.457  1.00 4.95  ? 151  ASN A C   1 
ATOM   1100 O O   . ASN A 1 151 ? -1.683  -10.971 -3.565  1.00 10.90 ? 151  ASN A O   1 
ATOM   1101 C CB  . ASN A 1 151 ? -2.287  -13.812 -2.581  1.00 16.92 ? 151  ASN A CB  1 
ATOM   1102 C CG  . ASN A 1 151 ? -3.357  -14.811 -2.171  1.00 32.26 ? 151  ASN A CG  1 
ATOM   1103 O OD1 . ASN A 1 151 ? -3.477  -15.134 -0.983  1.00 53.22 ? 151  ASN A OD1 1 
ATOM   1104 N ND2 . ASN A 1 151 ? -4.258  -15.121 -3.098  1.00 51.18 ? 151  ASN A ND2 1 
ATOM   1105 N N   . ARG A 1 152 ? -0.559  -11.432 -1.627  1.00 4.68  ? 152  ARG A N   1 
ATOM   1106 C CA  . ARG A 1 152 ? 0.619   -10.657 -1.903  1.00 9.21  ? 152  ARG A CA  1 
ATOM   1107 C C   . ARG A 1 152 ? 1.182   -11.107 -3.217  1.00 19.41 ? 152  ARG A C   1 
ATOM   1108 O O   . ARG A 1 152 ? 1.335   -12.344 -3.423  1.00 23.01 ? 152  ARG A O   1 
ATOM   1109 C CB  . ARG A 1 152 ? 1.627   -11.112 -0.913  1.00 5.18  ? 152  ARG A CB  1 
ATOM   1110 C CG  . ARG A 1 152 ? 1.490   -10.263 0.307   1.00 17.16 ? 152  ARG A CG  1 
ATOM   1111 C CD  . ARG A 1 152 ? 2.669   -10.511 1.246   1.00 17.11 ? 152  ARG A CD  1 
ATOM   1112 N NE  . ARG A 1 152 ? 3.101   -11.919 1.448   1.00 21.79 ? 152  ARG A NE  1 
ATOM   1113 C CZ  . ARG A 1 152 ? 2.614   -12.805 2.386   1.00 26.08 ? 152  ARG A CZ  1 
ATOM   1114 N NH1 . ARG A 1 152 ? 1.596   -12.515 3.234   1.00 23.48 ? 152  ARG A NH1 1 
ATOM   1115 N NH2 . ARG A 1 152 ? 3.126   -14.031 2.472   1.00 24.46 ? 152  ARG A NH2 1 
ATOM   1116 N N   . GLU A 1 153 ? 1.526   -10.155 -4.070  1.00 12.27 ? 153  GLU A N   1 
ATOM   1117 C CA  . GLU A 1 153 ? 2.128   -10.472 -5.382  1.00 10.82 ? 153  GLU A CA  1 
ATOM   1118 C C   . GLU A 1 153 ? 1.194   -10.846 -6.471  1.00 10.56 ? 153  GLU A C   1 
ATOM   1119 O O   . GLU A 1 153 ? 1.622   -11.251 -7.530  1.00 19.28 ? 153  GLU A O   1 
ATOM   1120 C CB  . GLU A 1 153 ? 3.203   -11.550 -5.367  1.00 11.71 ? 153  GLU A CB  1 
ATOM   1121 C CG  . GLU A 1 153 ? 4.512   -11.041 -4.774  1.00 53.73 ? 153  GLU A CG  1 
ATOM   1122 C CD  . GLU A 1 153 ? 5.566   -12.095 -4.850  1.00 34.02 ? 153  GLU A CD  1 
ATOM   1123 O OE1 . GLU A 1 153 ? 5.895   -12.519 -6.060  1.00 47.26 ? 153  GLU A OE1 1 
ATOM   1124 O OE2 . GLU A 1 153 ? 6.051   -12.524 -3.851  1.00 47.25 ? 153  GLU A OE2 1 
ATOM   1125 N N   . GLN A 1 154 ? -0.080  -10.685 -6.258  1.00 3.44  ? 154  GLN A N   1 
ATOM   1126 C CA  . GLN A 1 154 ? -1.020  -10.993 -7.308  1.00 10.93 ? 154  GLN A CA  1 
ATOM   1127 C C   . GLN A 1 154 ? -1.097  -9.805  -8.245  1.00 13.51 ? 154  GLN A C   1 
ATOM   1128 O O   . GLN A 1 154 ? -1.373  -8.719  -7.746  1.00 13.20 ? 154  GLN A O   1 
ATOM   1129 C CB  . GLN A 1 154 ? -2.405  -11.227 -6.623  1.00 12.49 ? 154  GLN A CB  1 
ATOM   1130 C CG  . GLN A 1 154 ? -3.633  -11.313 -7.564  1.00 2.07  ? 154  GLN A CG  1 
ATOM   1131 C CD  . GLN A 1 154 ? -4.904  -11.695 -6.837  1.00 16.04 ? 154  GLN A CD  1 
ATOM   1132 O OE1 . GLN A 1 154 ? -4.806  -12.366 -5.788  1.00 17.07 ? 154  GLN A OE1 1 
ATOM   1133 N NE2 . GLN A 1 154 ? -6.083  -11.271 -7.390  1.00 13.81 ? 154  GLN A NE2 1 
ATOM   1134 N N   . GLU A 1 155 ? -0.952  -9.976  -9.591  1.00 12.44 ? 155  GLU A N   1 
ATOM   1135 C CA  . GLU A 1 155 ? -1.085  -8.824  -10.447 1.00 11.92 ? 155  GLU A CA  1 
ATOM   1136 C C   . GLU A 1 155 ? -2.470  -8.512  -10.866 1.00 17.31 ? 155  GLU A C   1 
ATOM   1137 O O   . GLU A 1 155 ? -3.498  -9.187  -10.639 1.00 14.34 ? 155  GLU A O   1 
ATOM   1138 C CB  . GLU A 1 155 ? -0.463  -8.969  -11.862 1.00 14.69 ? 155  GLU A CB  1 
ATOM   1139 C CG  . GLU A 1 155 ? 0.767   -9.872  -11.912 1.00 24.93 ? 155  GLU A CG  1 
ATOM   1140 C CD  . GLU A 1 155 ? 0.615   -10.731 -13.142 1.00 67.42 ? 155  GLU A CD  1 
ATOM   1141 O OE1 . GLU A 1 155 ? 0.560   -10.255 -14.263 1.00 32.68 ? 155  GLU A OE1 1 
ATOM   1142 O OE2 . GLU A 1 155 ? 0.402   -12.005 -12.890 1.00 29.68 ? 155  GLU A OE2 1 
ATOM   1143 N N   . ASP A 1 156 ? -2.457  -7.396  -11.588 1.00 19.01 ? 156  ASP A N   1 
ATOM   1144 C CA  . ASP A 1 156 ? -3.677  -6.925  -12.178 1.00 15.01 ? 156  ASP A CA  1 
ATOM   1145 C C   . ASP A 1 156 ? -4.815  -6.790  -11.199 1.00 20.26 ? 156  ASP A C   1 
ATOM   1146 O O   . ASP A 1 156 ? -5.922  -7.277  -11.473 1.00 25.83 ? 156  ASP A O   1 
ATOM   1147 C CB  . ASP A 1 156 ? -3.919  -7.921  -13.385 1.00 18.49 ? 156  ASP A CB  1 
ATOM   1148 C CG  . ASP A 1 156 ? -4.842  -7.472  -14.447 1.00 23.18 ? 156  ASP A CG  1 
ATOM   1149 O OD1 . ASP A 1 156 ? -4.530  -6.308  -14.944 1.00 31.71 ? 156  ASP A OD1 1 
ATOM   1150 O OD2 . ASP A 1 156 ? -5.806  -8.128  -14.779 1.00 31.20 ? 156  ASP A OD2 1 
ATOM   1151 N N   . ILE A 1 157 ? -4.572  -6.105  -10.041 1.00 13.14 ? 157  ILE A N   1 
ATOM   1152 C CA  . ILE A 1 157 ? -5.643  -5.932  -9.061  1.00 8.48  ? 157  ILE A CA  1 
ATOM   1153 C C   . ILE A 1 157 ? -6.346  -4.570  -9.166  1.00 14.09 ? 157  ILE A C   1 
ATOM   1154 O O   . ILE A 1 157 ? -7.436  -4.326  -8.690  1.00 17.96 ? 157  ILE A O   1 
ATOM   1155 C CB  . ILE A 1 157 ? -5.100  -6.201  -7.647  1.00 14.52 ? 157  ILE A CB  1 
ATOM   1156 C CG1 . ILE A 1 157 ? -3.863  -5.309  -7.357  1.00 20.22 ? 157  ILE A CG1 1 
ATOM   1157 C CG2 . ILE A 1 157 ? -4.522  -7.613  -7.614  1.00 16.13 ? 157  ILE A CG2 1 
ATOM   1158 C CD1 . ILE A 1 157 ? -3.676  -5.068  -5.852  1.00 14.14 ? 157  ILE A CD1 1 
ATOM   1159 N N   . VAL A 1 158 ? -5.728  -3.590  -9.798  1.00 18.70 ? 158  VAL A N   1 
ATOM   1160 C CA  . VAL A 1 158 ? -6.416  -2.307  -9.901  1.00 19.77 ? 158  VAL A CA  1 
ATOM   1161 C C   . VAL A 1 158 ? -6.048  -1.673  -11.222 1.00 19.25 ? 158  VAL A C   1 
ATOM   1162 O O   . VAL A 1 158 ? -5.076  -2.072  -11.877 1.00 19.97 ? 158  VAL A O   1 
ATOM   1163 C CB  . VAL A 1 158 ? -5.949  -1.259  -8.912  1.00 26.23 ? 158  VAL A CB  1 
ATOM   1164 C CG1 . VAL A 1 158 ? -6.307  -1.604  -7.466  1.00 26.62 ? 158  VAL A CG1 1 
ATOM   1165 C CG2 . VAL A 1 158 ? -4.435  -1.046  -8.951  1.00 23.73 ? 158  VAL A CG2 1 
ATOM   1166 N N   . LYS A 1 159 ? -6.746  -0.611  -11.543 1.00 21.85 ? 159  LYS A N   1 
ATOM   1167 C CA  . LYS A 1 159 ? -6.474  0.090   -12.798 1.00 22.65 ? 159  LYS A CA  1 
ATOM   1168 C C   . LYS A 1 159 ? -6.517  1.567   -12.603 1.00 19.23 ? 159  LYS A C   1 
ATOM   1169 O O   . LYS A 1 159 ? -7.451  2.024   -11.937 1.00 17.06 ? 159  LYS A O   1 
ATOM   1170 C CB  . LYS A 1 159 ? -7.708  -0.216  -13.652 1.00 23.53 ? 159  LYS A CB  1 
ATOM   1171 C CG  . LYS A 1 159 ? -7.433  -0.333  -15.136 1.00 46.02 ? 159  LYS A CG  1 
ATOM   1172 C CD  . LYS A 1 159 ? -8.702  -0.411  -15.976 1.00 80.00 ? 159  LYS A CD  1 
ATOM   1173 C CE  . LYS A 1 159 ? -8.478  0.040   -17.423 1.00 79.92 ? 159  LYS A CE  1 
ATOM   1174 N NZ  . LYS A 1 159 ? -9.634  -0.181  -18.318 1.00 80.00 ? 159  LYS A NZ  1 
ATOM   1175 N N   . ILE A 1 160 ? -5.611  2.322   -13.237 1.00 24.45 ? 160  ILE A N   1 
ATOM   1176 C CA  . ILE A 1 160 ? -5.664  3.781   -13.160 1.00 28.06 ? 160  ILE A CA  1 
ATOM   1177 C C   . ILE A 1 160 ? -6.162  4.233   -14.514 1.00 31.28 ? 160  ILE A C   1 
ATOM   1178 O O   . ILE A 1 160 ? -5.449  4.079   -15.473 1.00 33.43 ? 160  ILE A O   1 
ATOM   1179 C CB  . ILE A 1 160 ? -4.351  4.458   -12.771 1.00 30.62 ? 160  ILE A CB  1 
ATOM   1180 C CG1 . ILE A 1 160 ? -3.999  4.091   -11.354 1.00 23.71 ? 160  ILE A CG1 1 
ATOM   1181 C CG2 . ILE A 1 160 ? -4.449  5.977   -12.854 1.00 26.21 ? 160  ILE A CG2 1 
ATOM   1182 C CD1 . ILE A 1 160 ? -2.578  3.612   -11.271 1.00 42.31 ? 160  ILE A CD1 1 
ATOM   1183 N N   . GLU A 1 161 ? -7.405  4.695   -14.565 1.00 34.66 ? 161  GLU A N   1 
ATOM   1184 C CA  . GLU A 1 161 ? -8.120  5.094   -15.782 1.00 42.77 ? 161  GLU A CA  1 
ATOM   1185 C C   . GLU A 1 161 ? -8.548  6.549   -15.723 1.00 44.54 ? 161  GLU A C   1 
ATOM   1186 O O   . GLU A 1 161 ? -8.439  7.198   -14.700 1.00 39.89 ? 161  GLU A O   1 
ATOM   1187 C CB  . GLU A 1 161 ? -9.355  4.200   -16.114 1.00 43.34 ? 161  GLU A CB  1 
ATOM   1188 C CG  . GLU A 1 161 ? -10.265 3.842   -14.898 1.00 63.34 ? 161  GLU A CG  1 
ATOM   1189 C CD  . GLU A 1 161 ? -11.495 2.971   -15.159 1.00 58.90 ? 161  GLU A CD  1 
ATOM   1190 O OE1 . GLU A 1 161 ? -11.270 1.960   -15.966 1.00 73.98 ? 161  GLU A OE1 1 
ATOM   1191 O OE2 . GLU A 1 161 ? -12.573 3.129   -14.583 1.00 74.78 ? 161  GLU A OE2 1 
HETATM 1192 O O   . HOH B 2 .   ? 3.196   2.652   15.173  1.00 7.87  ? 1001 HOH A O   1 
HETATM 1193 O O   . HOH B 2 .   ? 0.324   8.132   10.691  1.00 10.08 ? 1002 HOH A O   1 
HETATM 1194 O O   . HOH B 2 .   ? -12.039 3.811   12.501  1.00 11.07 ? 1003 HOH A O   1 
HETATM 1195 O O   . HOH B 2 .   ? 0.248   -9.762  3.807   1.00 11.53 ? 1004 HOH A O   1 
HETATM 1196 O O   . HOH B 2 .   ? -5.803  10.269  1.568   1.00 13.11 ? 1005 HOH A O   1 
HETATM 1197 O O   . HOH B 2 .   ? -3.382  11.457  13.423  1.00 12.39 ? 1006 HOH A O   1 
HETATM 1198 O O   . HOH B 2 .   ? -3.229  11.700  -6.358  1.00 13.01 ? 1007 HOH A O   1 
HETATM 1199 O O   . HOH B 2 .   ? -5.816  -12.678 10.381  0.50 14.73 ? 1008 HOH A O   1 
HETATM 1200 O O   . HOH B 2 .   ? -11.118 2.930   -4.669  1.00 14.60 ? 1009 HOH A O   1 
HETATM 1201 O O   . HOH B 2 .   ? 6.361   -2.059  -11.431 1.00 15.62 ? 1010 HOH A O   1 
HETATM 1202 O O   . HOH B 2 .   ? -2.589  -11.945 -20.083 1.00 16.32 ? 1011 HOH A O   1 
HETATM 1203 O O   . HOH B 2 .   ? -6.015  10.317  10.066  1.00 15.01 ? 1012 HOH A O   1 
HETATM 1204 O O   . HOH B 2 .   ? 2.381   8.321   19.283  1.00 16.17 ? 1013 HOH A O   1 
HETATM 1205 O O   . HOH B 2 .   ? -2.043  7.197   12.696  1.00 17.49 ? 1014 HOH A O   1 
HETATM 1206 O O   . HOH B 2 .   ? 1.185   -11.394 12.605  1.00 17.13 ? 1015 HOH A O   1 
HETATM 1207 O O   . HOH B 2 .   ? -10.153 -11.297 -8.139  1.00 16.27 ? 1016 HOH A O   1 
HETATM 1208 O O   . HOH B 2 .   ? -6.837  -9.875  -10.060 1.00 16.15 ? 1017 HOH A O   1 
HETATM 1209 O O   . HOH B 2 .   ? 7.613   -0.017  -12.631 1.00 15.23 ? 1018 HOH A O   1 
HETATM 1210 O O   . HOH B 2 .   ? 1.787   -10.588 -16.374 1.00 17.40 ? 1019 HOH A O   1 
HETATM 1211 O O   . HOH B 2 .   ? -8.223  -11.977 -6.246  1.00 18.47 ? 1020 HOH A O   1 
HETATM 1212 O O   . HOH B 2 .   ? -8.987  -12.256 3.983   1.00 17.68 ? 1021 HOH A O   1 
HETATM 1213 O O   . HOH B 2 .   ? -8.926  -9.868  5.460   1.00 18.91 ? 1022 HOH A O   1 
HETATM 1214 O O   . HOH B 2 .   ? -6.949  8.939   0.340   1.00 19.64 ? 1023 HOH A O   1 
HETATM 1215 O O   . HOH B 2 .   ? 4.247   -8.623  -15.652 1.00 20.00 ? 1024 HOH A O   1 
HETATM 1216 O O   . HOH B 2 .   ? 7.003   -7.071  13.437  1.00 21.11 ? 1025 HOH A O   1 
HETATM 1217 O O   . HOH B 2 .   ? -2.326  -4.296  -10.529 1.00 20.21 ? 1026 HOH A O   1 
HETATM 1218 O O   . HOH B 2 .   ? -7.591  -9.094  10.041  1.00 21.12 ? 1027 HOH A O   1 
HETATM 1219 O O   . HOH B 2 .   ? -13.519 1.777   12.535  1.00 21.32 ? 1028 HOH A O   1 
HETATM 1220 O O   . HOH B 2 .   ? -6.195  -10.764 -13.604 1.00 23.63 ? 1029 HOH A O   1 
HETATM 1221 O O   . HOH B 2 .   ? -9.625  -4.601  11.744  1.00 25.55 ? 1030 HOH A O   1 
HETATM 1222 O O   . HOH B 2 .   ? 9.552   -0.420  15.203  1.00 24.50 ? 1031 HOH A O   1 
HETATM 1223 O O   . HOH B 2 .   ? -0.307  -14.879 0.788   1.00 26.59 ? 1032 HOH A O   1 
HETATM 1224 O O   . HOH B 2 .   ? -4.440  9.486   11.533  0.50 25.50 ? 1033 HOH A O   1 
HETATM 1225 O O   . HOH B 2 .   ? 11.599  10.981  3.657   1.00 27.77 ? 1034 HOH A O   1 
HETATM 1226 O O   . HOH B 2 .   ? 1.806   -13.558 -8.970  1.00 27.49 ? 1035 HOH A O   1 
HETATM 1227 O O   . HOH B 2 .   ? 3.747   9.057   -0.809  1.00 27.34 ? 1036 HOH A O   1 
HETATM 1228 O O   . HOH B 2 .   ? 0.406   -7.442  -14.588 1.00 28.41 ? 1037 HOH A O   1 
HETATM 1229 O O   . HOH B 2 .   ? 5.533   -7.820  -17.300 1.00 27.36 ? 1038 HOH A O   1 
HETATM 1230 O O   . HOH B 2 .   ? -11.409 5.152   -6.256  1.00 26.74 ? 1039 HOH A O   1 
HETATM 1231 O O   . HOH B 2 .   ? 12.377  -10.079 -0.039  1.00 28.32 ? 1040 HOH A O   1 
HETATM 1232 O O   . HOH B 2 .   ? -4.553  -11.637 -11.163 1.00 29.53 ? 1041 HOH A O   1 
HETATM 1233 O O   . HOH B 2 .   ? 11.891  5.158   -9.331  1.00 29.63 ? 1042 HOH A O   1 
HETATM 1234 O O   . HOH B 2 .   ? -6.422  -10.962 11.843  1.00 31.09 ? 1043 HOH A O   1 
HETATM 1235 O O   . HOH B 2 .   ? -8.411  -8.350  -15.899 1.00 31.22 ? 1044 HOH A O   1 
HETATM 1236 O O   . HOH B 2 .   ? -4.773  3.770   17.910  1.00 32.06 ? 1045 HOH A O   1 
HETATM 1237 O O   . HOH B 2 .   ? -0.977  -14.214 -20.200 1.00 31.82 ? 1046 HOH A O   1 
HETATM 1238 O O   . HOH B 2 .   ? -12.723 1.194   -6.406  1.00 31.67 ? 1047 HOH A O   1 
HETATM 1239 O O   . HOH B 2 .   ? 0.417   2.102   -16.307 1.00 30.99 ? 1048 HOH A O   1 
HETATM 1240 O O   . HOH B 2 .   ? -0.629  -12.971 -10.266 1.00 31.36 ? 1049 HOH A O   1 
HETATM 1241 O O   . HOH B 2 .   ? 19.803  3.223   0.487   1.00 32.50 ? 1050 HOH A O   1 
HETATM 1242 O O   . HOH B 2 .   ? -12.955 -1.789  9.346   1.00 35.94 ? 1051 HOH A O   1 
HETATM 1243 O O   . HOH B 2 .   ? -6.159  11.897  -6.512  1.00 38.56 ? 1052 HOH A O   1 
HETATM 1244 O O   . HOH B 2 .   ? -0.542  -0.001  -13.350 1.00 37.07 ? 1053 HOH A O   1 
HETATM 1245 O O   . HOH B 2 .   ? -15.148 2.082   -5.822  1.00 44.34 ? 1054 HOH A O   1 
HETATM 1246 O O   . HOH B 2 .   ? -16.884 5.948   -9.556  1.00 37.46 ? 1055 HOH A O   1 
HETATM 1247 O O   . HOH B 2 .   ? 4.050   11.635  -3.101  1.00 36.49 ? 1056 HOH A O   1 
HETATM 1248 O O   . HOH B 2 .   ? -0.332  -5.863  -12.941 1.00 36.46 ? 1057 HOH A O   1 
HETATM 1249 O O   . HOH B 2 .   ? -13.897 -6.873  -2.833  1.00 38.40 ? 1058 HOH A O   1 
HETATM 1250 O O   . HOH B 2 .   ? -12.816 -14.097 -1.923  1.00 35.91 ? 1059 HOH A O   1 
HETATM 1251 O O   . HOH B 2 .   ? 13.910  -6.178  1.653   1.00 37.02 ? 1060 HOH A O   1 
HETATM 1252 O O   . HOH B 2 .   ? 0.793   -12.600 10.309  1.00 38.23 ? 1061 HOH A O   1 
HETATM 1253 O O   . HOH B 2 .   ? 7.942   -4.499  19.224  1.00 38.24 ? 1062 HOH A O   1 
HETATM 1254 O O   . HOH B 2 .   ? -6.892  12.402  -9.802  1.00 37.05 ? 1063 HOH A O   1 
HETATM 1255 O O   . HOH B 2 .   ? -16.879 -3.032  -0.195  1.00 39.13 ? 1064 HOH A O   1 
HETATM 1256 O O   . HOH B 2 .   ? 2.252   10.186  23.340  1.00 36.79 ? 1065 HOH A O   1 
HETATM 1257 O O   . HOH B 2 .   ? 0.434   7.949   -8.248  1.00 40.35 ? 1066 HOH A O   1 
HETATM 1258 O O   . HOH B 2 .   ? 4.310   -11.563 12.404  1.00 40.32 ? 1067 HOH A O   1 
HETATM 1259 O O   . HOH B 2 .   ? -0.296  -14.594 -7.260  1.00 38.93 ? 1068 HOH A O   1 
HETATM 1260 O O   . HOH B 2 .   ? 1.506   9.588   -11.419 1.00 42.10 ? 1069 HOH A O   1 
HETATM 1261 O O   . HOH B 2 .   ? -13.542 -4.203  7.973   1.00 42.55 ? 1070 HOH A O   1 
HETATM 1262 O O   . HOH B 2 .   ? -9.581  -7.680  11.338  1.00 42.37 ? 1071 HOH A O   1 
HETATM 1263 O O   . HOH B 2 .   ? 4.211   1.688   -18.834 1.00 45.41 ? 1072 HOH A O   1 
HETATM 1264 O O   . HOH B 2 .   ? 4.462   -4.787  -23.289 1.00 44.33 ? 1073 HOH A O   1 
HETATM 1265 O O   . HOH B 2 .   ? -3.055  -4.504  -15.296 1.00 45.38 ? 1074 HOH A O   1 
HETATM 1266 O O   . HOH B 2 .   ? -1.351  -3.092  -14.131 1.00 44.90 ? 1075 HOH A O   1 
HETATM 1267 O O   . HOH B 2 .   ? 18.481  3.615   -16.287 1.00 45.24 ? 1076 HOH A O   1 
HETATM 1268 O O   . HOH B 2 .   ? -16.408 -7.415  -6.078  1.00 44.08 ? 1077 HOH A O   1 
HETATM 1269 O O   . HOH B 2 .   ? 15.614  5.364   5.618   1.00 43.74 ? 1078 HOH A O   1 
HETATM 1270 O O   . HOH B 2 .   ? 19.009  5.360   3.854   1.00 47.82 ? 1079 HOH A O   1 
HETATM 1271 O O   . HOH B 2 .   ? 3.025   -14.080 8.949   1.00 45.54 ? 1080 HOH A O   1 
HETATM 1272 O O   . HOH B 2 .   ? 8.658   -4.011  -19.049 1.00 47.74 ? 1081 HOH A O   1 
HETATM 1273 O O   . HOH B 2 .   ? -3.458  0.861   -14.749 1.00 47.30 ? 1082 HOH A O   1 
HETATM 1274 O O   . HOH B 2 .   ? -2.904  -13.723 -10.698 1.00 47.26 ? 1083 HOH A O   1 
HETATM 1275 O O   . HOH B 2 .   ? -14.809 -6.342  6.663   1.00 49.38 ? 1084 HOH A O   1 
HETATM 1276 O O   . HOH B 2 .   ? 2.242   1.714   -11.120 1.00 49.68 ? 1085 HOH A O   1 
HETATM 1277 O O   . HOH B 2 .   ? 3.156   4.023   -15.071 1.00 48.12 ? 1086 HOH A O   1 
HETATM 1278 O O   . HOH B 2 .   ? -15.588 -0.703  -6.682  1.00 48.40 ? 1087 HOH A O   1 
HETATM 1279 O O   . HOH B 2 .   ? -9.295  18.340  -0.080  1.00 54.19 ? 1088 HOH A O   1 
HETATM 1280 O O   . HOH B 2 .   ? 7.380   -7.128  15.923  1.00 54.37 ? 1089 HOH A O   1 
HETATM 1281 O O   . HOH B 2 .   ? -13.106 -16.817 -0.479  1.00 51.74 ? 1090 HOH A O   1 
HETATM 1282 O O   . HOH B 2 .   ? 4.816   -13.188 -0.108  1.00 51.91 ? 1091 HOH A O   1 
HETATM 1283 O O   . HOH B 2 .   ? 16.257  -4.414  -5.622  1.00 53.22 ? 1092 HOH A O   1 
HETATM 1284 O O   . HOH B 2 .   ? 10.338  2.536   15.932  1.00 53.16 ? 1093 HOH A O   1 
HETATM 1285 O O   . HOH B 2 .   ? -13.451 -2.014  12.656  1.00 53.60 ? 1094 HOH A O   1 
HETATM 1286 O O   . HOH B 2 .   ? -4.278  -15.887 6.416   1.00 49.28 ? 1095 HOH A O   1 
HETATM 1287 O O   . HOH B 2 .   ? -8.959  -8.348  -13.630 1.00 53.35 ? 1096 HOH A O   1 
HETATM 1288 O O   . HOH B 2 .   ? 4.153   -3.078  22.633  1.00 55.03 ? 1097 HOH A O   1 
HETATM 1289 O O   . HOH B 2 .   ? 2.525   -12.823 15.795  1.00 59.00 ? 1098 HOH A O   1 
HETATM 1290 O O   . HOH B 2 .   ? -17.051 -11.116 6.077   1.00 57.06 ? 1099 HOH A O   1 
HETATM 1291 O O   . HOH B 2 .   ? -11.256 -13.766 -5.219  1.00 57.67 ? 1100 HOH A O   1 
# 
